data_1QT9
# 
_entry.id   1QT9 
# 
_audit_conform.dict_name       mmcif_pdbx.dic 
_audit_conform.dict_version    5.376 
_audit_conform.dict_location   http://mmcif.pdb.org/dictionaries/ascii/mmcif_pdbx.dic 
# 
loop_
_database_2.database_id 
_database_2.database_code 
_database_2.pdbx_database_accession 
_database_2.pdbx_DOI 
PDB   1QT9         pdb_00001qt9 10.2210/pdb1qt9/pdb 
RCSB  RCSB009273   ?            ?                   
WWPDB D_1000009273 ?            ?                   
# 
_pdbx_database_status.status_code                     REL 
_pdbx_database_status.entry_id                        1QT9 
_pdbx_database_status.recvd_initial_deposition_date   1999-07-01 
_pdbx_database_status.deposit_site                    RCSB 
_pdbx_database_status.process_site                    RCSB 
_pdbx_database_status.status_code_sf                  REL 
_pdbx_database_status.SG_entry                        . 
_pdbx_database_status.pdb_format_compatible           Y 
_pdbx_database_status.status_code_mr                  ? 
_pdbx_database_status.status_code_cs                  ? 
_pdbx_database_status.methods_development_category    ? 
_pdbx_database_status.status_code_nmr_data            ? 
# 
loop_
_audit_author.name 
_audit_author.pdbx_ordinal 
'Morales, R.'        1 
'Chron, M.-H.'       2 
'Hudry-Clergeon, G.' 3 
'Petillot, Y.'       4 
'Norager, S.'        5 
'Medina, M.'         6 
'Frey, M.'           7 
# 
_citation.id                        primary 
_citation.title                     
;Refined X-ray structures of the oxidized, at 1.3 A, and reduced, at 1.17 A, [2Fe-2S] ferredoxin from the cyanobacterium Anabaena PCC7119 show redox-linked conformational changes.
;
_citation.journal_abbrev            Biochemistry 
_citation.journal_volume            38 
_citation.page_first                15764 
_citation.page_last                 15773 
_citation.year                      1999 
_citation.journal_id_ASTM           BICHAW 
_citation.country                   US 
_citation.journal_id_ISSN           0006-2960 
_citation.journal_id_CSD            0033 
_citation.book_publisher            ? 
_citation.pdbx_database_id_PubMed   10625442 
_citation.pdbx_database_id_DOI      10.1021/bi991578s 
# 
loop_
_citation_author.citation_id 
_citation_author.name 
_citation_author.ordinal 
_citation_author.identifier_ORCID 
primary 'Morales, R.'        1 ? 
primary 'Charon, M.H.'       2 ? 
primary 'Hudry-Clergeon, G.' 3 ? 
primary 'Petillot, Y.'       4 ? 
primary 'Norager, S.'        5 ? 
primary 'Medina, M.'         6 ? 
primary 'Frey, M.'           7 ? 
# 
_cell.entry_id           1QT9 
_cell.length_a           37.400 
_cell.length_b           37.400 
_cell.length_c           135.500 
_cell.angle_alpha        90.00 
_cell.angle_beta         90.00 
_cell.angle_gamma        120.00 
_cell.Z_PDB              6 
_cell.pdbx_unique_axis   ? 
# 
_symmetry.entry_id                         1QT9 
_symmetry.space_group_name_H-M             'P 32 2 1' 
_symmetry.pdbx_full_space_group_name_H-M   ? 
_symmetry.cell_setting                     trigonal 
_symmetry.Int_Tables_number                154 
# 
loop_
_entity.id 
_entity.type 
_entity.src_method 
_entity.pdbx_description 
_entity.formula_weight 
_entity.pdbx_number_of_molecules 
_entity.pdbx_ec 
_entity.pdbx_mutation 
_entity.pdbx_fragment 
_entity.details 
1 polymer     nat 'FERREDOXIN I'               10705.624 1   ? ? ? ? 
2 non-polymer syn 'FE2/S2 (INORGANIC) CLUSTER' 175.820   1   ? ? ? ? 
3 water       nat water                        18.015    238 ? ? ? ? 
# 
_entity_poly.entity_id                      1 
_entity_poly.type                           'polypeptide(L)' 
_entity_poly.nstd_linkage                   no 
_entity_poly.nstd_monomer                   no 
_entity_poly.pdbx_seq_one_letter_code       
;ATFKVTLINEAEGTKHEIEVPDDEYILDAAEEQGYDLPFSCRAGACSTCAGKLVSGTVDQSDQSFLDDDQIEAGYVLTCV
AYPTSDVVIQTHKEEDLY
;
_entity_poly.pdbx_seq_one_letter_code_can   
;ATFKVTLINEAEGTKHEIEVPDDEYILDAAEEQGYDLPFSCRAGACSTCAGKLVSGTVDQSDQSFLDDDQIEAGYVLTCV
AYPTSDVVIQTHKEEDLY
;
_entity_poly.pdbx_strand_id                 A 
_entity_poly.pdbx_target_identifier         ? 
# 
loop_
_entity_poly_seq.entity_id 
_entity_poly_seq.num 
_entity_poly_seq.mon_id 
_entity_poly_seq.hetero 
1 1  ALA n 
1 2  THR n 
1 3  PHE n 
1 4  LYS n 
1 5  VAL n 
1 6  THR n 
1 7  LEU n 
1 8  ILE n 
1 9  ASN n 
1 10 GLU n 
1 11 ALA n 
1 12 GLU n 
1 13 GLY n 
1 14 THR n 
1 15 LYS n 
1 16 HIS n 
1 17 GLU n 
1 18 ILE n 
1 19 GLU n 
1 20 VAL n 
1 21 PRO n 
1 22 ASP n 
1 23 ASP n 
1 24 GLU n 
1 25 TYR n 
1 26 ILE n 
1 27 LEU n 
1 28 ASP n 
1 29 ALA n 
1 30 ALA n 
1 31 GLU n 
1 32 GLU n 
1 33 GLN n 
1 34 GLY n 
1 35 TYR n 
1 36 ASP n 
1 37 LEU n 
1 38 PRO n 
1 39 PHE n 
1 40 SER n 
1 41 CYS n 
1 42 ARG n 
1 43 ALA n 
1 44 GLY n 
1 45 ALA n 
1 46 CYS n 
1 47 SER n 
1 48 THR n 
1 49 CYS n 
1 50 ALA n 
1 51 GLY n 
1 52 LYS n 
1 53 LEU n 
1 54 VAL n 
1 55 SER n 
1 56 GLY n 
1 57 THR n 
1 58 VAL n 
1 59 ASP n 
1 60 GLN n 
1 61 SER n 
1 62 ASP n 
1 63 GLN n 
1 64 SER n 
1 65 PHE n 
1 66 LEU n 
1 67 ASP n 
1 68 ASP n 
1 69 ASP n 
1 70 GLN n 
1 71 ILE n 
1 72 GLU n 
1 73 ALA n 
1 74 GLY n 
1 75 TYR n 
1 76 VAL n 
1 77 LEU n 
1 78 THR n 
1 79 CYS n 
1 80 VAL n 
1 81 ALA n 
1 82 TYR n 
1 83 PRO n 
1 84 THR n 
1 85 SER n 
1 86 ASP n 
1 87 VAL n 
1 88 VAL n 
1 89 ILE n 
1 90 GLN n 
1 91 THR n 
1 92 HIS n 
1 93 LYS n 
1 94 GLU n 
1 95 GLU n 
1 96 ASP n 
1 97 LEU n 
1 98 TYR n 
# 
_entity_src_nat.entity_id                  1 
_entity_src_nat.pdbx_src_id                1 
_entity_src_nat.pdbx_alt_source_flag       sample 
_entity_src_nat.pdbx_beg_seq_num           ? 
_entity_src_nat.pdbx_end_seq_num           ? 
_entity_src_nat.common_name                ? 
_entity_src_nat.pdbx_organism_scientific   'Nostoc sp.' 
_entity_src_nat.pdbx_ncbi_taxonomy_id      1168 
_entity_src_nat.genus                      Nostoc 
_entity_src_nat.species                    ? 
_entity_src_nat.strain                     'PCC 7119' 
_entity_src_nat.tissue                     ? 
_entity_src_nat.tissue_fraction            ? 
_entity_src_nat.pdbx_secretion             ? 
_entity_src_nat.pdbx_fragment              ? 
_entity_src_nat.pdbx_variant               ? 
_entity_src_nat.pdbx_cell_line             ? 
_entity_src_nat.pdbx_atcc                  ? 
_entity_src_nat.pdbx_cellular_location     ? 
_entity_src_nat.pdbx_organ                 ? 
_entity_src_nat.pdbx_organelle             ? 
_entity_src_nat.pdbx_cell                  ? 
_entity_src_nat.pdbx_plasmid_name          ? 
_entity_src_nat.pdbx_plasmid_details       ? 
_entity_src_nat.details                    ? 
# 
_struct_ref.id                         1 
_struct_ref.db_name                    UNP 
_struct_ref.db_code                    FER1_ANASO 
_struct_ref.entity_id                  1 
_struct_ref.pdbx_db_accession          P0A3C8 
_struct_ref.pdbx_align_begin           ? 
_struct_ref.pdbx_seq_one_letter_code   ? 
_struct_ref.pdbx_db_isoform            ? 
# 
_struct_ref_seq.align_id                      1 
_struct_ref_seq.ref_id                        1 
_struct_ref_seq.pdbx_PDB_id_code              1QT9 
_struct_ref_seq.pdbx_strand_id                A 
_struct_ref_seq.seq_align_beg                 1 
_struct_ref_seq.pdbx_seq_align_beg_ins_code   ? 
_struct_ref_seq.seq_align_end                 98 
_struct_ref_seq.pdbx_seq_align_end_ins_code   ? 
_struct_ref_seq.pdbx_db_accession             P0A3C8 
_struct_ref_seq.db_align_beg                  2 
_struct_ref_seq.pdbx_db_align_beg_ins_code    ? 
_struct_ref_seq.db_align_end                  99 
_struct_ref_seq.pdbx_db_align_end_ins_code    ? 
_struct_ref_seq.pdbx_auth_seq_align_beg       1 
_struct_ref_seq.pdbx_auth_seq_align_end       98 
# 
loop_
_chem_comp.id 
_chem_comp.type 
_chem_comp.mon_nstd_flag 
_chem_comp.name 
_chem_comp.pdbx_synonyms 
_chem_comp.formula 
_chem_comp.formula_weight 
ALA 'L-peptide linking' y ALANINE                      ? 'C3 H7 N O2'     89.093  
ARG 'L-peptide linking' y ARGININE                     ? 'C6 H15 N4 O2 1' 175.209 
ASN 'L-peptide linking' y ASPARAGINE                   ? 'C4 H8 N2 O3'    132.118 
ASP 'L-peptide linking' y 'ASPARTIC ACID'              ? 'C4 H7 N O4'     133.103 
CYS 'L-peptide linking' y CYSTEINE                     ? 'C3 H7 N O2 S'   121.158 
FES non-polymer         . 'FE2/S2 (INORGANIC) CLUSTER' ? 'Fe2 S2'         175.820 
GLN 'L-peptide linking' y GLUTAMINE                    ? 'C5 H10 N2 O3'   146.144 
GLU 'L-peptide linking' y 'GLUTAMIC ACID'              ? 'C5 H9 N O4'     147.129 
GLY 'peptide linking'   y GLYCINE                      ? 'C2 H5 N O2'     75.067  
HIS 'L-peptide linking' y HISTIDINE                    ? 'C6 H10 N3 O2 1' 156.162 
HOH non-polymer         . WATER                        ? 'H2 O'           18.015  
ILE 'L-peptide linking' y ISOLEUCINE                   ? 'C6 H13 N O2'    131.173 
LEU 'L-peptide linking' y LEUCINE                      ? 'C6 H13 N O2'    131.173 
LYS 'L-peptide linking' y LYSINE                       ? 'C6 H15 N2 O2 1' 147.195 
PHE 'L-peptide linking' y PHENYLALANINE                ? 'C9 H11 N O2'    165.189 
PRO 'L-peptide linking' y PROLINE                      ? 'C5 H9 N O2'     115.130 
SER 'L-peptide linking' y SERINE                       ? 'C3 H7 N O3'     105.093 
THR 'L-peptide linking' y THREONINE                    ? 'C4 H9 N O3'     119.119 
TYR 'L-peptide linking' y TYROSINE                     ? 'C9 H11 N O3'    181.189 
VAL 'L-peptide linking' y VALINE                       ? 'C5 H11 N O2'    117.146 
# 
_exptl.entry_id          1QT9 
_exptl.method            'X-RAY DIFFRACTION' 
_exptl.crystals_number   1 
# 
_exptl_crystal.id                    1 
_exptl_crystal.density_meas          ? 
_exptl_crystal.density_Matthews      1 
_exptl_crystal.density_percent_sol   51.85 
_exptl_crystal.description           ? 
# 
_exptl_crystal_grow.crystal_id      1 
_exptl_crystal_grow.method          'VAPOR DIFFUSION, HANGING DROP' 
_exptl_crystal_grow.temp            277.0 
_exptl_crystal_grow.temp_details    ? 
_exptl_crystal_grow.pH              5.5 
_exptl_crystal_grow.pdbx_details    
'50 MM SODIUM SUCCINATE PH 5.5, 2.6 M AMMONIUM SULFATE, 1% MPD AT 4 C, VAPOR DIFFUSION, HANGING DROP, temperature 277.0K' 
_exptl_crystal_grow.pdbx_pH_range   . 
# 
_diffrn.id                     1 
_diffrn.ambient_temp           100. 
_diffrn.ambient_temp_details   ? 
_diffrn.crystal_id             1 
# 
_diffrn_detector.diffrn_id              1 
_diffrn_detector.detector               CCD 
_diffrn_detector.type                   'PRINCETON 2K' 
_diffrn_detector.pdbx_collection_date   1997-04-15 
_diffrn_detector.details                ? 
# 
_diffrn_radiation.diffrn_id                        1 
_diffrn_radiation.wavelength_id                    1 
_diffrn_radiation.pdbx_monochromatic_or_laue_m_l   M 
_diffrn_radiation.monochromator                    ? 
_diffrn_radiation.pdbx_diffrn_protocol             'SINGLE WAVELENGTH' 
_diffrn_radiation.pdbx_scattering_type             x-ray 
# 
_diffrn_radiation_wavelength.id           1 
_diffrn_radiation_wavelength.wavelength   0.98 
_diffrn_radiation_wavelength.wt           1.0 
# 
_diffrn_source.diffrn_id                   1 
_diffrn_source.source                      SYNCHROTRON 
_diffrn_source.type                        'ESRF BEAMLINE BM02' 
_diffrn_source.pdbx_synchrotron_site       ESRF 
_diffrn_source.pdbx_synchrotron_beamline   BM02 
_diffrn_source.pdbx_wavelength             0.98 
_diffrn_source.pdbx_wavelength_list        ? 
# 
_reflns.entry_id                     1QT9 
_reflns.observed_criterion_sigma_I   0 
_reflns.observed_criterion_sigma_F   0 
_reflns.d_resolution_low             30. 
_reflns.d_resolution_high            1.3 
_reflns.number_obs                   27431 
_reflns.number_all                   160586 
_reflns.percent_possible_obs         96.5 
_reflns.pdbx_Rmerge_I_obs            0.0610000 
_reflns.pdbx_Rsym_value              ? 
_reflns.pdbx_netI_over_sigmaI        5.8 
_reflns.B_iso_Wilson_estimate        11.7 
_reflns.pdbx_redundancy              6.5 
_reflns.R_free_details               ? 
_reflns.limit_h_max                  ? 
_reflns.limit_h_min                  ? 
_reflns.limit_k_max                  ? 
_reflns.limit_k_min                  ? 
_reflns.limit_l_max                  ? 
_reflns.limit_l_min                  ? 
_reflns.observed_criterion_F_max     ? 
_reflns.observed_criterion_F_min     ? 
_reflns.pdbx_ordinal                 1 
_reflns.pdbx_diffrn_id               1 
# 
_reflns_shell.d_res_high             1.28 
_reflns_shell.d_res_low              1.34 
_reflns_shell.percent_possible_all   81.5 
_reflns_shell.Rmerge_I_obs           0.2260000 
_reflns_shell.pdbx_Rsym_value        ? 
_reflns_shell.meanI_over_sigI_obs    3.0 
_reflns_shell.pdbx_redundancy        3.3 
_reflns_shell.percent_possible_obs   ? 
_reflns_shell.number_unique_all      ? 
_reflns_shell.pdbx_ordinal           1 
_reflns_shell.pdbx_diffrn_id         1 
# 
_refine.entry_id                                 1QT9 
_refine.ls_number_reflns_obs                     23598 
_refine.ls_number_reflns_all                     26254 
_refine.pdbx_ls_sigma_I                          0.0 
_refine.pdbx_ls_sigma_F                          0.0 
_refine.pdbx_data_cutoff_high_absF               ? 
_refine.pdbx_data_cutoff_low_absF                ? 
_refine.pdbx_data_cutoff_high_rms_absF           ? 
_refine.ls_d_res_low                             15.00 
_refine.ls_d_res_high                            1.30 
_refine.ls_percent_reflns_obs                    84.2 
_refine.ls_R_factor_obs                          0.1597000 
_refine.ls_R_factor_all                          0.1597000 
_refine.ls_R_factor_R_work                       0.1377000 
_refine.ls_R_factor_R_free                       0.1914000 
_refine.ls_R_factor_R_free_error                 ? 
_refine.ls_R_factor_R_free_error_details         ? 
_refine.ls_percent_reflns_R_free                 10. 
_refine.ls_number_reflns_R_free                  2656 
_refine.ls_number_parameters                     809 
_refine.ls_number_restraints                     959 
_refine.occupancy_min                            ? 
_refine.occupancy_max                            ? 
_refine.B_iso_mean                               ? 
_refine.aniso_B[1][1]                            ? 
_refine.aniso_B[2][2]                            ? 
_refine.aniso_B[3][3]                            ? 
_refine.aniso_B[1][2]                            ? 
_refine.aniso_B[1][3]                            ? 
_refine.aniso_B[2][3]                            ? 
_refine.solvent_model_details                    ? 
_refine.solvent_model_param_ksol                 ? 
_refine.solvent_model_param_bsol                 ? 
_refine.pdbx_ls_cross_valid_method               'FREE R' 
_refine.details                                  
;ANISOTROPIC SCALING APPLIED BY THE METHOD OF PARKIN, MOEZZI & HOPE, 
J.APPL.CRYST.28(1995)53-56 ANISOTROPIC REFINEMENT REDUCED FREE R (NO CUTOFF) 
BY 2.5 %
;
_refine.pdbx_starting_model                      'PDB ENTRY 1FXA' 
_refine.pdbx_method_to_determine_struct          'MOLECULAR REPLACEMENT' 
_refine.pdbx_isotropic_thermal_model             ? 
_refine.pdbx_stereochemistry_target_values       'ENGH & HUBER' 
_refine.pdbx_stereochem_target_val_spec_case     '[2FE-2S] CLUSTERS NOT RESTRAINED' 
_refine.pdbx_R_Free_selection_details            RANDOM 
_refine.pdbx_overall_ESU_R                       ? 
_refine.pdbx_overall_ESU_R_Free                  ? 
_refine.overall_SU_ML                            ? 
_refine.overall_SU_B                             ? 
_refine.ls_redundancy_reflns_obs                 ? 
_refine.B_iso_min                                ? 
_refine.B_iso_max                                ? 
_refine.pdbx_refine_id                           'X-RAY DIFFRACTION' 
_refine.pdbx_diffrn_id                           1 
_refine.pdbx_TLS_residual_ADP_flag               ? 
_refine.correlation_coeff_Fo_to_Fc               ? 
_refine.correlation_coeff_Fo_to_Fc_free          ? 
_refine.pdbx_solvent_vdw_probe_radii             ? 
_refine.pdbx_solvent_ion_probe_radii             ? 
_refine.pdbx_solvent_shrinkage_radii             ? 
_refine.pdbx_overall_phase_error                 ? 
_refine.overall_SU_R_Cruickshank_DPI             ? 
_refine.pdbx_overall_SU_R_free_Cruickshank_DPI   ? 
_refine.pdbx_overall_SU_R_Blow_DPI               ? 
_refine.pdbx_overall_SU_R_free_Blow_DPI          ? 
# 
_refine_analyze.entry_id                        1QT9 
_refine_analyze.Luzzati_coordinate_error_obs    ? 
_refine_analyze.Luzzati_sigma_a_obs             ? 
_refine_analyze.Luzzati_d_res_low_obs           ? 
_refine_analyze.Luzzati_coordinate_error_free   ? 
_refine_analyze.Luzzati_sigma_a_free            ? 
_refine_analyze.Luzzati_d_res_low_free          ? 
_refine_analyze.number_disordered_residues      ? 
_refine_analyze.occupancy_sum_hydrogen          686. 
_refine_analyze.occupancy_sum_non_hydrogen      968. 
_refine_analyze.pdbx_Luzzati_d_res_high_obs     ? 
_refine_analyze.pdbx_refine_id                  'X-RAY DIFFRACTION' 
# 
_refine_hist.pdbx_refine_id                   'X-RAY DIFFRACTION' 
_refine_hist.cycle_id                         LAST 
_refine_hist.pdbx_number_atoms_protein        750 
_refine_hist.pdbx_number_atoms_nucleic_acid   0 
_refine_hist.pdbx_number_atoms_ligand         4 
_refine_hist.number_atoms_solvent             238 
_refine_hist.number_atoms_total               992 
_refine_hist.d_res_high                       1.30 
_refine_hist.d_res_low                        15.00 
# 
loop_
_refine_ls_restr.type 
_refine_ls_restr.dev_ideal 
_refine_ls_restr.dev_ideal_target 
_refine_ls_restr.weight 
_refine_ls_restr.number 
_refine_ls_restr.pdbx_refine_id 
_refine_ls_restr.pdbx_restraint_function 
s_bond_d               0.01 ? ? ? 'X-RAY DIFFRACTION' ? 
s_angle_d              0.03 ? ? ? 'X-RAY DIFFRACTION' ? 
s_similar_dist         0.00 ? ? ? 'X-RAY DIFFRACTION' ? 
s_from_restr_planes    0.02 ? ? ? 'X-RAY DIFFRACTION' ? 
s_zero_chiral_vol      0.12 ? ? ? 'X-RAY DIFFRACTION' ? 
s_non_zero_chiral_vol  0.11 ? ? ? 'X-RAY DIFFRACTION' ? 
s_anti_bump_dis_restr  0.03 ? ? ? 'X-RAY DIFFRACTION' ? 
s_rigid_bond_adp_cmpnt 0.01 ? ? ? 'X-RAY DIFFRACTION' ? 
s_similar_adp_cmpnt    0.03 ? ? ? 'X-RAY DIFFRACTION' ? 
s_approx_iso_adps      0.02 ? ? ? 'X-RAY DIFFRACTION' ? 
# 
_pdbx_refine.entry_id                                    1QT9 
_pdbx_refine.R_factor_all_no_cutoff                      ? 
_pdbx_refine.R_factor_obs_no_cutoff                      0.1377000 
_pdbx_refine.free_R_factor_no_cutoff                     0.1914000 
_pdbx_refine.free_R_val_test_set_size_perc_no_cutoff     10. 
_pdbx_refine.free_R_val_test_set_ct_no_cutoff            2656 
_pdbx_refine.R_factor_all_4sig_cutoff                    ? 
_pdbx_refine.R_factor_obs_4sig_cutoff                    0.1330000 
_pdbx_refine.free_R_factor_4sig_cutoff                   0.1850000 
_pdbx_refine.free_R_val_test_set_size_perc_4sig_cutoff   10. 
_pdbx_refine.free_R_val_test_set_ct_4sig_cutoff          2404 
_pdbx_refine.number_reflns_obs_4sig_cutoff               21461 
_pdbx_refine.number_reflns_obs_no_cutoff                 ? 
_pdbx_refine.pdbx_refine_id                              'X-RAY DIFFRACTION' 
_pdbx_refine.free_R_error_no_cutoff                      ? 
# 
_struct.entry_id                  1QT9 
_struct.title                     'OXIDIZED [2FE-2S] FERREDOXIN FROM ANABAENA PCC7119' 
_struct.pdbx_model_details        ? 
_struct.pdbx_CASP_flag            ? 
_struct.pdbx_model_type_details   ? 
# 
_struct_keywords.entry_id        1QT9 
_struct_keywords.pdbx_keywords   'ELECTRON TRANSPORT' 
_struct_keywords.text            'OXIDIZED FERREDOXIN, ELECTRON TRANSPORT' 
# 
loop_
_struct_asym.id 
_struct_asym.pdbx_blank_PDB_chainid_flag 
_struct_asym.pdbx_modified 
_struct_asym.entity_id 
_struct_asym.details 
A N N 1 ? 
B N N 2 ? 
C N N 3 ? 
# 
_struct_biol.id   1 
# 
loop_
_struct_conf.conf_type_id 
_struct_conf.id 
_struct_conf.pdbx_PDB_helix_id 
_struct_conf.beg_label_comp_id 
_struct_conf.beg_label_asym_id 
_struct_conf.beg_label_seq_id 
_struct_conf.pdbx_beg_PDB_ins_code 
_struct_conf.end_label_comp_id 
_struct_conf.end_label_asym_id 
_struct_conf.end_label_seq_id 
_struct_conf.pdbx_end_PDB_ins_code 
_struct_conf.beg_auth_comp_id 
_struct_conf.beg_auth_asym_id 
_struct_conf.beg_auth_seq_id 
_struct_conf.end_auth_comp_id 
_struct_conf.end_auth_asym_id 
_struct_conf.end_auth_seq_id 
_struct_conf.pdbx_PDB_helix_class 
_struct_conf.details 
_struct_conf.pdbx_PDB_helix_length 
HELX_P HELX_P1 1 TYR A 25 ? GLN A 33 ? TYR A 25 GLN A 33 1 ? 9 
HELX_P HELX_P2 2 ASP A 67 ? ALA A 73 ? ASP A 67 ALA A 73 1 ? 7 
HELX_P HELX_P3 3 CYS A 79 ? ALA A 81 ? CYS A 79 ALA A 81 5 ? 3 
HELX_P HELX_P4 4 LYS A 93 ? LEU A 97 ? LYS A 93 LEU A 97 5 ? 5 
# 
_struct_conf_type.id          HELX_P 
_struct_conf_type.criteria    ? 
_struct_conf_type.reference   ? 
# 
loop_
_struct_conn.id 
_struct_conn.conn_type_id 
_struct_conn.pdbx_leaving_atom_flag 
_struct_conn.pdbx_PDB_id 
_struct_conn.ptnr1_label_asym_id 
_struct_conn.ptnr1_label_comp_id 
_struct_conn.ptnr1_label_seq_id 
_struct_conn.ptnr1_label_atom_id 
_struct_conn.pdbx_ptnr1_label_alt_id 
_struct_conn.pdbx_ptnr1_PDB_ins_code 
_struct_conn.pdbx_ptnr1_standard_comp_id 
_struct_conn.ptnr1_symmetry 
_struct_conn.ptnr2_label_asym_id 
_struct_conn.ptnr2_label_comp_id 
_struct_conn.ptnr2_label_seq_id 
_struct_conn.ptnr2_label_atom_id 
_struct_conn.pdbx_ptnr2_label_alt_id 
_struct_conn.pdbx_ptnr2_PDB_ins_code 
_struct_conn.ptnr1_auth_asym_id 
_struct_conn.ptnr1_auth_comp_id 
_struct_conn.ptnr1_auth_seq_id 
_struct_conn.ptnr2_auth_asym_id 
_struct_conn.ptnr2_auth_comp_id 
_struct_conn.ptnr2_auth_seq_id 
_struct_conn.ptnr2_symmetry 
_struct_conn.pdbx_ptnr3_label_atom_id 
_struct_conn.pdbx_ptnr3_label_seq_id 
_struct_conn.pdbx_ptnr3_label_comp_id 
_struct_conn.pdbx_ptnr3_label_asym_id 
_struct_conn.pdbx_ptnr3_label_alt_id 
_struct_conn.pdbx_ptnr3_PDB_ins_code 
_struct_conn.details 
_struct_conn.pdbx_dist_value 
_struct_conn.pdbx_value_order 
_struct_conn.pdbx_role 
metalc1 metalc ? ? A CYS 41 SG ? ? ? 1_555 B FES . FE1 ? ? A CYS 41 A FES 999 1_555 ? ? ? ? ? ? ? 2.338 ? ? 
metalc2 metalc ? ? A CYS 46 SG ? ? ? 1_555 B FES . FE1 ? ? A CYS 46 A FES 999 1_555 ? ? ? ? ? ? ? 2.278 ? ? 
metalc3 metalc ? ? A CYS 49 SG ? ? ? 1_555 B FES . FE2 ? ? A CYS 49 A FES 999 1_555 ? ? ? ? ? ? ? 2.288 ? ? 
metalc4 metalc ? ? A CYS 79 SG ? ? ? 1_555 B FES . FE2 ? ? A CYS 79 A FES 999 1_555 ? ? ? ? ? ? ? 2.290 ? ? 
# 
_struct_conn_type.id          metalc 
_struct_conn_type.criteria    ? 
_struct_conn_type.reference   ? 
# 
loop_
_struct_sheet.id 
_struct_sheet.type 
_struct_sheet.number_strands 
_struct_sheet.details 
A ? 5 ? 
B ? 2 ? 
# 
loop_
_struct_sheet_order.sheet_id 
_struct_sheet_order.range_id_1 
_struct_sheet_order.range_id_2 
_struct_sheet_order.offset 
_struct_sheet_order.sense 
A 1 2 ? anti-parallel 
A 2 3 ? parallel      
A 3 4 ? anti-parallel 
A 4 5 ? anti-parallel 
B 1 2 ? anti-parallel 
# 
loop_
_struct_sheet_range.sheet_id 
_struct_sheet_range.id 
_struct_sheet_range.beg_label_comp_id 
_struct_sheet_range.beg_label_asym_id 
_struct_sheet_range.beg_label_seq_id 
_struct_sheet_range.pdbx_beg_PDB_ins_code 
_struct_sheet_range.end_label_comp_id 
_struct_sheet_range.end_label_asym_id 
_struct_sheet_range.end_label_seq_id 
_struct_sheet_range.pdbx_end_PDB_ins_code 
_struct_sheet_range.beg_auth_comp_id 
_struct_sheet_range.beg_auth_asym_id 
_struct_sheet_range.beg_auth_seq_id 
_struct_sheet_range.end_auth_comp_id 
_struct_sheet_range.end_auth_asym_id 
_struct_sheet_range.end_auth_seq_id 
A 1 THR A 14 ? PRO A 21 ? THR A 14 PRO A 21 
A 2 THR A 2  ? ASN A 9  ? THR A 2  ASN A 9  
A 3 VAL A 87 ? GLN A 90 ? VAL A 87 GLN A 90 
A 4 ALA A 50 ? SER A 55 ? ALA A 50 SER A 55 
A 5 TYR A 75 ? LEU A 77 ? TYR A 75 LEU A 77 
B 1 VAL A 58 ? ASP A 59 ? VAL A 58 ASP A 59 
B 2 TYR A 82 ? PRO A 83 ? TYR A 82 PRO A 83 
# 
loop_
_pdbx_struct_sheet_hbond.sheet_id 
_pdbx_struct_sheet_hbond.range_id_1 
_pdbx_struct_sheet_hbond.range_id_2 
_pdbx_struct_sheet_hbond.range_1_label_atom_id 
_pdbx_struct_sheet_hbond.range_1_label_comp_id 
_pdbx_struct_sheet_hbond.range_1_label_asym_id 
_pdbx_struct_sheet_hbond.range_1_label_seq_id 
_pdbx_struct_sheet_hbond.range_1_PDB_ins_code 
_pdbx_struct_sheet_hbond.range_1_auth_atom_id 
_pdbx_struct_sheet_hbond.range_1_auth_comp_id 
_pdbx_struct_sheet_hbond.range_1_auth_asym_id 
_pdbx_struct_sheet_hbond.range_1_auth_seq_id 
_pdbx_struct_sheet_hbond.range_2_label_atom_id 
_pdbx_struct_sheet_hbond.range_2_label_comp_id 
_pdbx_struct_sheet_hbond.range_2_label_asym_id 
_pdbx_struct_sheet_hbond.range_2_label_seq_id 
_pdbx_struct_sheet_hbond.range_2_PDB_ins_code 
_pdbx_struct_sheet_hbond.range_2_auth_atom_id 
_pdbx_struct_sheet_hbond.range_2_auth_comp_id 
_pdbx_struct_sheet_hbond.range_2_auth_asym_id 
_pdbx_struct_sheet_hbond.range_2_auth_seq_id 
A 1 2 N VAL A 20 ? N VAL A 20 O PHE A 3  ? O PHE A 3  
A 2 3 N THR A 6  ? N THR A 6  O VAL A 87 ? O VAL A 87 
A 3 4 N GLN A 90 ? N GLN A 90 O LYS A 52 ? O LYS A 52 
A 4 5 N GLY A 51 ? N GLY A 51 O VAL A 76 ? O VAL A 76 
B 1 2 N ASP A 59 ? N ASP A 59 O TYR A 82 ? O TYR A 82 
# 
_struct_site.id                   AC1 
_struct_site.pdbx_evidence_code   Software 
_struct_site.pdbx_auth_asym_id    A 
_struct_site.pdbx_auth_comp_id    FES 
_struct_site.pdbx_auth_seq_id     999 
_struct_site.pdbx_auth_ins_code   ? 
_struct_site.pdbx_num_residues    9 
_struct_site.details              'BINDING SITE FOR RESIDUE FES A 999' 
# 
loop_
_struct_site_gen.id 
_struct_site_gen.site_id 
_struct_site_gen.pdbx_num_res 
_struct_site_gen.label_comp_id 
_struct_site_gen.label_asym_id 
_struct_site_gen.label_seq_id 
_struct_site_gen.pdbx_auth_ins_code 
_struct_site_gen.auth_comp_id 
_struct_site_gen.auth_asym_id 
_struct_site_gen.auth_seq_id 
_struct_site_gen.label_atom_id 
_struct_site_gen.label_alt_id 
_struct_site_gen.symmetry 
_struct_site_gen.details 
1 AC1 9 SER A 40 ? SER A 40 . ? 1_555 ? 
2 AC1 9 CYS A 41 ? CYS A 41 . ? 1_555 ? 
3 AC1 9 ARG A 42 ? ARG A 42 . ? 1_555 ? 
4 AC1 9 GLY A 44 ? GLY A 44 . ? 1_555 ? 
5 AC1 9 ALA A 45 ? ALA A 45 . ? 1_555 ? 
6 AC1 9 CYS A 46 ? CYS A 46 . ? 1_555 ? 
7 AC1 9 CYS A 49 ? CYS A 49 . ? 1_555 ? 
8 AC1 9 LEU A 77 ? LEU A 77 . ? 1_555 ? 
9 AC1 9 CYS A 79 ? CYS A 79 . ? 1_555 ? 
# 
_atom_sites.entry_id                    1QT9 
_atom_sites.fract_transf_matrix[1][1]   0.02439792 
_atom_sites.fract_transf_matrix[1][2]   -0.00808207 
_atom_sites.fract_transf_matrix[1][3]   0.01710682 
_atom_sites.fract_transf_matrix[2][1]   -0.00388633 
_atom_sites.fract_transf_matrix[2][2]   -0.00829679 
_atom_sites.fract_transf_matrix[2][3]   0.02948328 
_atom_sites.fract_transf_matrix[3][1]   -0.00086140 
_atom_sites.fract_transf_matrix[3][2]   -0.00702512 
_atom_sites.fract_transf_matrix[3][3]   -0.00209046 
_atom_sites.fract_transf_vector[1]      0.623163 
_atom_sites.fract_transf_vector[2]      0.614374 
_atom_sites.fract_transf_vector[3]      0.244213 
# 
loop_
_atom_type.symbol 
C  
FE 
N  
O  
S  
# 
loop_
_atom_site.group_PDB 
_atom_site.id 
_atom_site.type_symbol 
_atom_site.label_atom_id 
_atom_site.label_alt_id 
_atom_site.label_comp_id 
_atom_site.label_asym_id 
_atom_site.label_entity_id 
_atom_site.label_seq_id 
_atom_site.pdbx_PDB_ins_code 
_atom_site.Cartn_x 
_atom_site.Cartn_y 
_atom_site.Cartn_z 
_atom_site.occupancy 
_atom_site.B_iso_or_equiv 
_atom_site.pdbx_formal_charge 
_atom_site.auth_seq_id 
_atom_site.auth_comp_id 
_atom_site.auth_asym_id 
_atom_site.auth_atom_id 
_atom_site.pdbx_PDB_model_num 
ATOM   1    N  N   . ALA A 1 1  ? 14.279  5.844   9.881   1.00 12.60 ? 1    ALA A N   1 
ATOM   2    C  CA  . ALA A 1 1  ? 14.541  5.117   8.613   1.00 10.34 ? 1    ALA A CA  1 
ATOM   3    C  C   . ALA A 1 1  ? 13.710  5.628   7.489   1.00 9.96  ? 1    ALA A C   1 
ATOM   4    O  O   . ALA A 1 1  ? 12.606  6.121   7.801   1.00 10.70 ? 1    ALA A O   1 
ATOM   5    C  CB  . ALA A 1 1  ? 14.458  3.625   8.771   1.00 15.15 ? 1    ALA A CB  1 
ATOM   6    N  N   . THR A 1 2  ? 14.198  5.433   6.287   1.00 9.90  ? 2    THR A N   1 
ATOM   7    C  CA  . THR A 1 2  ? 13.494  5.756   5.028   1.00 9.76  ? 2    THR A CA  1 
ATOM   8    C  C   . THR A 1 2  ? 13.601  4.530   4.134   1.00 10.27 ? 2    THR A C   1 
ATOM   9    O  O   . THR A 1 2  ? 14.718  4.150   3.867   1.00 12.92 ? 2    THR A O   1 
ATOM   10   C  CB  . THR A 1 2  ? 14.089  7.001   4.364   1.00 10.64 ? 2    THR A CB  1 
ATOM   11   O  OG1 . THR A 1 2  ? 14.092  8.096   5.324   1.00 10.98 ? 2    THR A OG1 1 
ATOM   12   C  CG2 . THR A 1 2  ? 13.306  7.380   3.135   1.00 12.75 ? 2    THR A CG2 1 
ATOM   13   N  N   . PHE A 1 3  ? 12.477  3.933   3.786   1.00 9.80  ? 3    PHE A N   1 
ATOM   14   C  CA  . PHE A 1 3  ? 12.486  2.659   3.077   1.00 9.89  ? 3    PHE A CA  1 
ATOM   15   C  C   . PHE A 1 3  ? 12.107  2.813   1.617   1.00 10.12 ? 3    PHE A C   1 
ATOM   16   O  O   . PHE A 1 3  ? 11.265  3.627   1.263   1.00 11.25 ? 3    PHE A O   1 
ATOM   17   C  CB  . PHE A 1 3  ? 11.482  1.705   3.776   1.00 11.27 ? 3    PHE A CB  1 
ATOM   18   C  CG  . PHE A 1 3  ? 11.894  1.327   5.189   1.00 10.48 ? 3    PHE A CG  1 
ATOM   19   C  CD1 . PHE A 1 3  ? 13.064  0.575   5.392   1.00 11.33 ? 3    PHE A CD1 1 
ATOM   20   C  CD2 . PHE A 1 3  ? 11.095  1.709   6.273   1.00 10.94 ? 3    PHE A CD2 1 
ATOM   21   C  CE1 . PHE A 1 3  ? 13.377  0.248   6.717   1.00 14.11 ? 3    PHE A CE1 1 
ATOM   22   C  CE2 . PHE A 1 3  ? 11.438  1.341   7.561   1.00 13.06 ? 3    PHE A CE2 1 
ATOM   23   C  CZ  . PHE A 1 3  ? 12.578  0.559   7.790   1.00 13.69 ? 3    PHE A CZ  1 
ATOM   24   N  N   . LYS A 1 4  ? 12.750  1.980   0.774   1.00 10.38 ? 4    LYS A N   1 
ATOM   25   C  CA  . LYS A 1 4  ? 12.408  1.884   -0.632  1.00 10.72 ? 4    LYS A CA  1 
ATOM   26   C  C   . LYS A 1 4  ? 11.117  1.119   -0.769  1.00 10.96 ? 4    LYS A C   1 
ATOM   27   O  O   . LYS A 1 4  ? 10.992  0.049   -0.201  1.00 12.84 ? 4    LYS A O   1 
ATOM   28   C  CB  . LYS A 1 4  ? 13.541  1.169   -1.400  1.00 12.67 ? 4    LYS A CB  1 
ATOM   29   C  CG  . LYS A 1 4  ? 13.337  1.210   -2.901  1.00 16.89 ? 4    LYS A CG  1 
ATOM   30   C  CD  . LYS A 1 4  ? 14.403  0.459   -3.715  1.00 21.72 ? 4    LYS A CD  1 
ATOM   31   C  CE  . LYS A 1 4  ? 15.773  0.552   -3.133  1.00 29.23 ? 4    LYS A CE  1 
ATOM   32   N  NZ  . LYS A 1 4  ? 16.565  -0.335  -4.094  1.00 45.35 ? 4    LYS A NZ  1 
ATOM   33   N  N   . VAL A 1 5  ? 10.165  1.714   -1.479  1.00 10.04 ? 5    VAL A N   1 
ATOM   34   C  CA  . VAL A 1 5  ? 8.907   1.082   -1.816  1.00 9.30  ? 5    VAL A CA  1 
ATOM   35   C  C   . VAL A 1 5  ? 8.783   1.061   -3.347  1.00 10.26 ? 5    VAL A C   1 
ATOM   36   O  O   . VAL A 1 5  ? 8.848   2.082   -3.989  1.00 9.71  ? 5    VAL A O   1 
ATOM   37   C  CB  . VAL A 1 5  ? 7.723   1.763   -1.157  1.00 9.42  ? 5    VAL A CB  1 
ATOM   38   C  CG1 . VAL A 1 5  ? 6.444   1.111   -1.519  1.00 9.96  ? 5    VAL A CG1 1 
ATOM   39   C  CG2 . VAL A 1 5  ? 7.866   1.748   0.379   1.00 10.56 ? 5    VAL A CG2 1 
ATOM   40   N  N   . THR A 1 6  ? 8.649   -0.162  -3.876  1.00 10.07 ? 6    THR A N   1 
ATOM   41   C  CA  . THR A 1 6  ? 8.481   -0.362  -5.304  1.00 9.90  ? 6    THR A CA  1 
ATOM   42   C  C   . THR A 1 6  ? 6.966   -0.669  -5.540  1.00 8.92  ? 6    THR A C   1 
ATOM   43   O  O   . THR A 1 6  ? 6.454   -1.622  -4.975  1.00 10.45 ? 6    THR A O   1 
ATOM   44   C  CB  . THR A 1 6  ? 9.345   -1.549  -5.779  1.00 12.54 ? 6    THR A CB  1 
ATOM   45   O  OG1 . THR A 1 6  ? 10.722  -1.245  -5.528  1.00 13.23 ? 6    THR A OG1 1 
ATOM   46   C  CG2 . THR A 1 6  ? 9.175   -1.780  -7.257  1.00 13.16 ? 6    THR A CG2 1 
ATOM   47   N  N   . LEU A 1 7  ? 6.351   0.215   -6.297  1.00 9.48  ? 7    LEU A N   1 
ATOM   48   C  CA  . LEU A 1 7  ? 4.965   0.129   -6.654  1.00 9.62  ? 7    LEU A CA  1 
ATOM   49   C  C   . LEU A 1 7  ? 4.788   -0.586  -7.993  1.00 9.76  ? 7    LEU A C   1 
ATOM   50   O  O   . LEU A 1 7  ? 5.369   -0.146  -9.013  1.00 11.15 ? 7    LEU A O   1 
ATOM   51   C  CB  . LEU A 1 7  ? 4.313   1.530   -6.806  1.00 9.51  ? 7    LEU A CB  1 
ATOM   52   C  CG  . LEU A 1 7  ? 4.540   2.437   -5.613  1.00 9.17  ? 7    LEU A CG  1 
ATOM   53   C  CD1 . LEU A 1 7  ? 4.110   3.859   -5.975  1.00 11.12 ? 7    LEU A CD1 1 
ATOM   54   C  CD2 . LEU A 1 7  ? 3.777   1.961   -4.387  1.00 10.61 ? 7    LEU A CD2 1 
ATOM   55   N  N   . ILE A 1 8  ? 4.064   -1.693  -8.021  1.00 10.01 ? 8    ILE A N   1 
ATOM   56   C  CA  . ILE A 1 8  ? 3.865   -2.433  -9.256  1.00 10.50 ? 8    ILE A CA  1 
ATOM   57   C  C   . ILE A 1 8  ? 2.395   -2.334  -9.655  1.00 9.33  ? 8    ILE A C   1 
ATOM   58   O  O   . ILE A 1 8  ? 1.534   -2.755  -8.898  1.00 10.77 ? 8    ILE A O   1 
ATOM   59   C  CB  . ILE A 1 8  ? 4.239   -3.931  -9.061  1.00 11.25 ? 8    ILE A CB  1 
ATOM   60   C  CG1 A ILE A 1 8  ? 5.681   -4.130  -8.648  0.73 11.83 ? 8    ILE A CG1 1 
ATOM   61   C  CG1 B ILE A 1 8  ? 5.627   -3.914  -8.404  0.27 12.12 ? 8    ILE A CG1 1 
ATOM   62   C  CG2 A ILE A 1 8  ? 3.822   -4.690  -10.311 0.73 12.64 ? 8    ILE A CG2 1 
ATOM   63   C  CG2 B ILE A 1 8  ? 4.143   -4.745  -10.320 0.27 9.92  ? 8    ILE A CG2 1 
ATOM   64   C  CD1 A ILE A 1 8  ? 6.754   -3.513  -9.513  0.73 13.21 ? 8    ILE A CD1 1 
ATOM   65   C  CD1 B ILE A 1 8  ? 6.029   -5.338  -8.213  0.27 11.13 ? 8    ILE A CD1 1 
ATOM   66   N  N   . ASN A 1 9  ? 2.128   -1.863  -10.849 1.00 9.95  ? 9    ASN A N   1 
ATOM   67   C  CA  . ASN A 1 9  ? 0.785   -1.847  -11.417 1.00 10.66 ? 9    ASN A CA  1 
ATOM   68   C  C   . ASN A 1 9  ? 0.792   -2.959  -12.476 1.00 10.27 ? 9    ASN A C   1 
ATOM   69   O  O   . ASN A 1 9  ? 1.294   -2.749  -13.564 1.00 12.24 ? 9    ASN A O   1 
ATOM   70   C  CB  . ASN A 1 9  ? 0.360   -0.518  -11.982 1.00 10.52 ? 9    ASN A CB  1 
ATOM   71   C  CG  . ASN A 1 9  ? -1.055  -0.547  -12.453 1.00 11.81 ? 9    ASN A CG  1 
ATOM   72   O  OD1 . ASN A 1 9  ? -1.558  -1.556  -12.963 1.00 13.06 ? 9    ASN A OD1 1 
ATOM   73   N  ND2 . ASN A 1 9  ? -1.703  0.571   -12.362 1.00 14.29 ? 9    ASN A ND2 1 
ATOM   74   N  N   . GLU A 1 10 ? 0.286   -4.145  -12.129 1.00 10.53 ? 10   GLU A N   1 
ATOM   75   C  CA  . GLU A 1 10 ? 0.356   -5.238  -13.057 1.00 11.42 ? 10   GLU A CA  1 
ATOM   76   C  C   . GLU A 1 10 ? -0.400  -5.013  -14.344 1.00 12.53 ? 10   GLU A C   1 
ATOM   77   O  O   . GLU A 1 10 ? 0.149   -5.281  -15.445 1.00 13.16 ? 10   GLU A O   1 
ATOM   78   C  CB  . GLU A 1 10 ? -0.194  -6.521  -12.406 1.00 11.56 ? 10   GLU A CB  1 
ATOM   79   C  CG  . GLU A 1 10 ? 0.628   -7.091  -11.275 1.00 13.35 ? 10   GLU A CG  1 
ATOM   80   C  CD  . GLU A 1 10 ? 0.136   -8.498  -10.939 1.00 14.74 ? 10   GLU A CD  1 
ATOM   81   O  OE1 . GLU A 1 10 ? -1.094  -8.653  -10.767 1.00 17.33 ? 10   GLU A OE1 1 
ATOM   82   O  OE2 . GLU A 1 10 ? 1.013   -9.352  -10.776 1.00 17.19 ? 10   GLU A OE2 1 
ATOM   83   N  N   . ALA A 1 11 ? -1.603  -4.447  -14.315 1.00 12.42 ? 11   ALA A N   1 
ATOM   84   C  CA  . ALA A 1 11 ? -2.375  -4.280  -15.543 1.00 13.10 ? 11   ALA A CA  1 
ATOM   85   C  C   . ALA A 1 11 ? -1.738  -3.254  -16.446 1.00 12.59 ? 11   ALA A C   1 
ATOM   86   O  O   . ALA A 1 11 ? -1.864  -3.360  -17.670 1.00 15.77 ? 11   ALA A O   1 
ATOM   87   C  CB  . ALA A 1 11 ? -3.784  -3.838  -15.162 1.00 14.25 ? 11   ALA A CB  1 
ATOM   88   N  N   . GLU A 1 12 ? -1.068  -2.260  -15.879 1.00 14.32 ? 12   GLU A N   1 
ATOM   89   C  CA  . GLU A 1 12 ? -0.477  -1.238  -16.713 1.00 14.23 ? 12   GLU A CA  1 
ATOM   90   C  C   . GLU A 1 12 ? 0.983   -1.518  -17.078 1.00 14.49 ? 12   GLU A C   1 
ATOM   91   O  O   . GLU A 1 12 ? 1.580   -0.801  -17.887 1.00 17.77 ? 12   GLU A O   1 
ATOM   92   C  CB  A GLU A 1 12 ? -0.592  0.136   -16.032 0.59 15.35 ? 12   GLU A CB  1 
ATOM   93   C  CB  B GLU A 1 12 ? -0.542  0.137   -16.024 0.41 14.81 ? 12   GLU A CB  1 
ATOM   94   C  CG  A GLU A 1 12 ? -2.030  0.513   -15.702 0.59 16.54 ? 12   GLU A CG  1 
ATOM   95   C  CG  B GLU A 1 12 ? -1.835  0.841   -16.402 0.41 17.22 ? 12   GLU A CG  1 
ATOM   96   C  CD  A GLU A 1 12 ? -2.962  0.662   -16.889 0.59 22.37 ? 12   GLU A CD  1 
ATOM   97   C  CD  B GLU A 1 12 ? -2.078  2.117   -15.653 0.41 18.90 ? 12   GLU A CD  1 
ATOM   98   O  OE1 A GLU A 1 12 ? -4.190  0.347   -16.819 0.59 31.89 ? 12   GLU A OE1 1 
ATOM   99   O  OE1 B GLU A 1 12 ? -1.103  2.873   -15.368 0.41 21.41 ? 12   GLU A OE1 1 
ATOM   100  O  OE2 A GLU A 1 12 ? -2.442  1.084   -17.913 0.59 26.43 ? 12   GLU A OE2 1 
ATOM   101  O  OE2 B GLU A 1 12 ? -3.268  2.360   -15.366 0.41 21.80 ? 12   GLU A OE2 1 
ATOM   102  N  N   . GLY A 1 13 ? 1.569   -2.502  -16.407 1.00 13.65 ? 13   GLY A N   1 
ATOM   103  C  CA  . GLY A 1 13 ? 2.930   -2.835  -16.714 1.00 14.58 ? 13   GLY A CA  1 
ATOM   104  C  C   . GLY A 1 13 ? 3.936   -1.791  -16.255 1.00 15.06 ? 13   GLY A C   1 
ATOM   105  O  O   . GLY A 1 13 ? 4.998   -1.619  -16.849 1.00 19.19 ? 13   GLY A O   1 
ATOM   106  N  N   . THR A 1 14 ? 3.616   -1.204  -15.106 1.00 12.87 ? 14   THR A N   1 
ATOM   107  C  CA  . THR A 1 14 ? 4.565   -0.225  -14.591 1.00 14.99 ? 14   THR A CA  1 
ATOM   108  C  C   . THR A 1 14 ? 5.180   -0.671  -13.268 1.00 13.64 ? 14   THR A C   1 
ATOM   109  O  O   . THR A 1 14 ? 4.565   -1.317  -12.423 1.00 12.05 ? 14   THR A O   1 
ATOM   110  C  CB  . THR A 1 14 ? 3.887   1.139   -14.444 1.00 14.80 ? 14   THR A CB  1 
ATOM   111  O  OG1 . THR A 1 14 ? 2.864   1.016   -13.460 1.00 14.84 ? 14   THR A OG1 1 
ATOM   112  C  CG2 . THR A 1 14 ? 3.320   1.625   -15.774 1.00 18.03 ? 14   THR A CG2 1 
ATOM   113  N  N   . LYS A 1 15 ? 6.334   -0.152  -13.018 1.00 14.41 ? 15   LYS A N   1 
ATOM   114  C  CA  . LYS A 1 15 ? 7.155   -0.258  -11.831 1.00 14.87 ? 15   LYS A CA  1 
ATOM   115  C  C   . LYS A 1 15 ? 7.758   1.087   -11.457 1.00 14.14 ? 15   LYS A C   1 
ATOM   116  O  O   . LYS A 1 15 ? 8.530   1.680   -12.176 1.00 15.86 ? 15   LYS A O   1 
ATOM   117  C  CB  . LYS A 1 15 ? 8.261   -1.343  -12.053 1.00 17.79 ? 15   LYS A CB  1 
ATOM   118  C  CG  . LYS A 1 15 ? 9.218   -1.423  -10.883 1.00 21.35 ? 15   LYS A CG  1 
ATOM   119  C  CD  . LYS A 1 15 ? 10.408  -2.279  -11.300 1.00 26.53 ? 15   LYS A CD  1 
ATOM   120  C  CE  . LYS A 1 15 ? 11.635  -1.984  -10.461 1.00 32.58 ? 15   LYS A CE  1 
ATOM   121  N  NZ  . LYS A 1 15 ? 12.808  -2.786  -10.981 1.00 38.84 ? 15   LYS A NZ  1 
ATOM   122  N  N   . HIS A 1 16 ? 7.353   1.592   -10.294 1.00 13.96 ? 16   HIS A N   1 
ATOM   123  C  CA  . HIS A 1 16 ? 7.763   2.898   -9.832  1.00 13.38 ? 16   HIS A CA  1 
ATOM   124  C  C   . HIS A 1 16 ? 8.415   2.776   -8.473  1.00 13.35 ? 16   HIS A C   1 
ATOM   125  O  O   . HIS A 1 16 ? 7.840   2.201   -7.531  1.00 19.02 ? 16   HIS A O   1 
ATOM   126  C  CB  . HIS A 1 16 ? 6.573   3.743   -9.783  1.00 14.45 ? 16   HIS A CB  1 
ATOM   127  C  CG  . HIS A 1 16 ? 5.903   4.035   -11.126 1.00 17.12 ? 16   HIS A CG  1 
ATOM   128  N  ND1 . HIS A 1 16 ? 6.468   4.179   -12.340 1.00 21.19 ? 16   HIS A ND1 1 
ATOM   129  C  CD2 . HIS A 1 16 ? 4.531   4.182   -11.284 1.00 15.76 ? 16   HIS A CD2 1 
ATOM   130  C  CE1 . HIS A 1 16 ? 5.485   4.421   -13.199 1.00 18.17 ? 16   HIS A CE1 1 
ATOM   131  N  NE2 . HIS A 1 16 ? 4.308   4.427   -12.558 1.00 18.17 ? 16   HIS A NE2 1 
ATOM   132  N  N   . GLU A 1 17 ? 9.568   3.354   -8.255  1.00 12.10 ? 17   GLU A N   1 
ATOM   133  C  CA  . GLU A 1 17 ? 10.256  3.313   -6.984  1.00 11.87 ? 17   GLU A CA  1 
ATOM   134  C  C   . GLU A 1 17 ? 10.100  4.633   -6.262  1.00 11.15 ? 17   GLU A C   1 
ATOM   135  O  O   . GLU A 1 17 ? 10.352  5.704   -6.846  1.00 14.30 ? 17   GLU A O   1 
ATOM   136  C  CB  . GLU A 1 17 ? 11.768  2.986   -7.171  1.00 14.95 ? 17   GLU A CB  1 
ATOM   137  C  CG  . GLU A 1 17 ? 11.981  1.636   -7.831  1.00 24.79 ? 17   GLU A CG  1 
ATOM   138  C  CD  . GLU A 1 17 ? 13.387  1.079   -7.667  1.00 31.96 ? 17   GLU A CD  1 
ATOM   139  O  OE1 . GLU A 1 17 ? 13.501  -0.153  -7.831  1.00 48.07 ? 17   GLU A OE1 1 
ATOM   140  O  OE2 . GLU A 1 17 ? 14.200  1.935   -7.257  1.00 36.50 ? 17   GLU A OE2 1 
ATOM   141  N  N   . ILE A 1 18 ? 9.751   4.613   -5.002  1.00 10.58 ? 18   ILE A N   1 
ATOM   142  C  CA  . ILE A 1 18 ? 9.690   5.751   -4.121  1.00 9.61  ? 18   ILE A CA  1 
ATOM   143  C  C   . ILE A 1 18 ? 10.448  5.463   -2.850  1.00 9.50  ? 18   ILE A C   1 
ATOM   144  O  O   . ILE A 1 18 ? 10.784  4.311   -2.563  1.00 10.22 ? 18   ILE A O   1 
ATOM   145  C  CB  . ILE A 1 18 ? 8.234   6.161   -3.815  1.00 8.94  ? 18   ILE A CB  1 
ATOM   146  C  CG1 . ILE A 1 18 ? 7.449   5.058   -3.083  1.00 8.57  ? 18   ILE A CG1 1 
ATOM   147  C  CG2 . ILE A 1 18 ? 7.554   6.592   -5.108  1.00 10.92 ? 18   ILE A CG2 1 
ATOM   148  C  CD1 . ILE A 1 18 ? 6.088   5.509   -2.618  1.00 10.48 ? 18   ILE A CD1 1 
ATOM   149  N  N   . GLU A 1 19 ? 10.669  6.519   -2.070  1.00 9.36  ? 19   GLU A N   1 
ATOM   150  C  CA  . GLU A 1 19 ? 11.326  6.431   -0.733  1.00 9.10  ? 19   GLU A CA  1 
ATOM   151  C  C   . GLU A 1 19 ? 10.346  6.934   0.284   1.00 8.33  ? 19   GLU A C   1 
ATOM   152  O  O   . GLU A 1 19 ? 9.833   8.039   0.188   1.00 10.04 ? 19   GLU A O   1 
ATOM   153  C  CB  . GLU A 1 19 ? 12.645  7.221   -0.686  1.00 9.82  ? 19   GLU A CB  1 
ATOM   154  C  CG  . GLU A 1 19 ? 13.667  6.581   -1.602  1.00 12.14 ? 19   GLU A CG  1 
ATOM   155  C  CD  . GLU A 1 19 ? 14.340  5.336   -0.979  1.00 13.28 ? 19   GLU A CD  1 
ATOM   156  O  OE1 . GLU A 1 19 ? 14.205  5.141   0.209   1.00 13.48 ? 19   GLU A OE1 1 
ATOM   157  O  OE2 . GLU A 1 19 ? 15.018  4.600   -1.753  1.00 18.84 ? 19   GLU A OE2 1 
ATOM   158  N  N   . VAL A 1 20 ? 10.030  6.121   1.294   1.00 9.28  ? 20   VAL A N   1 
ATOM   159  C  CA  . VAL A 1 20 ? 8.963   6.372   2.218   1.00 8.02  ? 20   VAL A CA  1 
ATOM   160  C  C   . VAL A 1 20 ? 9.491   6.400   3.668   1.00 8.43  ? 20   VAL A C   1 
ATOM   161  O  O   . VAL A 1 20 ? 10.057  5.414   4.151   1.00 8.92  ? 20   VAL A O   1 
ATOM   162  C  CB  . VAL A 1 20 ? 7.867   5.331   2.120   1.00 9.15  ? 20   VAL A CB  1 
ATOM   163  C  CG1 . VAL A 1 20 ? 6.689   5.677   2.988   1.00 9.23  ? 20   VAL A CG1 1 
ATOM   164  C  CG2 . VAL A 1 20 ? 7.438   5.231   0.649   1.00 9.34  ? 20   VAL A CG2 1 
ATOM   165  N  N   . PRO A 1 21 ? 9.340   7.527   4.361   1.00 9.16  ? 21   PRO A N   1 
ATOM   166  C  CA  . PRO A 1 21 ? 9.696   7.571   5.778   1.00 9.70  ? 21   PRO A CA  1 
ATOM   167  C  C   . PRO A 1 21 ? 8.993   6.505   6.555   1.00 9.68  ? 21   PRO A C   1 
ATOM   168  O  O   . PRO A 1 21 ? 7.840   6.145   6.302   1.00 9.73  ? 21   PRO A O   1 
ATOM   169  C  CB  . PRO A 1 21 ? 9.180   8.937   6.213   1.00 10.12 ? 21   PRO A CB  1 
ATOM   170  C  CG  . PRO A 1 21 ? 9.198   9.774   4.975   1.00 10.54 ? 21   PRO A CG  1 
ATOM   171  C  CD  . PRO A 1 21 ? 8.830   8.820   3.859   1.00 9.68  ? 21   PRO A CD  1 
ATOM   172  N  N   . ASP A 1 22 ? 9.636   5.974   7.596   1.00 10.14 ? 22   ASP A N   1 
ATOM   173  C  CA  . ASP A 1 22 ? 9.032   5.023   8.502   1.00 9.45  ? 22   ASP A CA  1 
ATOM   174  C  C   . ASP A 1 22 ? 7.858   5.594   9.247   1.00 10.19 ? 22   ASP A C   1 
ATOM   175  O  O   . ASP A 1 22 ? 7.092   4.826   9.841   1.00 11.34 ? 22   ASP A O   1 
ATOM   176  C  CB  . ASP A 1 22 ? 10.094  4.482   9.441   1.00 12.43 ? 22   ASP A CB  1 
ATOM   177  C  CG  . ASP A 1 22 ? 10.755  5.454   10.357  1.00 12.21 ? 22   ASP A CG  1 
ATOM   178  O  OD1 . ASP A 1 22 ? 10.389  6.576   10.427  1.00 15.15 ? 22   ASP A OD1 1 
ATOM   179  O  OD2 . ASP A 1 22 ? 11.790  4.979   10.956  1.00 16.43 ? 22   ASP A OD2 1 
ATOM   180  N  N   . ASP A 1 23 ? 7.630   6.910   9.215   1.00 10.25 ? 23   ASP A N   1 
ATOM   181  C  CA  . ASP A 1 23 ? 6.511   7.529   9.897   1.00 11.58 ? 23   ASP A CA  1 
ATOM   182  C  C   . ASP A 1 23 ? 5.615   8.266   8.915   1.00 9.55  ? 23   ASP A C   1 
ATOM   183  O  O   . ASP A 1 23 ? 4.844   9.171   9.282   1.00 11.11 ? 23   ASP A O   1 
ATOM   184  C  CB  . ASP A 1 23 ? 6.929   8.521   11.023  1.00 13.26 ? 23   ASP A CB  1 
ATOM   185  C  CG  . ASP A 1 23 ? 7.806   9.639   10.537  1.00 15.45 ? 23   ASP A CG  1 
ATOM   186  O  OD1 . ASP A 1 23 ? 8.230   9.658   9.400   1.00 14.66 ? 23   ASP A OD1 1 
ATOM   187  O  OD2 . ASP A 1 23 ? 8.072   10.521  11.385  1.00 23.60 ? 23   ASP A OD2 1 
ATOM   188  N  N   . GLU A 1 24 ? 5.564   7.849   7.652   1.00 8.74  ? 24   GLU A N   1 
ATOM   189  C  CA  . GLU A 1 24 ? 4.634   8.360   6.660   1.00 9.04  ? 24   GLU A CA  1 
ATOM   190  C  C   . GLU A 1 24 ? 3.936   7.175   5.997   1.00 8.88  ? 24   GLU A C   1 
ATOM   191  O  O   . GLU A 1 24 ? 4.539   6.116   5.703   1.00 8.94  ? 24   GLU A O   1 
ATOM   192  C  CB  . GLU A 1 24 ? 5.338   9.175   5.597   1.00 9.20  ? 24   GLU A CB  1 
ATOM   193  C  CG  . GLU A 1 24 ? 4.384   9.875   4.610   1.00 9.02  ? 24   GLU A CG  1 
ATOM   194  C  CD  . GLU A 1 24 ? 5.097   10.779  3.588   1.00 9.63  ? 24   GLU A CD  1 
ATOM   195  O  OE1 . GLU A 1 24 ? 6.292   10.731  3.392   1.00 11.42 ? 24   GLU A OE1 1 
ATOM   196  O  OE2 . GLU A 1 24 ? 4.290   11.570  3.007   1.00 10.59 ? 24   GLU A OE2 1 
ATOM   197  N  N   . TYR A 1 25 ? 2.650   7.350   5.753   1.00 8.71  ? 25   TYR A N   1 
ATOM   198  C  CA  . TYR A 1 25 ? 1.903   6.337   5.006   1.00 8.27  ? 25   TYR A CA  1 
ATOM   199  C  C   . TYR A 1 25 ? 2.375   6.254   3.541   1.00 7.25  ? 25   TYR A C   1 
ATOM   200  O  O   . TYR A 1 25 ? 2.718   7.230   2.895   1.00 8.28  ? 25   TYR A O   1 
ATOM   201  C  CB  . TYR A 1 25 ? 0.439   6.672   5.023   1.00 8.84  ? 25   TYR A CB  1 
ATOM   202  C  CG  . TYR A 1 25 ? -0.271  6.688   6.384   1.00 8.88  ? 25   TYR A CG  1 
ATOM   203  C  CD1 . TYR A 1 25 ? -0.063  5.716   7.333   1.00 9.54  ? 25   TYR A CD1 1 
ATOM   204  C  CD2 . TYR A 1 25 ? -1.170  7.686   6.652   1.00 10.59 ? 25   TYR A CD2 1 
ATOM   205  C  CE1 . TYR A 1 25 ? -0.743  5.741   8.561   1.00 9.96  ? 25   TYR A CE1 1 
ATOM   206  C  CE2 . TYR A 1 25 ? -1.882  7.728   7.833   1.00 11.67 ? 25   TYR A CE2 1 
ATOM   207  C  CZ  . TYR A 1 25 ? -1.653  6.749   8.779   1.00 11.41 ? 25   TYR A CZ  1 
ATOM   208  O  OH  . TYR A 1 25 ? -2.414  6.791   9.950   1.00 13.66 ? 25   TYR A OH  1 
ATOM   209  N  N   . ILE A 1 26 ? 2.291   5.038   2.984   1.00 8.46  ? 26   ILE A N   1 
ATOM   210  C  CA  . ILE A 1 26 ? 2.742   4.820   1.613   1.00 8.31  ? 26   ILE A CA  1 
ATOM   211  C  C   . ILE A 1 26 ? 2.005   5.745   0.602   1.00 7.52  ? 26   ILE A C   1 
ATOM   212  O  O   . ILE A 1 26 ? 2.597   6.314   -0.288  1.00 8.41  ? 26   ILE A O   1 
ATOM   213  C  CB  A ILE A 1 26 ? 2.653   3.332   1.200   0.94 8.67  ? 26   ILE A CB  1 
ATOM   214  C  CB  B ILE A 1 26 ? 2.569   3.367   1.148   0.06 8.58  ? 26   ILE A CB  1 
ATOM   215  C  CG1 A ILE A 1 26 ? 3.680   2.517   2.012   0.94 9.16  ? 26   ILE A CG1 1 
ATOM   216  C  CG1 B ILE A 1 26 ? 3.167   2.332   2.107   0.06 7.61  ? 26   ILE A CG1 1 
ATOM   217  C  CG2 A ILE A 1 26 ? 2.750   3.136   -0.294  0.94 9.63  ? 26   ILE A CG2 1 
ATOM   218  C  CG2 B ILE A 1 26 ? 3.145   3.190   -0.251  0.06 9.80  ? 26   ILE A CG2 1 
ATOM   219  C  CD1 A ILE A 1 26 ? 3.506   1.010   1.880   0.94 11.41 ? 26   ILE A CD1 1 
ATOM   220  C  CD1 B ILE A 1 26 ? 4.677   2.279   2.044   0.06 6.67  ? 26   ILE A CD1 1 
ATOM   221  N  N   . LEU A 1 27 ? 0.682   5.858   0.727   1.00 7.50  ? 27   LEU A N   1 
ATOM   222  C  CA  . LEU A 1 27 ? -0.073  6.633   -0.246  1.00 7.79  ? 27   LEU A CA  1 
ATOM   223  C  C   . LEU A 1 27 ? 0.366   8.060   -0.315  1.00 7.22  ? 27   LEU A C   1 
ATOM   224  O  O   . LEU A 1 27 ? 0.571   8.623   -1.368  1.00 8.61  ? 27   LEU A O   1 
ATOM   225  C  CB  . LEU A 1 27 ? -1.574  6.578   0.137   1.00 8.36  ? 27   LEU A CB  1 
ATOM   226  C  CG  . LEU A 1 27 ? -2.500  7.435   -0.747  1.00 8.54  ? 27   LEU A CG  1 
ATOM   227  C  CD1 . LEU A 1 27 ? -2.451  6.988   -2.202  1.00 9.08  ? 27   LEU A CD1 1 
ATOM   228  C  CD2 . LEU A 1 27 ? -3.935  7.357   -0.208  1.00 9.50  ? 27   LEU A CD2 1 
ATOM   229  N  N   . ASP A 1 28 ? 0.594   8.683   0.856   1.00 8.67  ? 28   ASP A N   1 
ATOM   230  C  CA  . ASP A 1 28 ? 1.004   10.070  0.903   1.00 8.13  ? 28   ASP A CA  1 
ATOM   231  C  C   . ASP A 1 28 ? 2.369   10.240  0.217   1.00 8.36  ? 28   ASP A C   1 
ATOM   232  O  O   . ASP A 1 28 ? 2.532   11.193  -0.572  1.00 9.04  ? 28   ASP A O   1 
ATOM   233  C  CB  . ASP A 1 28 ? 1.074   10.562  2.350   1.00 9.83  ? 28   ASP A CB  1 
ATOM   234  C  CG  A ASP A 1 28 ? -0.230  10.795  3.044   0.47 12.08 ? 28   ASP A CG  1 
ATOM   235  C  CG  B ASP A 1 28 ? -0.305  10.673  2.939   0.52 12.00 ? 28   ASP A CG  1 
ATOM   236  O  OD1 A ASP A 1 28 ? -1.033  11.589  2.499   0.47 15.08 ? 28   ASP A OD1 1 
ATOM   237  O  OD1 B ASP A 1 28 ? -0.924  11.756  2.892   0.52 16.06 ? 28   ASP A OD1 1 
ATOM   238  O  OD2 A ASP A 1 28 ? -0.362  10.326  4.187   0.47 13.16 ? 28   ASP A OD2 1 
ATOM   239  O  OD2 B ASP A 1 28 ? -0.676  9.638   3.459   0.52 16.11 ? 28   ASP A OD2 1 
ATOM   240  N  N   . ALA A 1 29 ? 3.318   9.358   0.495   1.00 7.67  ? 29   ALA A N   1 
ATOM   241  C  CA  . ALA A 1 29 ? 4.635   9.491   -0.096  1.00 8.38  ? 29   ALA A CA  1 
ATOM   242  C  C   . ALA A 1 29 ? 4.555   9.263   -1.608  1.00 9.00  ? 29   ALA A C   1 
ATOM   243  O  O   . ALA A 1 29 ? 5.237   9.980   -2.376  1.00 8.80  ? 29   ALA A O   1 
ATOM   244  C  CB  . ALA A 1 29 ? 5.577   8.482   0.547   1.00 9.01  ? 29   ALA A CB  1 
ATOM   245  N  N   . ALA A 1 30 ? 3.747   8.282   -2.027  1.00 8.16  ? 30   ALA A N   1 
ATOM   246  C  CA  . ALA A 1 30 ? 3.645   8.086   -3.486  1.00 8.65  ? 30   ALA A CA  1 
ATOM   247  C  C   . ALA A 1 30 ? 3.159   9.334   -4.188  1.00 7.45  ? 30   ALA A C   1 
ATOM   248  O  O   . ALA A 1 30 ? 3.740   9.769   -5.169  1.00 8.85  ? 30   ALA A O   1 
ATOM   249  C  CB  . ALA A 1 30 ? 2.684   6.932   -3.745  1.00 9.20  ? 30   ALA A CB  1 
ATOM   250  N  N   . GLU A 1 31 ? 2.099   9.911   -3.666  1.00 7.32  ? 31   GLU A N   1 
ATOM   251  C  CA  . GLU A 1 31 ? 1.538   11.134  -4.246  1.00 8.06  ? 31   GLU A CA  1 
ATOM   252  C  C   . GLU A 1 31 ? 2.572   12.212  -4.327  1.00 8.40  ? 31   GLU A C   1 
ATOM   253  O  O   . GLU A 1 31 ? 2.732   12.897  -5.354  1.00 9.49  ? 31   GLU A O   1 
ATOM   254  C  CB  . GLU A 1 31 ? 0.325   11.586  -3.455  1.00 8.10  ? 31   GLU A CB  1 
ATOM   255  C  CG  . GLU A 1 31 ? -0.874  10.659  -3.595  1.00 8.67  ? 31   GLU A CG  1 
ATOM   256  C  CD  . GLU A 1 31 ? -1.972  10.889  -2.567  1.00 8.38  ? 31   GLU A CD  1 
ATOM   257  O  OE1 . GLU A 1 31 ? -1.722  11.629  -1.581  1.00 11.69 ? 31   GLU A OE1 1 
ATOM   258  O  OE2 . GLU A 1 31 ? -3.074  10.323  -2.746  1.00 9.46  ? 31   GLU A OE2 1 
ATOM   259  N  N   . GLU A 1 32 ? 3.289   12.459  -3.206  1.00 8.26  ? 32   GLU A N   1 
ATOM   260  C  CA  . GLU A 1 32 ? 4.269   13.503  -3.163  1.00 8.22  ? 32   GLU A CA  1 
ATOM   261  C  C   . GLU A 1 32 ? 5.336   13.359  -4.223  1.00 8.41  ? 32   GLU A C   1 
ATOM   262  O  O   . GLU A 1 32 ? 5.900   14.352  -4.707  1.00 9.55  ? 32   GLU A O   1 
ATOM   263  C  CB  . GLU A 1 32 ? 4.903   13.532  -1.752  1.00 9.38  ? 32   GLU A CB  1 
ATOM   264  C  CG  . GLU A 1 32 ? 3.899   14.122  -0.727  1.00 9.13  ? 32   GLU A CG  1 
ATOM   265  C  CD  . GLU A 1 32 ? 4.168   13.701  0.703   1.00 10.40 ? 32   GLU A CD  1 
ATOM   266  O  OE1 . GLU A 1 32 ? 5.144   12.975  1.008   1.00 9.12  ? 32   GLU A OE1 1 
ATOM   267  O  OE2 . GLU A 1 32 ? 3.301   14.081  1.548   1.00 16.79 ? 32   GLU A OE2 1 
ATOM   268  N  N   . GLN A 1 33 ? 5.696   12.100  -4.530  1.00 8.42  ? 33   GLN A N   1 
ATOM   269  C  CA  . GLN A 1 33 ? 6.756   11.742  -5.480  1.00 8.50  ? 33   GLN A CA  1 
ATOM   270  C  C   . GLN A 1 33 ? 6.238   11.574  -6.893  1.00 9.36  ? 33   GLN A C   1 
ATOM   271  O  O   . GLN A 1 33 ? 7.014   11.105  -7.738  1.00 13.05 ? 33   GLN A O   1 
ATOM   272  C  CB  . GLN A 1 33 ? 7.531   10.564  -4.903  1.00 8.92  ? 33   GLN A CB  1 
ATOM   273  C  CG  . GLN A 1 33 ? 8.356   11.021  -3.672  1.00 9.60  ? 33   GLN A CG  1 
ATOM   274  C  CD  . GLN A 1 33 ? 8.934   9.874   -2.898  1.00 8.15  ? 33   GLN A CD  1 
ATOM   275  O  OE1 . GLN A 1 33 ? 9.720   9.051   -3.401  1.00 9.55  ? 33   GLN A OE1 1 
ATOM   276  N  NE2 . GLN A 1 33 ? 8.610   9.780   -1.632  1.00 10.18 ? 33   GLN A NE2 1 
ATOM   277  N  N   . GLY A 1 34 ? 5.021   11.945  -7.160  1.00 9.81  ? 34   GLY A N   1 
ATOM   278  C  CA  . GLY A 1 34 ? 4.459   12.040  -8.494  1.00 9.98  ? 34   GLY A CA  1 
ATOM   279  C  C   . GLY A 1 34 ? 3.650   10.851  -8.945  1.00 9.57  ? 34   GLY A C   1 
ATOM   280  O  O   . GLY A 1 34 ? 3.326   10.782  -10.131 1.00 11.28 ? 34   GLY A O   1 
ATOM   281  N  N   . TYR A 1 35 ? 3.287   9.981   -8.058  1.00 9.46  ? 35   TYR A N   1 
ATOM   282  C  CA  . TYR A 1 35 ? 2.499   8.793   -8.375  1.00 9.60  ? 35   TYR A CA  1 
ATOM   283  C  C   . TYR A 1 35 ? 1.158   8.762   -7.664  1.00 9.89  ? 35   TYR A C   1 
ATOM   284  O  O   . TYR A 1 35 ? 1.046   8.422   -6.463  1.00 10.80 ? 35   TYR A O   1 
ATOM   285  C  CB  . TYR A 1 35 ? 3.333   7.577   -8.044  1.00 10.91 ? 35   TYR A CB  1 
ATOM   286  C  CG  . TYR A 1 35 ? 4.646   7.490   -8.757  1.00 11.10 ? 35   TYR A CG  1 
ATOM   287  C  CD1 . TYR A 1 35 ? 4.690   7.352   -10.138 1.00 13.01 ? 35   TYR A CD1 1 
ATOM   288  C  CD2 . TYR A 1 35 ? 5.853   7.635   -8.089  1.00 13.03 ? 35   TYR A CD2 1 
ATOM   289  C  CE1 . TYR A 1 35 ? 5.876   7.319   -10.848 1.00 14.04 ? 35   TYR A CE1 1 
ATOM   290  C  CE2 . TYR A 1 35 ? 7.035   7.587   -8.809  1.00 15.35 ? 35   TYR A CE2 1 
ATOM   291  C  CZ  . TYR A 1 35 ? 7.058   7.413   -10.156 1.00 15.43 ? 35   TYR A CZ  1 
ATOM   292  O  OH  . TYR A 1 35 ? 8.254   7.357   -10.852 1.00 18.98 ? 35   TYR A OH  1 
ATOM   293  N  N   . ASP A 1 36 ? 0.112   9.203   -8.358  1.00 9.73  ? 36   ASP A N   1 
ATOM   294  C  CA  . ASP A 1 36 ? -1.211  9.193   -7.850  1.00 8.58  ? 36   ASP A CA  1 
ATOM   295  C  C   . ASP A 1 36 ? -1.672  7.723   -7.821  1.00 9.98  ? 36   ASP A C   1 
ATOM   296  O  O   . ASP A 1 36 ? -1.279  6.945   -8.699  1.00 11.26 ? 36   ASP A O   1 
ATOM   297  C  CB  . ASP A 1 36 ? -2.126  10.020  -8.735  1.00 10.28 ? 36   ASP A CB  1 
ATOM   298  C  CG  . ASP A 1 36 ? -1.820  11.507  -8.694  1.00 10.24 ? 36   ASP A CG  1 
ATOM   299  O  OD1 . ASP A 1 36 ? -1.412  12.012  -7.623  1.00 11.14 ? 36   ASP A OD1 1 
ATOM   300  O  OD2 . ASP A 1 36 ? -1.996  12.101  -9.777  1.00 13.40 ? 36   ASP A OD2 1 
ATOM   301  N  N   . LEU A 1 37 ? -2.418  7.348   -6.817  1.00 10.40 ? 37   LEU A N   1 
ATOM   302  C  CA  . LEU A 1 37 ? -2.899  6.000   -6.564  1.00 9.55  ? 37   LEU A CA  1 
ATOM   303  C  C   . LEU A 1 37 ? -4.356  6.043   -6.080  1.00 9.26  ? 37   LEU A C   1 
ATOM   304  O  O   . LEU A 1 37 ? -4.804  7.086   -5.573  1.00 9.70  ? 37   LEU A O   1 
ATOM   305  C  CB  . LEU A 1 37 ? -2.043  5.349   -5.497  1.00 10.62 ? 37   LEU A CB  1 
ATOM   306  C  CG  . LEU A 1 37 ? -0.596  5.008   -5.808  1.00 9.89  ? 37   LEU A CG  1 
ATOM   307  C  CD1 . LEU A 1 37 ? 0.092   4.441   -4.590  1.00 11.96 ? 37   LEU A CD1 1 
ATOM   308  C  CD2 . LEU A 1 37 ? -0.476  4.026   -6.956  1.00 11.44 ? 37   LEU A CD2 1 
ATOM   309  N  N   . PRO A 1 38 ? -5.094  4.972   -6.275  1.00 9.27  ? 38   PRO A N   1 
ATOM   310  C  CA  . PRO A 1 38 ? -6.524  5.044   -5.916  1.00 9.89  ? 38   PRO A CA  1 
ATOM   311  C  C   . PRO A 1 38 ? -6.727  5.230   -4.439  1.00 9.70  ? 38   PRO A C   1 
ATOM   312  O  O   . PRO A 1 38 ? -6.034  4.634   -3.611  1.00 9.95  ? 38   PRO A O   1 
ATOM   313  C  CB  . PRO A 1 38 ? -7.036  3.673   -6.342  1.00 11.15 ? 38   PRO A CB  1 
ATOM   314  C  CG  A PRO A 1 38 ? -5.819  2.807   -6.393  0.60 11.59 ? 38   PRO A CG  1 
ATOM   315  C  CG  B PRO A 1 38 ? -6.080  3.206   -7.369  0.40 10.53 ? 38   PRO A CG  1 
ATOM   316  C  CD  . PRO A 1 38 ? -4.713  3.730   -6.929  1.00 9.90  ? 38   PRO A CD  1 
ATOM   317  N  N   . PHE A 1 39 ? -7.759  5.971   -4.059  1.00 9.44  ? 39   PHE A N   1 
ATOM   318  C  CA  . PHE A 1 39 ? -8.171  6.060   -2.699  1.00 8.17  ? 39   PHE A CA  1 
ATOM   319  C  C   . PHE A 1 39 ? -9.604  6.656   -2.674  1.00 8.85  ? 39   PHE A C   1 
ATOM   320  O  O   . PHE A 1 39 ? -10.028 7.263   -3.634  1.00 9.48  ? 39   PHE A O   1 
ATOM   321  C  CB  . PHE A 1 39 ? -7.242  6.981   -1.867  1.00 8.83  ? 39   PHE A CB  1 
ATOM   322  C  CG  . PHE A 1 39 ? -7.222  8.421   -2.260  1.00 8.93  ? 39   PHE A CG  1 
ATOM   323  C  CD1 . PHE A 1 39 ? -8.061  9.365   -1.677  1.00 11.72 ? 39   PHE A CD1 1 
ATOM   324  C  CD2 . PHE A 1 39 ? -6.413  8.911   -3.234  1.00 8.76  ? 39   PHE A CD2 1 
ATOM   325  C  CE1 . PHE A 1 39 ? -8.080  10.697  -2.011  1.00 10.97 ? 39   PHE A CE1 1 
ATOM   326  C  CE2 . PHE A 1 39 ? -6.369  10.283  -3.602  1.00 10.00 ? 39   PHE A CE2 1 
ATOM   327  C  CZ  . PHE A 1 39 ? -7.183  11.171  -2.967  1.00 11.11 ? 39   PHE A CZ  1 
ATOM   328  N  N   . SER A 1 40 ? -10.254 6.567   -1.534  1.00 9.35  ? 40   SER A N   1 
ATOM   329  C  CA  . SER A 1 40 ? -11.530 7.175   -1.279  1.00 8.75  ? 40   SER A CA  1 
ATOM   330  C  C   . SER A 1 40 ? -11.591 7.770   0.147   1.00 8.57  ? 40   SER A C   1 
ATOM   331  O  O   . SER A 1 40 ? -11.452 8.994   0.333   1.00 9.46  ? 40   SER A O   1 
ATOM   332  C  CB  . SER A 1 40 ? -12.717 6.187   -1.427  1.00 12.12 ? 40   SER A CB  1 
ATOM   333  O  OG  . SER A 1 40 ? -13.957 6.844   -1.283  1.00 14.00 ? 40   SER A OG  1 
ATOM   334  N  N   . CYS A 1 41 ? -11.712 6.924   1.177   1.00 9.92  ? 41   CYS A N   1 
ATOM   335  C  CA  . CYS A 1 41 ? -11.867 7.391   2.541   1.00 10.26 ? 41   CYS A CA  1 
ATOM   336  C  C   . CYS A 1 41 ? -10.615 7.945   3.196   1.00 10.15 ? 41   CYS A C   1 
ATOM   337  O  O   . CYS A 1 41 ? -10.709 8.812   4.085   1.00 12.03 ? 41   CYS A O   1 
ATOM   338  C  CB  . CYS A 1 41 ? -12.498 6.275   3.417   1.00 10.80 ? 41   CYS A CB  1 
ATOM   339  S  SG  . CYS A 1 41 ? -11.371 4.944   3.935   1.00 10.64 ? 41   CYS A SG  1 
ATOM   340  N  N   . ARG A 1 42 ? -9.455  7.455   2.812   1.00 8.91  ? 42   ARG A N   1 
ATOM   341  C  CA  . ARG A 1 42 ? -8.166  7.753   3.383   1.00 9.55  ? 42   ARG A CA  1 
ATOM   342  C  C   . ARG A 1 42 ? -8.074  7.480   4.862   1.00 10.63 ? 42   ARG A C   1 
ATOM   343  O  O   . ARG A 1 42 ? -7.278  8.129   5.565   1.00 14.48 ? 42   ARG A O   1 
ATOM   344  C  CB  . ARG A 1 42 ? -7.702  9.137   3.069   1.00 11.68 ? 42   ARG A CB  1 
ATOM   345  C  CG  . ARG A 1 42 ? -7.540  9.493   1.631   1.00 13.62 ? 42   ARG A CG  1 
ATOM   346  C  CD  . ARG A 1 42 ? -6.809  10.829  1.506   1.00 13.35 ? 42   ARG A CD  1 
ATOM   347  N  NE  . ARG A 1 42 ? -5.347  10.907  1.621   1.00 12.47 ? 42   ARG A NE  1 
ATOM   348  C  CZ  . ARG A 1 42 ? -4.463  10.843  0.622   1.00 10.06 ? 42   ARG A CZ  1 
ATOM   349  N  NH1 . ARG A 1 42 ? -4.876  10.659  -0.630  1.00 9.74  ? 42   ARG A NH1 1 
ATOM   350  N  NH2 . ARG A 1 42 ? -3.169  10.966  0.766   1.00 11.27 ? 42   ARG A NH2 1 
ATOM   351  N  N   . ALA A 1 43 ? -8.909  6.570   5.366   1.00 9.87  ? 43   ALA A N   1 
ATOM   352  C  CA  . ALA A 1 43 ? -9.045  6.332   6.775   1.00 11.35 ? 43   ALA A CA  1 
ATOM   353  C  C   . ALA A 1 43 ? -8.979  4.861   7.193   1.00 11.46 ? 43   ALA A C   1 
ATOM   354  O  O   . ALA A 1 43 ? -9.237  4.528   8.356   1.00 14.36 ? 43   ALA A O   1 
ATOM   355  C  CB  . ALA A 1 43 ? -10.347 6.973   7.295   1.00 12.95 ? 43   ALA A CB  1 
ATOM   356  N  N   . GLY A 1 44 ? -8.572  3.980   6.300   1.00 10.20 ? 44   GLY A N   1 
ATOM   357  C  CA  . GLY A 1 44 ? -8.459  2.554   6.625   1.00 11.93 ? 44   GLY A CA  1 
ATOM   358  C  C   . GLY A 1 44 ? -9.796  1.828   6.656   1.00 10.37 ? 44   GLY A C   1 
ATOM   359  O  O   . GLY A 1 44 ? -9.781  0.731   7.208   1.00 11.13 ? 44   GLY A O   1 
ATOM   360  N  N   . ALA A 1 45 ? -10.837 2.418   6.128   1.00 10.64 ? 45   ALA A N   1 
ATOM   361  C  CA  . ALA A 1 45 ? -12.225 1.917   6.324   1.00 11.58 ? 45   ALA A CA  1 
ATOM   362  C  C   . ALA A 1 45 ? -12.901 1.560   5.021   1.00 11.41 ? 45   ALA A C   1 
ATOM   363  O  O   . ALA A 1 45 ? -14.109 1.480   4.969   1.00 15.94 ? 45   ALA A O   1 
ATOM   364  C  CB  . ALA A 1 45 ? -13.045 2.925   7.129   1.00 13.36 ? 45   ALA A CB  1 
ATOM   365  N  N   . CYS A 1 46 ? -12.156 1.292   3.931   1.00 11.38 ? 46   CYS A N   1 
ATOM   366  C  CA  . CYS A 1 46 ? -12.729 0.896   2.636   1.00 12.35 ? 46   CYS A CA  1 
ATOM   367  C  C   . CYS A 1 46 ? -11.684 0.033   1.950   1.00 12.38 ? 46   CYS A C   1 
ATOM   368  O  O   . CYS A 1 46 ? -10.684 -0.332  2.568   1.00 12.86 ? 46   CYS A O   1 
ATOM   369  C  CB  . CYS A 1 46 ? -13.249 2.095   1.852   1.00 11.16 ? 46   CYS A CB  1 
ATOM   370  S  SG  . CYS A 1 46 ? -11.990 3.011   0.859   1.00 11.23 ? 46   CYS A SG  1 
ATOM   371  N  N   . SER A 1 47 ? -11.936 -0.321  0.716   1.00 12.16 ? 47   SER A N   1 
ATOM   372  C  CA  . SER A 1 47 ? -10.958 -1.144  -0.011  1.00 12.82 ? 47   SER A CA  1 
ATOM   373  C  C   . SER A 1 47 ? -10.325 -0.425  -1.198  1.00 10.99 ? 47   SER A C   1 
ATOM   374  O  O   . SER A 1 47 ? -9.572  -1.020  -1.953  1.00 11.39 ? 47   SER A O   1 
ATOM   375  C  CB  . SER A 1 47 ? -11.667 -2.432  -0.433  1.00 16.73 ? 47   SER A CB  1 
ATOM   376  O  OG  . SER A 1 47 ? -12.734 -2.180  -1.287  1.00 21.45 ? 47   SER A OG  1 
ATOM   377  N  N   . THR A 1 48 ? -10.635 0.865   -1.401  1.00 9.89  ? 48   THR A N   1 
ATOM   378  C  CA  . THR A 1 48 ? -10.252 1.532   -2.630  1.00 9.85  ? 48   THR A CA  1 
ATOM   379  C  C   . THR A 1 48 ? -8.736  1.564   -2.842  1.00 9.91  ? 48   THR A C   1 
ATOM   380  O  O   . THR A 1 48 ? -8.271  1.412   -3.953  1.00 9.71  ? 48   THR A O   1 
ATOM   381  C  CB  . THR A 1 48 ? -10.849 2.953   -2.704  1.00 10.56 ? 48   THR A CB  1 
ATOM   382  O  OG1 . THR A 1 48 ? -12.285 2.844   -2.612  1.00 12.24 ? 48   THR A OG1 1 
ATOM   383  C  CG2 . THR A 1 48 ? -10.554 3.624   -4.034  1.00 11.60 ? 48   THR A CG2 1 
ATOM   384  N  N   . CYS A 1 49 ? -7.978  1.756   -1.762  1.00 8.95  ? 49   CYS A N   1 
ATOM   385  C  CA  . CYS A 1 49 ? -6.533  1.866   -1.859  1.00 9.00  ? 49   CYS A CA  1 
ATOM   386  C  C   . CYS A 1 49 ? -5.779  0.565   -1.693  1.00 8.74  ? 49   CYS A C   1 
ATOM   387  O  O   . CYS A 1 49 ? -4.568  0.519   -1.486  1.00 9.66  ? 49   CYS A O   1 
ATOM   388  C  CB  . CYS A 1 49 ? -6.067  2.838   -0.767  1.00 8.97  ? 49   CYS A CB  1 
ATOM   389  S  SG  . CYS A 1 49 ? -6.247  2.130   0.880   1.00 8.78  ? 49   CYS A SG  1 
ATOM   390  N  N   . ALA A 1 50 ? -6.482  -0.560  -1.790  1.00 9.33  ? 50   ALA A N   1 
ATOM   391  C  CA  . ALA A 1 50 ? -5.843  -1.822  -1.480  1.00 8.43  ? 50   ALA A CA  1 
ATOM   392  C  C   . ALA A 1 50 ? -4.683  -2.127  -2.399  1.00 8.76  ? 50   ALA A C   1 
ATOM   393  O  O   . ALA A 1 50 ? -4.721  -1.893  -3.638  1.00 9.34  ? 50   ALA A O   1 
ATOM   394  C  CB  . ALA A 1 50 ? -6.888  -2.951  -1.616  1.00 10.34 ? 50   ALA A CB  1 
ATOM   395  N  N   . GLY A 1 51 ? -3.621  -2.701  -1.792  1.00 8.81  ? 51   GLY A N   1 
ATOM   396  C  CA  . GLY A 1 51 ? -2.511  -3.258  -2.526  1.00 9.02  ? 51   GLY A CA  1 
ATOM   397  C  C   . GLY A 1 51 ? -2.220  -4.634  -1.997  1.00 8.60  ? 51   GLY A C   1 
ATOM   398  O  O   . GLY A 1 51 ? -2.835  -5.067  -1.046  1.00 9.39  ? 51   GLY A O   1 
ATOM   399  N  N   . LYS A 1 52 ? -1.222  -5.278  -2.582  1.00 9.07  ? 52   LYS A N   1 
ATOM   400  C  CA  . LYS A 1 52 ? -0.895  -6.625  -2.144  1.00 9.51  ? 52   LYS A CA  1 
ATOM   401  C  C   . LYS A 1 52 ? 0.632   -6.758  -2.121  1.00 8.57  ? 52   LYS A C   1 
ATOM   402  O  O   . LYS A 1 52 ? 1.319   -6.483  -3.101  1.00 9.77  ? 52   LYS A O   1 
ATOM   403  C  CB  . LYS A 1 52 ? -1.494  -7.631  -3.122  1.00 11.22 ? 52   LYS A CB  1 
ATOM   404  C  CG  . LYS A 1 52 ? -1.348  -9.069  -2.643  1.00 12.63 ? 52   LYS A CG  1 
ATOM   405  C  CD  . LYS A 1 52 ? -1.861  -10.064 -3.670  1.00 13.13 ? 52   LYS A CD  1 
ATOM   406  C  CE  . LYS A 1 52 ? -2.064  -11.449 -3.103  1.00 14.74 ? 52   LYS A CE  1 
ATOM   407  N  NZ  . LYS A 1 52 ? -0.854  -12.127 -2.528  1.00 24.60 ? 52   LYS A NZ  1 
ATOM   408  N  N   . LEU A 1 53 ? 1.162   -7.146  -0.984  1.00 9.61  ? 53   LEU A N   1 
ATOM   409  C  CA  . LEU A 1 53 ? 2.607   -7.258  -0.855  1.00 10.04 ? 53   LEU A CA  1 
ATOM   410  C  C   . LEU A 1 53 ? 3.172   -8.350  -1.742  1.00 10.29 ? 53   LEU A C   1 
ATOM   411  O  O   . LEU A 1 53 ? 2.651   -9.480  -1.835  1.00 13.82 ? 53   LEU A O   1 
ATOM   412  C  CB  . LEU A 1 53 ? 2.934   -7.593  0.608   1.00 10.61 ? 53   LEU A CB  1 
ATOM   413  C  CG  . LEU A 1 53 ? 2.675   -6.458  1.593   1.00 11.81 ? 53   LEU A CG  1 
ATOM   414  C  CD1 . LEU A 1 53 ? 2.688   -6.977  3.019   1.00 13.72 ? 53   LEU A CD1 1 
ATOM   415  C  CD2 . LEU A 1 53 ? 3.696   -5.350  1.410   1.00 11.48 ? 53   LEU A CD2 1 
ATOM   416  N  N   . VAL A 1 54 ? 4.317   -8.059  -2.270  1.00 10.27 ? 54   VAL A N   1 
ATOM   417  C  CA  . VAL A 1 54 ? 5.224   -9.015  -2.955  1.00 11.81 ? 54   VAL A CA  1 
ATOM   418  C  C   . VAL A 1 54 ? 6.330   -9.399  -1.980  1.00 11.77 ? 54   VAL A C   1 
ATOM   419  O  O   . VAL A 1 54 ? 6.697   -10.537 -1.833  1.00 13.71 ? 54   VAL A O   1 
ATOM   420  C  CB  . VAL A 1 54 ? 5.794   -8.460  -4.261  1.00 11.92 ? 54   VAL A CB  1 
ATOM   421  C  CG1 . VAL A 1 54 ? 6.691   -9.439  -4.994  1.00 14.87 ? 54   VAL A CG1 1 
ATOM   422  C  CG2 . VAL A 1 54 ? 4.652   -8.177  -5.224  1.00 13.55 ? 54   VAL A CG2 1 
ATOM   423  N  N   . SER A 1 55 ? 6.927   -8.427  -1.293  1.00 11.82 ? 55   SER A N   1 
ATOM   424  C  CA  . SER A 1 55 ? 7.995   -8.648  -0.318  1.00 11.39 ? 55   SER A CA  1 
ATOM   425  C  C   . SER A 1 55 ? 8.029   -7.450  0.609   1.00 9.75  ? 55   SER A C   1 
ATOM   426  O  O   . SER A 1 55 ? 7.583   -6.328  0.316   1.00 11.24 ? 55   SER A O   1 
ATOM   427  C  CB  . SER A 1 55 ? 9.364   -8.810  -1.000  1.00 12.76 ? 55   SER A CB  1 
ATOM   428  O  OG  . SER A 1 55 ? 9.763   -7.640  -1.694  1.00 13.76 ? 55   SER A OG  1 
ATOM   429  N  N   . GLY A 1 56 ? 8.522   -7.672  1.836   1.00 12.97 ? 56   GLY A N   1 
ATOM   430  C  CA  . GLY A 1 56 ? 8.662   -6.676  2.873   1.00 12.02 ? 56   GLY A CA  1 
ATOM   431  C  C   . GLY A 1 56 ? 7.475   -6.566  3.778   1.00 12.78 ? 56   GLY A C   1 
ATOM   432  O  O   . GLY A 1 56 ? 6.523   -7.326  3.547   1.00 13.43 ? 56   GLY A O   1 
ATOM   433  N  N   . THR A 1 57 ? 7.579   -5.663  4.739   1.00 11.17 ? 57   THR A N   1 
ATOM   434  C  CA  . THR A 1 57 ? 6.564   -5.573  5.758   1.00 11.53 ? 57   THR A CA  1 
ATOM   435  C  C   . THR A 1 57 ? 6.059   -4.155  5.932   1.00 10.38 ? 57   THR A C   1 
ATOM   436  O  O   . THR A 1 57 ? 6.750   -3.185  5.636   1.00 10.46 ? 57   THR A O   1 
ATOM   437  C  CB  . THR A 1 57 ? 7.110   -6.132  7.090   1.00 12.72 ? 57   THR A CB  1 
ATOM   438  O  OG1 . THR A 1 57 ? 8.313   -5.420  7.399   1.00 13.60 ? 57   THR A OG1 1 
ATOM   439  C  CG2 . THR A 1 57 ? 7.461   -7.588  7.137   1.00 13.71 ? 57   THR A CG2 1 
ATOM   440  N  N   . VAL A 1 58 ? 4.850   -4.042  6.442   1.00 11.13 ? 58   VAL A N   1 
ATOM   441  C  CA  . VAL A 1 58 ? 4.190   -2.772  6.820   1.00 10.63 ? 58   VAL A CA  1 
ATOM   442  C  C   . VAL A 1 58 ? 3.617   -2.834  8.234   1.00 10.40 ? 58   VAL A C   1 
ATOM   443  O  O   . VAL A 1 58 ? 3.248   -3.905  8.741   1.00 12.78 ? 58   VAL A O   1 
ATOM   444  C  CB  . VAL A 1 58 ? 3.100   -2.338  5.825   1.00 11.18 ? 58   VAL A CB  1 
ATOM   445  C  CG1 . VAL A 1 58 ? 3.722   -2.206  4.414   1.00 11.95 ? 58   VAL A CG1 1 
ATOM   446  C  CG2 . VAL A 1 58 ? 1.932   -3.315  5.751   1.00 14.64 ? 58   VAL A CG2 1 
ATOM   447  N  N   . ASP A 1 59 ? 3.361   -1.662  8.751   1.00 10.38 ? 59   ASP A N   1 
ATOM   448  C  CA  . ASP A 1 59 ? 2.510   -1.508  9.955   1.00 10.68 ? 59   ASP A CA  1 
ATOM   449  C  C   . ASP A 1 59 ? 1.267   -0.798  9.500   1.00 10.02 ? 59   ASP A C   1 
ATOM   450  O  O   . ASP A 1 59 ? 1.318   0.405   9.209   1.00 10.87 ? 59   ASP A O   1 
ATOM   451  C  CB  . ASP A 1 59 ? 3.235   -0.694  11.036  1.00 14.05 ? 59   ASP A CB  1 
ATOM   452  C  CG  . ASP A 1 59 ? 2.326   -0.217  12.161  1.00 14.60 ? 59   ASP A CG  1 
ATOM   453  O  OD1 . ASP A 1 59 ? 1.271   -0.815  12.306  1.00 15.73 ? 59   ASP A OD1 1 
ATOM   454  O  OD2 . ASP A 1 59 ? 2.736   0.788   12.794  1.00 22.18 ? 59   ASP A OD2 1 
ATOM   455  N  N   . GLN A 1 60 ? 0.150   -1.511  9.377   1.00 11.43 ? 60   GLN A N   1 
ATOM   456  C  CA  . GLN A 1 60 ? -1.127  -0.969  8.999   1.00 10.09 ? 60   GLN A CA  1 
ATOM   457  C  C   . GLN A 1 60 ? -2.124  -1.126  10.153  1.00 11.21 ? 60   GLN A C   1 
ATOM   458  O  O   . GLN A 1 60 ? -3.303  -1.296  9.882   1.00 11.96 ? 60   GLN A O   1 
ATOM   459  C  CB  . GLN A 1 60 ? -1.652  -1.592  7.702   1.00 10.58 ? 60   GLN A CB  1 
ATOM   460  C  CG  . GLN A 1 60 ? -1.891  -3.071  7.751   1.00 10.83 ? 60   GLN A CG  1 
ATOM   461  C  CD  . GLN A 1 60 ? -2.483  -3.598  6.454   1.00 10.74 ? 60   GLN A CD  1 
ATOM   462  O  OE1 . GLN A 1 60 ? -3.253  -2.907  5.766   1.00 11.35 ? 60   GLN A OE1 1 
ATOM   463  N  NE2 . GLN A 1 60 ? -2.167  -4.810  6.146   1.00 13.41 ? 60   GLN A NE2 1 
ATOM   464  N  N   . SER A 1 61 ? -1.656  -0.998  11.384  1.00 11.74 ? 61   SER A N   1 
ATOM   465  C  CA  . SER A 1 61 ? -2.525  -1.150  12.523  1.00 13.29 ? 61   SER A CA  1 
ATOM   466  C  C   . SER A 1 61 ? -3.670  -0.155  12.545  1.00 13.46 ? 61   SER A C   1 
ATOM   467  O  O   . SER A 1 61 ? -4.630  -0.376  13.235  1.00 13.94 ? 61   SER A O   1 
ATOM   468  C  CB  . SER A 1 61 ? -1.800  -1.169  13.894  1.00 16.49 ? 61   SER A CB  1 
ATOM   469  O  OG  . SER A 1 61 ? -1.109  0.001   14.075  1.00 23.56 ? 61   SER A OG  1 
ATOM   470  N  N   . ASP A 1 62 ? -3.535  0.980   11.855  1.00 12.82 ? 62   ASP A N   1 
ATOM   471  C  CA  . ASP A 1 62 ? -4.606  1.987   11.812  1.00 14.16 ? 62   ASP A CA  1 
ATOM   472  C  C   . ASP A 1 62 ? -5.755  1.486   10.952  1.00 13.11 ? 62   ASP A C   1 
ATOM   473  O  O   . ASP A 1 62 ? -6.847  2.115   10.925  1.00 18.77 ? 62   ASP A O   1 
ATOM   474  C  CB  . ASP A 1 62 ? -4.034  3.317   11.276  1.00 14.83 ? 62   ASP A CB  1 
ATOM   475  C  CG  . ASP A 1 62 ? -3.145  4.029   12.274  1.00 15.38 ? 62   ASP A CG  1 
ATOM   476  O  OD1 . ASP A 1 62 ? -3.190  3.805   13.470  1.00 19.32 ? 62   ASP A OD1 1 
ATOM   477  O  OD2 . ASP A 1 62 ? -2.327  4.881   11.825  1.00 16.21 ? 62   ASP A OD2 1 
ATOM   478  N  N   . GLN A 1 63 ? -5.570  0.411   10.182  1.00 11.84 ? 63   GLN A N   1 
ATOM   479  C  CA  . GLN A 1 63 ? -6.608  -0.086  9.285   1.00 10.65 ? 63   GLN A CA  1 
ATOM   480  C  C   . GLN A 1 63 ? -7.728  -0.745  10.086  1.00 11.36 ? 63   GLN A C   1 
ATOM   481  O  O   . GLN A 1 63 ? -7.485  -1.316  11.133  1.00 14.36 ? 63   GLN A O   1 
ATOM   482  C  CB  . GLN A 1 63 ? -6.033  -1.025  8.217   1.00 10.28 ? 63   GLN A CB  1 
ATOM   483  C  CG  . GLN A 1 63 ? -5.884  -2.473  8.648   1.00 10.38 ? 63   GLN A CG  1 
ATOM   484  C  CD  . GLN A 1 63 ? -7.110  -3.332  8.263   1.00 11.66 ? 63   GLN A CD  1 
ATOM   485  O  OE1 . GLN A 1 63 ? -7.774  -3.015  7.287   1.00 12.27 ? 63   GLN A OE1 1 
ATOM   486  N  NE2 . GLN A 1 63 ? -7.427  -4.295  9.123   1.00 13.49 ? 63   GLN A NE2 1 
ATOM   487  N  N   . SER A 1 64 ? -8.909  -0.781  9.453   1.00 11.69 ? 64   SER A N   1 
ATOM   488  C  CA  . SER A 1 64 ? -10.027 -1.513  10.033  1.00 13.46 ? 64   SER A CA  1 
ATOM   489  C  C   . SER A 1 64 ? -10.796 -2.351  9.073   1.00 15.08 ? 64   SER A C   1 
ATOM   490  O  O   . SER A 1 64 ? -11.433 -3.326  9.478   1.00 22.41 ? 64   SER A O   1 
ATOM   491  C  CB  . SER A 1 64 ? -10.981 -0.555  10.763  1.00 15.16 ? 64   SER A CB  1 
ATOM   492  O  OG  . SER A 1 64 ? -11.510 0.469   9.995   1.00 17.86 ? 64   SER A OG  1 
ATOM   493  N  N   . PHE A 1 65 ? -10.724 -2.108  7.787   1.00 13.10 ? 65   PHE A N   1 
ATOM   494  C  CA  . PHE A 1 65 ? -11.563 -2.799  6.820   1.00 12.47 ? 65   PHE A CA  1 
ATOM   495  C  C   . PHE A 1 65 ? -11.188 -4.249  6.558   1.00 12.45 ? 65   PHE A C   1 
ATOM   496  O  O   . PHE A 1 65 ? -12.075 -5.084  6.376   1.00 14.08 ? 65   PHE A O   1 
ATOM   497  C  CB  . PHE A 1 65 ? -11.668 -1.962  5.520   1.00 13.27 ? 65   PHE A CB  1 
ATOM   498  C  CG  . PHE A 1 65 ? -12.566 -2.499  4.443   1.00 15.37 ? 65   PHE A CG  1 
ATOM   499  C  CD1 . PHE A 1 65 ? -13.855 -2.175  4.291   1.00 18.50 ? 65   PHE A CD1 1 
ATOM   500  C  CD2 . PHE A 1 65 ? -12.059 -3.390  3.506   1.00 18.05 ? 65   PHE A CD2 1 
ATOM   501  C  CE1 . PHE A 1 65 ? -14.736 -2.625  3.320   1.00 21.79 ? 65   PHE A CE1 1 
ATOM   502  C  CE2 . PHE A 1 65 ? -12.918 -3.946  2.599   1.00 21.92 ? 65   PHE A CE2 1 
ATOM   503  C  CZ  . PHE A 1 65 ? -14.226 -3.572  2.461   1.00 23.85 ? 65   PHE A CZ  1 
ATOM   504  N  N   . LEU A 1 66 ? -9.905  -4.543  6.426   1.00 11.52 ? 66   LEU A N   1 
ATOM   505  C  CA  . LEU A 1 66 ? -9.458  -5.862  6.068   1.00 10.73 ? 66   LEU A CA  1 
ATOM   506  C  C   . LEU A 1 66 ? -9.638  -6.831  7.250   1.00 10.85 ? 66   LEU A C   1 
ATOM   507  O  O   . LEU A 1 66 ? -9.343  -6.502  8.387   1.00 15.17 ? 66   LEU A O   1 
ATOM   508  C  CB  . LEU A 1 66 ? -8.018  -5.880  5.606   1.00 10.13 ? 66   LEU A CB  1 
ATOM   509  C  CG  . LEU A 1 66 ? -7.631  -5.053  4.385   1.00 10.17 ? 66   LEU A CG  1 
ATOM   510  C  CD1 . LEU A 1 66 ? -6.138  -5.050  4.151   1.00 11.14 ? 66   LEU A CD1 1 
ATOM   511  C  CD2 . LEU A 1 66 ? -8.336  -5.547  3.164   1.00 12.67 ? 66   LEU A CD2 1 
ATOM   512  N  N   . ASP A 1 67 ? -10.065 -8.023  6.891   1.00 11.15 ? 67   ASP A N   1 
ATOM   513  C  CA  . ASP A 1 67 ? -10.134 -9.081  7.877   1.00 12.35 ? 67   ASP A CA  1 
ATOM   514  C  C   . ASP A 1 67 ? -8.796  -9.761  8.033   1.00 12.27 ? 67   ASP A C   1 
ATOM   515  O  O   . ASP A 1 67 ? -7.843  -9.511  7.249   1.00 12.82 ? 67   ASP A O   1 
ATOM   516  C  CB  . ASP A 1 67 ? -11.281 -10.035 7.554   1.00 12.39 ? 67   ASP A CB  1 
ATOM   517  C  CG  . ASP A 1 67 ? -11.145 -10.946 6.374   1.00 14.84 ? 67   ASP A CG  1 
ATOM   518  O  OD1 . ASP A 1 67 ? -10.017 -11.319 6.068   1.00 14.43 ? 67   ASP A OD1 1 
ATOM   519  O  OD2 . ASP A 1 67 ? -12.198 -11.302 5.718   1.00 15.28 ? 67   ASP A OD2 1 
ATOM   520  N  N   . ASP A 1 68 ? -8.649  -10.654 9.003   1.00 14.56 ? 68   ASP A N   1 
ATOM   521  C  CA  . ASP A 1 68 ? -7.351  -11.237 9.278   1.00 15.42 ? 68   ASP A CA  1 
ATOM   522  C  C   . ASP A 1 68 ? -6.873  -12.119 8.137   1.00 12.70 ? 68   ASP A C   1 
ATOM   523  O  O   . ASP A 1 68 ? -5.655  -12.187 7.882   1.00 13.67 ? 68   ASP A O   1 
ATOM   524  C  CB  . ASP A 1 68 ? -7.354  -12.046 10.592  1.00 17.24 ? 68   ASP A CB  1 
ATOM   525  C  CG  A ASP A 1 68 ? -7.595  -11.158 11.800  0.54 17.68 ? 68   ASP A CG  1 
ATOM   526  C  CG  B ASP A 1 68 ? -6.782  -11.287 11.772  0.46 21.05 ? 68   ASP A CG  1 
ATOM   527  O  OD1 A ASP A 1 68 ? -7.476  -9.908  11.696  0.54 18.89 ? 68   ASP A OD1 1 
ATOM   528  O  OD1 B ASP A 1 68 ? -6.408  -10.101 11.723  0.46 23.44 ? 68   ASP A OD1 1 
ATOM   529  O  OD2 A ASP A 1 68 ? -7.904  -11.743 12.862  0.54 19.84 ? 68   ASP A OD2 1 
ATOM   530  O  OD2 B ASP A 1 68 ? -6.696  -11.905 12.856  0.46 27.37 ? 68   ASP A OD2 1 
ATOM   531  N  N   . ASP A 1 69 ? -7.793  -12.801 7.473   1.00 12.65 ? 69   ASP A N   1 
ATOM   532  C  CA  . ASP A 1 69 ? -7.419  -13.650 6.335   1.00 12.04 ? 69   ASP A CA  1 
ATOM   533  C  C   . ASP A 1 69 ? -6.858  -12.845 5.181   1.00 12.30 ? 69   ASP A C   1 
ATOM   534  O  O   . ASP A 1 69 ? -5.893  -13.268 4.513   1.00 12.78 ? 69   ASP A O   1 
ATOM   535  C  CB  . ASP A 1 69 ? -8.609  -14.523 5.974   1.00 12.23 ? 69   ASP A CB  1 
ATOM   536  C  CG  . ASP A 1 69 ? -8.964  -15.573 6.975   1.00 13.93 ? 69   ASP A CG  1 
ATOM   537  O  OD1 . ASP A 1 69 ? -8.107  -16.153 7.660   1.00 17.94 ? 69   ASP A OD1 1 
ATOM   538  O  OD2 . ASP A 1 69 ? -10.148 -15.901 7.074   1.00 18.79 ? 69   ASP A OD2 1 
ATOM   539  N  N   . GLN A 1 70 ? -7.492  -11.719 4.864   1.00 11.09 ? 70   GLN A N   1 
ATOM   540  C  CA  . GLN A 1 70 ? -7.040  -10.835 3.817   1.00 10.98 ? 70   GLN A CA  1 
ATOM   541  C  C   . GLN A 1 70 ? -5.638  -10.329 4.131   1.00 10.41 ? 70   GLN A C   1 
ATOM   542  O  O   . GLN A 1 70 ? -4.766  -10.196 3.235   1.00 11.37 ? 70   GLN A O   1 
ATOM   543  C  CB  . GLN A 1 70 ? -8.008  -9.658  3.619   1.00 11.87 ? 70   GLN A CB  1 
ATOM   544  C  CG  . GLN A 1 70 ? -9.361  -10.167 3.057   1.00 12.59 ? 70   GLN A CG  1 
ATOM   545  C  CD  . GLN A 1 70 ? -10.399 -9.080  3.062   1.00 11.51 ? 70   GLN A CD  1 
ATOM   546  O  OE1 . GLN A 1 70 ? -10.515 -8.372  4.071   1.00 13.10 ? 70   GLN A OE1 1 
ATOM   547  N  NE2 . GLN A 1 70 ? -11.106 -8.892  1.953   1.00 14.23 ? 70   GLN A NE2 1 
ATOM   548  N  N   . ILE A 1 71 ? -5.461  -9.962  5.420   1.00 10.76 ? 71   ILE A N   1 
ATOM   549  C  CA  . ILE A 1 71 ? -4.084  -9.524  5.789   1.00 11.29 ? 71   ILE A CA  1 
ATOM   550  C  C   . ILE A 1 71 ? -3.055  -10.646 5.595   1.00 11.29 ? 71   ILE A C   1 
ATOM   551  O  O   . ILE A 1 71 ? -1.954  -10.436 5.125   1.00 11.51 ? 71   ILE A O   1 
ATOM   552  C  CB  A ILE A 1 71 ? -4.064  -9.054  7.249   0.12 12.80 ? 71   ILE A CB  1 
ATOM   553  C  CB  B ILE A 1 71 ? -4.153  -9.020  7.230   0.88 12.58 ? 71   ILE A CB  1 
ATOM   554  C  CG1 A ILE A 1 71 ? -5.127  -7.992  7.561   0.12 13.40 ? 71   ILE A CG1 1 
ATOM   555  C  CG1 B ILE A 1 71 ? -4.952  -7.699  7.317   0.88 13.58 ? 71   ILE A CG1 1 
ATOM   556  C  CG2 A ILE A 1 71 ? -2.686  -8.557  7.645   0.12 13.49 ? 71   ILE A CG2 1 
ATOM   557  C  CG2 B ILE A 1 71 ? -2.816  -8.884  7.854   0.88 13.74 ? 71   ILE A CG2 1 
ATOM   558  C  CD1 A ILE A 1 71 ? -4.942  -6.737  6.729   0.12 12.72 ? 71   ILE A CD1 1 
ATOM   559  C  CD1 B ILE A 1 71 ? -5.249  -7.322  8.758   0.88 17.98 ? 71   ILE A CD1 1 
ATOM   560  N  N   . GLU A 1 72 ? -3.428  -11.838 5.985   1.00 11.61 ? 72   GLU A N   1 
ATOM   561  C  CA  . GLU A 1 72 ? -2.555  -12.997 5.823   1.00 12.11 ? 72   GLU A CA  1 
ATOM   562  C  C   . GLU A 1 72 ? -2.159  -13.216 4.356   1.00 14.08 ? 72   GLU A C   1 
ATOM   563  O  O   . GLU A 1 72 ? -0.996  -13.603 4.078   1.00 15.37 ? 72   GLU A O   1 
ATOM   564  C  CB  A GLU A 1 72 ? -3.237  -14.232 6.414   0.71 14.35 ? 72   GLU A CB  1 
ATOM   565  C  CB  B GLU A 1 72 ? -3.129  -14.297 6.390   0.29 14.68 ? 72   GLU A CB  1 
ATOM   566  C  CG  A GLU A 1 72 ? -2.407  -15.476 6.383   0.71 15.88 ? 72   GLU A CG  1 
ATOM   567  C  CG  B GLU A 1 72 ? -2.273  -15.486 5.966   0.29 15.94 ? 72   GLU A CG  1 
ATOM   568  C  CD  A GLU A 1 72 ? -1.111  -15.379 7.183   0.71 18.13 ? 72   GLU A CD  1 
ATOM   569  C  CD  B GLU A 1 72 ? -2.555  -16.720 6.789   0.29 16.33 ? 72   GLU A CD  1 
ATOM   570  O  OE1 A GLU A 1 72 ? -1.094  -14.595 8.144   0.71 27.60 ? 72   GLU A OE1 1 
ATOM   571  O  OE1 B GLU A 1 72 ? -3.262  -16.591 7.798   0.29 18.32 ? 72   GLU A OE1 1 
ATOM   572  O  OE2 A GLU A 1 72 ? -0.316  -16.280 6.848   0.71 31.09 ? 72   GLU A OE2 1 
ATOM   573  O  OE2 B GLU A 1 72 ? -2.094  -17.830 6.474   0.29 20.80 ? 72   GLU A OE2 1 
ATOM   574  N  N   . ALA A 1 73 ? -3.106  -12.924 3.465   1.00 12.75 ? 73   ALA A N   1 
ATOM   575  C  CA  . ALA A 1 73 ? -2.888  -13.070 2.050   1.00 11.36 ? 73   ALA A CA  1 
ATOM   576  C  C   . ALA A 1 73 ? -1.974  -11.978 1.420   1.00 12.08 ? 73   ALA A C   1 
ATOM   577  O  O   . ALA A 1 73 ? -1.571  -12.044 0.279   1.00 13.24 ? 73   ALA A O   1 
ATOM   578  C  CB  . ALA A 1 73 ? -4.173  -13.093 1.277   1.00 12.38 ? 73   ALA A CB  1 
ATOM   579  N  N   . GLY A 1 74 ? -1.673  -10.973 2.240   1.00 12.74 ? 74   GLY A N   1 
ATOM   580  C  CA  . GLY A 1 74 ? -0.777  -9.896  1.855   1.00 10.89 ? 74   GLY A CA  1 
ATOM   581  C  C   . GLY A 1 74 ? -1.434  -8.593  1.497   1.00 10.08 ? 74   GLY A C   1 
ATOM   582  O  O   . GLY A 1 74 ? -0.750  -7.662  1.031   1.00 9.34  ? 74   GLY A O   1 
ATOM   583  N  N   . TYR A 1 75 ? -2.749  -8.428  1.734   1.00 9.94  ? 75   TYR A N   1 
ATOM   584  C  CA  . TYR A 1 75 ? -3.435  -7.166  1.381   1.00 9.49  ? 75   TYR A CA  1 
ATOM   585  C  C   . TYR A 1 75 ? -3.123  -6.121  2.412   1.00 8.31  ? 75   TYR A C   1 
ATOM   586  O  O   . TYR A 1 75 ? -2.938  -6.364  3.600   1.00 9.23  ? 75   TYR A O   1 
ATOM   587  C  CB  . TYR A 1 75 ? -4.926  -7.398  1.181   1.00 10.14 ? 75   TYR A CB  1 
ATOM   588  C  CG  . TYR A 1 75 ? -5.137  -8.241  -0.075  1.00 9.73  ? 75   TYR A CG  1 
ATOM   589  C  CD1 . TYR A 1 75 ? -5.071  -7.682  -1.336  1.00 10.75 ? 75   TYR A CD1 1 
ATOM   590  C  CD2 . TYR A 1 75 ? -5.325  -9.625  -0.003  1.00 11.77 ? 75   TYR A CD2 1 
ATOM   591  C  CE1 . TYR A 1 75 ? -5.211  -8.439  -2.482  1.00 11.10 ? 75   TYR A CE1 1 
ATOM   592  C  CE2 . TYR A 1 75 ? -5.437  -10.371 -1.142  1.00 11.96 ? 75   TYR A CE2 1 
ATOM   593  C  CZ  . TYR A 1 75 ? -5.387  -9.790  -2.356  1.00 12.40 ? 75   TYR A CZ  1 
ATOM   594  O  OH  . TYR A 1 75 ? -5.506  -10.581 -3.504  1.00 14.65 ? 75   TYR A OH  1 
ATOM   595  N  N   . VAL A 1 76 ? -3.001  -4.901  1.857   1.00 8.96  ? 76   VAL A N   1 
ATOM   596  C  CA  . VAL A 1 76 ? -2.614  -3.701  2.631   1.00 9.08  ? 76   VAL A CA  1 
ATOM   597  C  C   . VAL A 1 76 ? -3.494  -2.538  2.151   1.00 8.54  ? 76   VAL A C   1 
ATOM   598  O  O   . VAL A 1 76 ? -3.644  -2.349  0.945   1.00 9.15  ? 76   VAL A O   1 
ATOM   599  C  CB  . VAL A 1 76 ? -1.138  -3.387  2.307   1.00 8.72  ? 76   VAL A CB  1 
ATOM   600  C  CG1 . VAL A 1 76 ? -0.718  -2.032  2.883   1.00 11.54 ? 76   VAL A CG1 1 
ATOM   601  C  CG2 . VAL A 1 76 ? -0.154  -4.465  2.771   1.00 12.19 ? 76   VAL A CG2 1 
ATOM   602  N  N   . LEU A 1 77 ? -3.965  -1.754  3.122   1.00 8.89  ? 77   LEU A N   1 
ATOM   603  C  CA  . LEU A 1 77 ? -4.618  -0.478  2.841   1.00 8.28  ? 77   LEU A CA  1 
ATOM   604  C  C   . LEU A 1 77 ? -3.521  0.569   2.844   1.00 8.30  ? 77   LEU A C   1 
ATOM   605  O  O   . LEU A 1 77 ? -2.993  1.004   3.876   1.00 9.35  ? 77   LEU A O   1 
ATOM   606  C  CB  . LEU A 1 77 ? -5.735  -0.229  3.804   1.00 9.11  ? 77   LEU A CB  1 
ATOM   607  C  CG  . LEU A 1 77 ? -6.848  -1.314  3.796   1.00 9.35  ? 77   LEU A CG  1 
ATOM   608  C  CD1 . LEU A 1 77 ? -7.990  -0.887  4.706   1.00 11.10 ? 77   LEU A CD1 1 
ATOM   609  C  CD2 . LEU A 1 77 ? -7.302  -1.609  2.383   1.00 11.71 ? 77   LEU A CD2 1 
ATOM   610  N  N   . THR A 1 78 ? -3.124  0.949   1.613   1.00 8.32  ? 78   THR A N   1 
ATOM   611  C  CA  . THR A 1 78 ? -1.997  1.863   1.418   1.00 7.93  ? 78   THR A CA  1 
ATOM   612  C  C   . THR A 1 78 ? -2.144  3.239   2.034   1.00 7.52  ? 78   THR A C   1 
ATOM   613  O  O   . THR A 1 78 ? -1.163  3.887   2.342   1.00 8.35  ? 78   THR A O   1 
ATOM   614  C  CB  . THR A 1 78 ? -1.622  1.948   -0.060  1.00 8.17  ? 78   THR A CB  1 
ATOM   615  O  OG1 . THR A 1 78 ? -2.707  2.482   -0.833  1.00 8.52  ? 78   THR A OG1 1 
ATOM   616  C  CG2 . THR A 1 78 ? -1.177  0.628   -0.624  1.00 9.21  ? 78   THR A CG2 1 
ATOM   617  N  N   . CYS A 1 79 ? -3.379  3.690   2.286   1.00 8.15  ? 79   CYS A N   1 
ATOM   618  C  CA  . CYS A 1 79 ? -3.601  4.987   2.904   1.00 8.56  ? 79   CYS A CA  1 
ATOM   619  C  C   . CYS A 1 79 ? -3.257  5.021   4.367   1.00 7.94  ? 79   CYS A C   1 
ATOM   620  O  O   . CYS A 1 79 ? -3.127  6.111   4.896   1.00 9.72  ? 79   CYS A O   1 
ATOM   621  C  CB  . CYS A 1 79 ? -5.039  5.443   2.739   1.00 9.61  ? 79   CYS A CB  1 
ATOM   622  S  SG  . CYS A 1 79 ? -6.240  4.492   3.690   1.00 9.11  ? 79   CYS A SG  1 
ATOM   623  N  N   . VAL A 1 80 ? -3.089  3.852   5.012   1.00 7.97  ? 80   VAL A N   1 
ATOM   624  C  CA  . VAL A 1 80 ? -2.804  3.813   6.440   1.00 9.26  ? 80   VAL A CA  1 
ATOM   625  C  C   . VAL A 1 80 ? -1.636  2.886   6.758   1.00 8.66  ? 80   VAL A C   1 
ATOM   626  O  O   . VAL A 1 80 ? -1.482  2.440   7.894   1.00 10.43 ? 80   VAL A O   1 
ATOM   627  C  CB  . VAL A 1 80 ? -4.036  3.478   7.286   1.00 10.22 ? 80   VAL A CB  1 
ATOM   628  C  CG1 . VAL A 1 80 ? -5.024  4.632   7.356   1.00 12.56 ? 80   VAL A CG1 1 
ATOM   629  C  CG2 . VAL A 1 80 ? -4.709  2.210   6.798   1.00 11.20 ? 80   VAL A CG2 1 
ATOM   630  N  N   . ALA A 1 81 ? -0.785  2.613   5.763   1.00 8.10  ? 81   ALA A N   1 
ATOM   631  C  CA  . ALA A 1 81 ? 0.301   1.684   5.930   1.00 8.91  ? 81   ALA A CA  1 
ATOM   632  C  C   . ALA A 1 81 ? 1.647   2.352   5.964   1.00 8.99  ? 81   ALA A C   1 
ATOM   633  O  O   . ALA A 1 81 ? 2.066   3.005   5.007   1.00 8.95  ? 81   ALA A O   1 
ATOM   634  C  CB  . ALA A 1 81 ? 0.266   0.707   4.734   1.00 10.18 ? 81   ALA A CB  1 
ATOM   635  N  N   . TYR A 1 82 ? 2.373   2.171   7.093   1.00 8.11  ? 82   TYR A N   1 
ATOM   636  C  CA  . TYR A 1 82 ? 3.750   2.664   7.201   1.00 9.02  ? 82   TYR A CA  1 
ATOM   637  C  C   . TYR A 1 82 ? 4.653   1.498   6.755   1.00 8.88  ? 82   TYR A C   1 
ATOM   638  O  O   . TYR A 1 82 ? 4.449   0.367   7.171   1.00 10.27 ? 82   TYR A O   1 
ATOM   639  C  CB  . TYR A 1 82 ? 4.093   2.926   8.655   1.00 9.64  ? 82   TYR A CB  1 
ATOM   640  C  CG  . TYR A 1 82 ? 3.290   4.017   9.323   1.00 9.06  ? 82   TYR A CG  1 
ATOM   641  C  CD1 . TYR A 1 82 ? 3.454   5.359   8.964   1.00 9.63  ? 82   TYR A CD1 1 
ATOM   642  C  CD2 . TYR A 1 82 ? 2.356   3.748   10.306  1.00 9.68  ? 82   TYR A CD2 1 
ATOM   643  C  CE1 . TYR A 1 82 ? 2.748   6.346   9.550   1.00 9.96  ? 82   TYR A CE1 1 
ATOM   644  C  CE2 . TYR A 1 82 ? 1.652   4.764   10.928  1.00 9.92  ? 82   TYR A CE2 1 
ATOM   645  C  CZ  . TYR A 1 82 ? 1.859   6.042   10.539  1.00 10.18 ? 82   TYR A CZ  1 
ATOM   646  O  OH  . TYR A 1 82 ? 1.134   7.112   11.112  1.00 12.25 ? 82   TYR A OH  1 
ATOM   647  N  N   . PRO A 1 83 ? 5.713   1.737   5.979   1.00 9.58  ? 83   PRO A N   1 
ATOM   648  C  CA  . PRO A 1 83 ? 6.669   0.665   5.705   1.00 9.51  ? 83   PRO A CA  1 
ATOM   649  C  C   . PRO A 1 83 ? 7.451   0.318   6.967   1.00 10.31 ? 83   PRO A C   1 
ATOM   650  O  O   . PRO A 1 83 ? 7.819   1.230   7.706   1.00 9.79  ? 83   PRO A O   1 
ATOM   651  C  CB  . PRO A 1 83 ? 7.543   1.300   4.624   1.00 10.62 ? 83   PRO A CB  1 
ATOM   652  C  CG  . PRO A 1 83 ? 7.582   2.759   4.990   1.00 12.36 ? 83   PRO A CG  1 
ATOM   653  C  CD  . PRO A 1 83 ? 6.126   3.029   5.427   1.00 9.95  ? 83   PRO A CD  1 
ATOM   654  N  N   . THR A 1 84 ? 7.799   -0.957  7.166   1.00 9.85  ? 84   THR A N   1 
ATOM   655  C  CA  . THR A 1 84 ? 8.695   -1.347  8.269   1.00 10.58 ? 84   THR A CA  1 
ATOM   656  C  C   . THR A 1 84 ? 9.890   -2.080  7.735   1.00 11.22 ? 84   THR A C   1 
ATOM   657  O  O   . THR A 1 84 ? 10.713  -2.569  8.481   1.00 13.84 ? 84   THR A O   1 
ATOM   658  C  CB  . THR A 1 84 ? 7.976   -2.151  9.397   1.00 10.56 ? 84   THR A CB  1 
ATOM   659  O  OG1 . THR A 1 84 ? 7.339   -3.223  8.741   1.00 12.69 ? 84   THR A OG1 1 
ATOM   660  C  CG2 . THR A 1 84 ? 6.979   -1.294  10.095  1.00 12.72 ? 84   THR A CG2 1 
ATOM   661  N  N   . SER A 1 85 ? 10.084  -2.101  6.400   1.00 10.80 ? 85   SER A N   1 
ATOM   662  C  CA  . SER A 1 85 ? 11.244  -2.597  5.688   1.00 10.43 ? 85   SER A CA  1 
ATOM   663  C  C   . SER A 1 85 ? 11.147  -2.025  4.281   1.00 10.26 ? 85   SER A C   1 
ATOM   664  O  O   . SER A 1 85 ? 10.136  -1.358  3.902   1.00 10.48 ? 85   SER A O   1 
ATOM   665  C  CB  . SER A 1 85 ? 11.205  -4.092  5.634   1.00 10.97 ? 85   SER A CB  1 
ATOM   666  O  OG  . SER A 1 85 ? 10.213  -4.588  4.730   1.00 12.21 ? 85   SER A OG  1 
ATOM   667  N  N   . ASP A 1 86 ? 12.080  -2.294  3.372   1.00 10.74 ? 86   ASP A N   1 
ATOM   668  C  CA  . ASP A 1 86 ? 11.887  -2.049  1.976   1.00 10.86 ? 86   ASP A CA  1 
ATOM   669  C  C   . ASP A 1 86 ? 10.735  -2.975  1.532   1.00 9.54  ? 86   ASP A C   1 
ATOM   670  O  O   . ASP A 1 86 ? 10.606  -4.129  1.981   1.00 11.80 ? 86   ASP A O   1 
ATOM   671  C  CB  . ASP A 1 86 ? 13.132  -2.359  1.181   1.00 11.65 ? 86   ASP A CB  1 
ATOM   672  C  CG  . ASP A 1 86 ? 14.294  -1.380  1.334   1.00 12.37 ? 86   ASP A CG  1 
ATOM   673  O  OD1 . ASP A 1 86 ? 14.159  -0.329  1.996   1.00 13.25 ? 86   ASP A OD1 1 
ATOM   674  O  OD2 . ASP A 1 86 ? 15.367  -1.706  0.709   1.00 16.32 ? 86   ASP A OD2 1 
ATOM   675  N  N   . VAL A 1 87 ? 9.885   -2.450  0.666   1.00 9.34  ? 87   VAL A N   1 
ATOM   676  C  CA  . VAL A 1 87 ? 8.628   -3.122  0.282   1.00 9.98  ? 87   VAL A CA  1 
ATOM   677  C  C   . VAL A 1 87 ? 8.521   -3.168  -1.221  1.00 9.97  ? 87   VAL A C   1 
ATOM   678  O  O   . VAL A 1 87 ? 8.817   -2.157  -1.895  1.00 10.94 ? 87   VAL A O   1 
ATOM   679  C  CB  . VAL A 1 87 ? 7.428   -2.377  0.874   1.00 10.67 ? 87   VAL A CB  1 
ATOM   680  C  CG1 . VAL A 1 87 ? 6.118   -2.811  0.248   1.00 11.38 ? 87   VAL A CG1 1 
ATOM   681  C  CG2 . VAL A 1 87 ? 7.392   -2.540  2.413   1.00 13.10 ? 87   VAL A CG2 1 
ATOM   682  N  N   . VAL A 1 88 ? 8.036   -4.281  -1.753  1.00 9.67  ? 88   VAL A N   1 
ATOM   683  C  CA  . VAL A 1 88 ? 7.537   -4.343  -3.131  1.00 9.69  ? 88   VAL A CA  1 
ATOM   684  C  C   . VAL A 1 88 ? 6.028   -4.624  -2.983  1.00 9.58  ? 88   VAL A C   1 
ATOM   685  O  O   . VAL A 1 88 ? 5.695   -5.612  -2.299  1.00 10.50 ? 88   VAL A O   1 
ATOM   686  C  CB  . VAL A 1 88 ? 8.247   -5.396  -3.962  1.00 10.80 ? 88   VAL A CB  1 
ATOM   687  C  CG1 . VAL A 1 88 ? 7.702   -5.433  -5.367  1.00 11.92 ? 88   VAL A CG1 1 
ATOM   688  C  CG2 . VAL A 1 88 ? 9.766   -5.158  -3.951  1.00 12.00 ? 88   VAL A CG2 1 
ATOM   689  N  N   . ILE A 1 89 ? 5.203   -3.818  -3.594  1.00 10.17 ? 89   ILE A N   1 
ATOM   690  C  CA  . ILE A 1 89 ? 3.755   -3.936  -3.427  1.00 9.36  ? 89   ILE A CA  1 
ATOM   691  C  C   . ILE A 1 89 ? 3.050   -3.678  -4.737  1.00 8.91  ? 89   ILE A C   1 
ATOM   692  O  O   . ILE A 1 89 ? 3.362   -2.760  -5.493  1.00 9.53  ? 89   ILE A O   1 
ATOM   693  C  CB  . ILE A 1 89 ? 3.283   -2.954  -2.305  1.00 9.52  ? 89   ILE A CB  1 
ATOM   694  C  CG1 . ILE A 1 89 ? 1.809   -3.174  -1.912  1.00 9.98  ? 89   ILE A CG1 1 
ATOM   695  C  CG2 . ILE A 1 89 ? 3.566   -1.506  -2.705  1.00 11.62 ? 89   ILE A CG2 1 
ATOM   696  C  CD1 . ILE A 1 89 ? 1.415   -2.519  -0.602  1.00 12.29 ? 89   ILE A CD1 1 
ATOM   697  N  N   . GLN A 1 90 ? 2.088   -4.560  -5.018  1.00 9.21  ? 90   GLN A N   1 
ATOM   698  C  CA  . GLN A 1 90 ? 1.197   -4.356  -6.146  1.00 9.11  ? 90   GLN A CA  1 
ATOM   699  C  C   . GLN A 1 90 ? 0.095   -3.367  -5.753  1.00 9.29  ? 90   GLN A C   1 
ATOM   700  O  O   . GLN A 1 90 ? -0.534  -3.501  -4.690  1.00 10.81 ? 90   GLN A O   1 
ATOM   701  C  CB  A GLN A 1 90 ? 0.501   -5.638  -6.490  0.48 10.27 ? 90   GLN A CB  1 
ATOM   702  C  CB  B GLN A 1 90 ? 0.621   -5.681  -6.620  0.52 10.36 ? 90   GLN A CB  1 
ATOM   703  C  CG  A GLN A 1 90 ? 1.504   -6.759  -6.812  0.48 11.48 ? 90   GLN A CG  1 
ATOM   704  C  CG  B GLN A 1 90 ? 1.626   -6.704  -7.140  0.52 11.67 ? 90   GLN A CG  1 
ATOM   705  C  CD  A GLN A 1 90 ? 0.701   -8.009  -7.123  0.48 11.38 ? 90   GLN A CD  1 
ATOM   706  C  CD  B GLN A 1 90 ? 1.173   -8.137  -7.276  0.52 13.20 ? 90   GLN A CD  1 
ATOM   707  O  OE1 A GLN A 1 90 ? 0.906   -9.051  -6.499  0.48 17.84 ? 90   GLN A OE1 1 
ATOM   708  O  OE1 B GLN A 1 90 ? 0.185   -8.582  -6.682  0.52 15.12 ? 90   GLN A OE1 1 
ATOM   709  N  NE2 A GLN A 1 90 ? -0.214  -7.910  -8.046  0.48 9.83  ? 90   GLN A NE2 1 
ATOM   710  N  NE2 B GLN A 1 90 ? 1.877   -9.025  -7.988  0.52 20.49 ? 90   GLN A NE2 1 
ATOM   711  N  N   . THR A 1 91 ? -0.168  -2.416  -6.599  1.00 9.88  ? 91   THR A N   1 
ATOM   712  C  CA  . THR A 1 91 ? -1.238  -1.437  -6.402  1.00 9.18  ? 91   THR A CA  1 
ATOM   713  C  C   . THR A 1 91 ? -2.511  -1.818  -7.185  1.00 9.51  ? 91   THR A C   1 
ATOM   714  O  O   . THR A 1 91 ? -2.505  -2.749  -7.987  1.00 11.19 ? 91   THR A O   1 
ATOM   715  C  CB  . THR A 1 91 ? -0.745  -0.016  -6.715  1.00 9.97  ? 91   THR A CB  1 
ATOM   716  O  OG1 . THR A 1 91 ? -0.481  -0.052  -8.158  1.00 12.36 ? 91   THR A OG1 1 
ATOM   717  C  CG2 . THR A 1 91 ? 0.486   0.388   -5.956  1.00 10.99 ? 91   THR A CG2 1 
ATOM   718  N  N   . HIS A 1 92 ? -3.575  -1.130  -6.942  1.00 9.27  ? 92   HIS A N   1 
ATOM   719  C  CA  . HIS A 1 92 ? -4.798  -1.316  -7.722  1.00 9.86  ? 92   HIS A CA  1 
ATOM   720  C  C   . HIS A 1 92 ? -5.326  -2.757  -7.590  1.00 10.23 ? 92   HIS A C   1 
ATOM   721  O  O   . HIS A 1 92 ? -5.796  -3.368  -8.557  1.00 13.56 ? 92   HIS A O   1 
ATOM   722  C  CB  . HIS A 1 92 ? -4.681  -0.994  -9.207  1.00 11.83 ? 92   HIS A CB  1 
ATOM   723  C  CG  . HIS A 1 92 ? -4.264  0.393   -9.506  1.00 13.13 ? 92   HIS A CG  1 
ATOM   724  N  ND1 . HIS A 1 92 ? -3.014  0.939   -9.277  1.00 14.45 ? 92   HIS A ND1 1 
ATOM   725  C  CD2 . HIS A 1 92 ? -5.057  1.360   -10.034 1.00 15.24 ? 92   HIS A CD2 1 
ATOM   726  C  CE1 . HIS A 1 92 ? -3.110  2.122   -9.684  1.00 16.52 ? 92   HIS A CE1 1 
ATOM   727  N  NE2 . HIS A 1 92 ? -4.253  2.487   -10.164 1.00 17.59 ? 92   HIS A NE2 1 
ATOM   728  N  N   . LYS A 1 93 ? -5.382  -3.236  -6.341  1.00 10.42 ? 93   LYS A N   1 
ATOM   729  C  CA  . LYS A 1 93 ? -5.873  -4.556  -6.074  1.00 11.06 ? 93   LYS A CA  1 
ATOM   730  C  C   . LYS A 1 93 ? -7.235  -4.681  -5.437  1.00 11.50 ? 93   LYS A C   1 
ATOM   731  O  O   . LYS A 1 93 ? -7.599  -5.803  -5.030  1.00 13.26 ? 93   LYS A O   1 
ATOM   732  C  CB  . LYS A 1 93 ? -4.818  -5.319  -5.238  1.00 11.40 ? 93   LYS A CB  1 
ATOM   733  C  CG  . LYS A 1 93 ? -3.447  -5.432  -5.911  1.00 13.55 ? 93   LYS A CG  1 
ATOM   734  C  CD  . LYS A 1 93 ? -3.467  -6.199  -7.206  1.00 18.20 ? 93   LYS A CD  1 
ATOM   735  C  CE  . LYS A 1 93 ? -3.252  -7.650  -7.349  1.00 25.06 ? 93   LYS A CE  1 
ATOM   736  N  NZ  . LYS A 1 93 ? -3.028  -7.906  -8.794  1.00 18.62 ? 93   LYS A NZ  1 
ATOM   737  N  N   . GLU A 1 94 ? -7.967  -3.605  -5.344  1.00 11.73 ? 94   GLU A N   1 
ATOM   738  C  CA  . GLU A 1 94 ? -9.295  -3.686  -4.734  1.00 13.94 ? 94   GLU A CA  1 
ATOM   739  C  C   . GLU A 1 94 ? -10.161 -4.813  -5.254  1.00 12.64 ? 94   GLU A C   1 
ATOM   740  O  O   . GLU A 1 94 ? -10.848 -5.494  -4.453  1.00 13.31 ? 94   GLU A O   1 
ATOM   741  C  CB  . GLU A 1 94 ? -10.013 -2.374  -5.022  1.00 15.39 ? 94   GLU A CB  1 
ATOM   742  C  CG  . GLU A 1 94 ? -11.446 -2.483  -4.462  1.00 17.55 ? 94   GLU A CG  1 
ATOM   743  C  CD  . GLU A 1 94 ? -12.101 -1.149  -4.459  1.00 18.95 ? 94   GLU A CD  1 
ATOM   744  O  OE1 . GLU A 1 94 ? -11.955 -0.402  -5.462  1.00 20.22 ? 94   GLU A OE1 1 
ATOM   745  O  OE2 . GLU A 1 94 ? -12.808 -0.883  -3.432  1.00 23.85 ? 94   GLU A OE2 1 
ATOM   746  N  N   . GLU A 1 95 ? -10.145 -5.059  -6.579  1.00 14.11 ? 95   GLU A N   1 
ATOM   747  C  CA  . GLU A 1 95 ? -11.057 -6.090  -7.149  1.00 15.71 ? 95   GLU A CA  1 
ATOM   748  C  C   . GLU A 1 95 ? -10.715 -7.496  -6.752  1.00 16.71 ? 95   GLU A C   1 
ATOM   749  O  O   . GLU A 1 95 ? -11.552 -8.382  -6.963  1.00 18.26 ? 95   GLU A O   1 
ATOM   750  C  CB  . GLU A 1 95 ? -11.025 -6.010  -8.684  1.00 19.56 ? 95   GLU A CB  1 
ATOM   751  C  CG  . GLU A 1 95 ? -11.841 -4.731  -8.991  1.00 24.48 ? 95   GLU A CG  1 
ATOM   752  C  CD  . GLU A 1 95 ? -13.334 -4.750  -8.646  1.00 28.59 ? 95   GLU A CD  1 
ATOM   753  O  OE1 . GLU A 1 95 ? -14.007 -5.733  -9.016  1.00 33.78 ? 95   GLU A OE1 1 
ATOM   754  O  OE2 . GLU A 1 95 ? -13.764 -3.714  -8.036  1.00 37.30 ? 95   GLU A OE2 1 
ATOM   755  N  N   . ASP A 1 96 ? -9.602  -7.762  -6.073  1.00 14.34 ? 96   ASP A N   1 
ATOM   756  C  CA  . ASP A 1 96 ? -9.326  -9.091  -5.529  1.00 15.33 ? 96   ASP A CA  1 
ATOM   757  C  C   . ASP A 1 96 ? -10.096 -9.415  -4.264  1.00 16.51 ? 96   ASP A C   1 
ATOM   758  O  O   . ASP A 1 96 ? -10.124 -10.611 -3.866  1.00 17.41 ? 96   ASP A O   1 
ATOM   759  C  CB  . ASP A 1 96 ? -7.865  -9.193  -5.062  1.00 14.93 ? 96   ASP A CB  1 
ATOM   760  C  CG  . ASP A 1 96 ? -6.833  -9.104  -6.168  1.00 13.51 ? 96   ASP A CG  1 
ATOM   761  O  OD1 . ASP A 1 96 ? -7.141  -8.878  -7.331  1.00 17.04 ? 96   ASP A OD1 1 
ATOM   762  O  OD2 . ASP A 1 96 ? -5.663  -9.439  -5.773  1.00 13.80 ? 96   ASP A OD2 1 
ATOM   763  N  N   . LEU A 1 97 ? -10.736 -8.446  -3.667  1.00 16.72 ? 97   LEU A N   1 
ATOM   764  C  CA  . LEU A 1 97 ? -11.368 -8.711  -2.388  1.00 15.29 ? 97   LEU A CA  1 
ATOM   765  C  C   . LEU A 1 97 ? -12.877 -8.981  -2.491  1.00 17.81 ? 97   LEU A C   1 
ATOM   766  O  O   . LEU A 1 97 ? -13.577 -8.494  -3.375  1.00 23.19 ? 97   LEU A O   1 
ATOM   767  C  CB  . LEU A 1 97 ? -11.140 -7.461  -1.542  1.00 14.47 ? 97   LEU A CB  1 
ATOM   768  C  CG  . LEU A 1 97 ? -9.680  -7.054  -1.349  1.00 14.98 ? 97   LEU A CG  1 
ATOM   769  C  CD1 . LEU A 1 97 ? -9.607  -5.815  -0.438  1.00 17.87 ? 97   LEU A CD1 1 
ATOM   770  C  CD2 . LEU A 1 97 ? -8.809  -8.163  -0.807  1.00 17.31 ? 97   LEU A CD2 1 
ATOM   771  N  N   . TYR A 1 98 ? -13.382 -9.785  -1.536  1.00 17.25 ? 98   TYR A N   1 
ATOM   772  C  CA  . TYR A 1 98 ? -14.745 -10.235 -1.446  1.00 18.89 ? 98   TYR A CA  1 
ATOM   773  C  C   . TYR A 1 98 ? -15.437 -9.916  -0.108  1.00 19.73 ? 98   TYR A C   1 
ATOM   774  O  O   . TYR A 1 98 ? -14.700 -9.594  0.815   1.00 23.16 ? 98   TYR A O   1 
ATOM   775  C  CB  . TYR A 1 98 ? -14.888 -11.761 -1.558  1.00 20.57 ? 98   TYR A CB  1 
ATOM   776  C  CG  . TYR A 1 98 ? -14.509 -12.299 -2.931  1.00 21.41 ? 98   TYR A CG  1 
ATOM   777  C  CD1 . TYR A 1 98 ? -13.174 -12.577 -3.238  1.00 23.99 ? 98   TYR A CD1 1 
ATOM   778  C  CD2 . TYR A 1 98 ? -15.494 -12.529 -3.860  1.00 22.47 ? 98   TYR A CD2 1 
ATOM   779  C  CE1 . TYR A 1 98 ? -12.789 -13.089 -4.453  1.00 29.27 ? 98   TYR A CE1 1 
ATOM   780  C  CE2 . TYR A 1 98 ? -15.140 -13.057 -5.084  1.00 27.46 ? 98   TYR A CE2 1 
ATOM   781  C  CZ  . TYR A 1 98 ? -13.828 -13.317 -5.385  1.00 29.87 ? 98   TYR A CZ  1 
ATOM   782  O  OH  . TYR A 1 98 ? -13.496 -13.786 -6.620  1.00 36.78 ? 98   TYR A OH  1 
ATOM   783  O  OXT . TYR A 1 98 ? -16.711 -10.048 -0.125  1.00 23.62 ? 98   TYR A OXT 1 
HETATM 784  FE FE1 . FES B 2 .  ? -10.318 3.794   2.193   1.00 9.89  ? 999  FES A FE1 1 
HETATM 785  FE FE2 . FES B 2 .  ? -7.590  3.497   2.131   1.00 8.77  ? 999  FES A FE2 1 
HETATM 786  S  S1  . FES B 2 .  ? -8.807  4.872   0.873   1.00 9.10  ? 999  FES A S1  1 
HETATM 787  S  S2  . FES B 2 .  ? -9.035  2.334   3.300   1.00 9.97  ? 999  FES A S2  1 
HETATM 788  O  O   . HOH C 3 .  ? -3.701  3.110   -3.575  1.00 9.07  ? 1000 HOH A O   1 
HETATM 789  O  O   . HOH C 3 .  ? -11.436 10.852  -1.688  1.00 9.27  ? 1001 HOH A O   1 
HETATM 790  O  O   . HOH C 3 .  ? -3.495  9.745   -5.412  1.00 9.81  ? 1002 HOH A O   1 
HETATM 791  O  O   . HOH C 3 .  ? -3.387  0.546   -4.614  1.00 10.40 ? 1003 HOH A O   1 
HETATM 792  O  O   . HOH C 3 .  ? -0.825  -7.882  4.668   1.00 11.59 ? 1004 HOH A O   1 
HETATM 793  O  O   . HOH C 3 .  ? -6.841  -0.763  -5.105  1.00 11.88 ? 1005 HOH A O   1 
HETATM 794  O  O   . HOH C 3 .  ? 1.272   1.809   -9.183  1.00 12.07 ? 1006 HOH A O   1 
HETATM 795  O  O   . HOH C 3 .  ? 3.547   1.213   -10.707 1.00 12.08 ? 1007 HOH A O   1 
HETATM 796  O  O   . HOH C 3 .  ? -1.394  -4.483  -9.810  1.00 12.80 ? 1008 HOH A O   1 
HETATM 797  O  O   . HOH C 3 .  ? 7.468   2.122   10.261  1.00 12.88 ? 1009 HOH A O   1 
HETATM 798  O  O   . HOH C 3 .  ? 8.107   12.742  2.731   1.00 13.53 ? 1010 HOH A O   1 
HETATM 799  O  O   . HOH C 3 .  ? 11.533  -1.785  -2.930  1.00 13.61 ? 1011 HOH A O   1 
HETATM 800  O  O   . HOH C 3 .  ? -3.030  -3.636  -11.871 1.00 13.68 ? 1012 HOH A O   1 
HETATM 801  O  O   . HOH C 3 .  ? 1.127   13.014  -7.629  1.00 13.71 ? 1013 HOH A O   1 
HETATM 802  O  O   . HOH C 3 .  ? 16.964  4.418   6.155   1.00 13.73 ? 1014 HOH A O   1 
HETATM 803  O  O   . HOH C 3 .  ? -5.990  9.290   -6.989  1.00 14.45 ? 1015 HOH A O   1 
HETATM 804  O  O   . HOH C 3 .  ? 12.309  9.582   6.924   1.00 14.48 ? 1016 HOH A O   1 
HETATM 805  O  O   . HOH C 3 .  ? 17.957  4.458   3.447   1.00 14.57 ? 1017 HOH A O   1 
HETATM 806  O  O   . HOH C 3 .  ? 3.473   -6.688  6.771   1.00 14.66 ? 1018 HOH A O   1 
HETATM 807  O  O   . HOH C 3 .  ? -8.731  9.131   -6.265  1.00 14.69 ? 1019 HOH A O   1 
HETATM 808  O  O   . HOH C 3 .  ? -2.130  5.012   -10.444 1.00 14.91 ? 1020 HOH A O   1 
HETATM 809  O  O   . HOH C 3 .  ? -1.114  2.129   10.646  1.00 15.35 ? 1021 HOH A O   1 
HETATM 810  O  O   . HOH C 3 .  ? -9.343  6.452   -6.625  1.00 15.42 ? 1022 HOH A O   1 
HETATM 811  O  O   . HOH C 3 .  ? -0.510  6.385   13.099  1.00 15.58 ? 1023 HOH A O   1 
HETATM 812  O  O   . HOH C 3 .  ? 3.023   -9.667  -12.383 1.00 15.82 ? 1024 HOH A O   1 
HETATM 813  O  O   . HOH C 3 .  ? -8.902  -18.784 7.168   1.00 15.92 ? 1025 HOH A O   1 
HETATM 814  O  O   . HOH C 3 .  ? 10.978  9.357   -5.817  1.00 16.04 ? 1026 HOH A O   1 
HETATM 815  O  O   . HOH C 3 .  ? 5.528   16.804  -3.416  1.00 16.23 ? 1027 HOH A O   1 
HETATM 816  O  O   . HOH C 3 .  ? 1.490   9.981   6.550   1.00 16.44 ? 1028 HOH A O   1 
HETATM 817  O  O   . HOH C 3 .  ? -9.626  0.886   -6.402  1.00 16.51 ? 1029 HOH A O   1 
HETATM 818  O  O   . HOH C 3 .  ? 2.621   4.288   -9.252  1.00 16.97 ? 1030 HOH A O   1 
HETATM 819  O  O   . HOH C 3 .  ? -5.164  -13.276 -3.058  1.00 17.20 ? 1031 HOH A O   1 
HETATM 820  O  O   . HOH C 3 .  ? 0.928   6.199   -10.049 1.00 17.45 ? 1032 HOH A O   1 
HETATM 821  O  O   . HOH C 3 .  ? 5.952   -4.820  10.520  1.00 17.47 ? 1033 HOH A O   1 
HETATM 822  O  O   . HOH C 3 .  ? -0.672  14.190  -1.457  1.00 17.71 ? 1034 HOH A O   1 
HETATM 823  O  O   . HOH C 3 .  ? 11.222  -5.883  -0.195  1.00 18.23 ? 1035 HOH A O   1 
HETATM 824  O  O   . HOH C 3 .  ? -0.322  2.943   -11.135 1.00 18.44 ? 1036 HOH A O   1 
HETATM 825  O  O   . HOH C 3 .  ? 2.720   -6.158  -15.866 1.00 19.39 ? 1037 HOH A O   1 
HETATM 826  O  O   . HOH C 3 .  ? 12.721  -4.206  -2.121  1.00 19.80 ? 1038 HOH A O   1 
HETATM 827  O  O   . HOH C 3 .  ? 0.687   -6.677  6.496   1.00 19.91 ? 1039 HOH A O   1 
HETATM 828  O  O   . HOH C 3 .  ? 14.522  -3.629  4.229   1.00 20.33 ? 1040 HOH A O   1 
HETATM 829  O  O   . HOH C 3 .  ? -13.497 -7.079  1.438   1.00 20.35 ? 1041 HOH A O   1 
HETATM 830  O  O   . HOH C 3 .  ? -6.980  -6.435  -8.890  1.00 20.37 ? 1042 HOH A O   1 
HETATM 831  O  O   . HOH C 3 .  ? -13.477 1.881   -4.922  1.00 20.42 ? 1043 HOH A O   1 
HETATM 832  O  O   . HOH C 3 .  ? -13.190 -7.882  4.895   1.00 20.47 ? 1044 HOH A O   1 
HETATM 833  O  O   . HOH C 3 .  ? 0.834   -11.570 -9.141  1.00 20.48 ? 1045 HOH A O   1 
HETATM 834  O  O   . HOH C 3 .  ? -8.655  -3.844  -8.681  1.00 20.52 ? 1046 HOH A O   1 
HETATM 835  O  O   . HOH C 3 .  ? 0.407   14.090  1.158   1.00 20.90 ? 1047 HOH A O   1 
HETATM 836  O  O   . HOH C 3 .  ? 0.426   2.291   13.053  1.00 21.02 ? 1048 HOH A O   1 
HETATM 837  O  O   . HOH C 3 .  ? 5.315   4.953   12.131  1.00 21.17 ? 1049 HOH A O   1 
HETATM 838  O  O   . HOH C 3 .  ? -0.702  -6.072  8.704   1.00 21.29 ? 1050 HOH A O   1 
HETATM 839  O  O   . HOH C 3 .  ? 0.067   -4.120  10.393  1.00 21.34 ? 1051 HOH A O   1 
HETATM 840  O  O   . HOH C 3 .  ? -10.809 -10.812 11.071  1.00 21.49 ? 1052 HOH A O   1 
HETATM 841  O  O   . HOH C 3 .  ? 16.016  2.541   2.259   1.00 21.54 ? 1053 HOH A O   1 
HETATM 842  O  O   . HOH C 3 .  ? 13.335  -3.351  8.598   1.00 21.66 ? 1054 HOH A O   1 
HETATM 843  O  O   . HOH C 3 .  ? 4.113   -6.869  9.544   1.00 21.82 ? 1055 HOH A O   1 
HETATM 844  O  O   . HOH C 3 .  ? 11.382  9.034   9.384   1.00 21.84 ? 1056 HOH A O   1 
HETATM 845  O  O   . HOH C 3 .  ? 6.447   14.942  3.277   1.00 21.84 ? 1057 HOH A O   1 
HETATM 846  O  O   . HOH C 3 .  ? -10.581 -13.254 8.669   1.00 21.94 ? 1058 HOH A O   1 
HETATM 847  O  O   . HOH C 3 .  ? -9.609  2.584   10.136  1.00 22.31 ? 1059 HOH A O   1 
HETATM 848  O  O   . HOH C 3 .  ? 16.635  2.859   -0.410  1.00 22.39 ? 1060 HOH A O   1 
HETATM 849  O  O   . HOH C 3 .  ? 13.293  10.562  -6.887  1.00 22.73 ? 1061 HOH A O   1 
HETATM 850  O  O   . HOH C 3 .  ? -10.278 10.720  5.713   1.00 22.84 ? 1062 HOH A O   1 
HETATM 851  O  O   . HOH C 3 .  ? 0.921   2.996   -13.585 1.00 22.95 ? 1063 HOH A O   1 
HETATM 852  O  O   . HOH C 3 .  ? 0.869   9.471   9.342   1.00 23.13 ? 1064 HOH A O   1 
HETATM 853  O  O   . HOH C 3 .  ? 10.115  -8.022  -6.576  1.00 23.25 ? 1065 HOH A O   1 
HETATM 854  O  O   . HOH C 3 .  ? 12.120  2.540   11.751  1.00 23.32 ? 1066 HOH A O   1 
HETATM 855  O  O   . HOH C 3 .  ? 1.133   -11.433 -0.801  1.00 23.36 ? 1067 HOH A O   1 
HETATM 856  O  O   . HOH C 3 .  ? 10.777  -8.543  -4.034  1.00 23.60 ? 1068 HOH A O   1 
HETATM 857  O  O   . HOH C 3 .  ? 1.707   -10.619 -4.123  1.00 23.67 ? 1069 HOH A O   1 
HETATM 858  O  O   . HOH C 3 .  ? 9.837   0.909   11.225  1.00 23.70 ? 1070 HOH A O   1 
HETATM 859  O  O   . HOH C 3 .  ? 0.262   9.466   -11.279 1.00 23.95 ? 1071 HOH A O   1 
HETATM 860  O  O   . HOH C 3 .  ? 17.538  5.548   10.451  1.00 24.05 ? 1072 HOH A O   1 
HETATM 861  O  O   . HOH C 3 .  ? 9.313   -10.361 2.485   1.00 24.16 ? 1073 HOH A O   1 
HETATM 862  O  O   . HOH C 3 .  ? -8.550  -7.525  10.814  1.00 24.34 ? 1074 HOH A O   1 
HETATM 863  O  O   . HOH C 3 .  ? 15.324  -3.664  -1.199  1.00 24.35 ? 1075 HOH A O   1 
HETATM 864  O  O   . HOH C 3 .  ? 13.463  -5.294  -4.575  1.00 24.36 ? 1076 HOH A O   1 
HETATM 865  O  O   . HOH C 3 .  ? -4.747  8.085   6.293   1.00 24.45 ? 1077 HOH A O   1 
HETATM 866  O  O   . HOH C 3 .  ? -1.121  -11.197 -6.950  1.00 24.79 ? 1078 HOH A O   1 
HETATM 867  O  O   . HOH C 3 .  ? 15.307  4.792   12.388  1.00 24.92 ? 1079 HOH A O   1 
HETATM 868  O  O   . HOH C 3 .  ? -7.996  -0.810  -8.259  1.00 25.12 ? 1080 HOH A O   1 
HETATM 869  O  O   . HOH C 3 .  ? 3.279   13.999  4.312   1.00 25.24 ? 1081 HOH A O   1 
HETATM 870  O  O   . HOH C 3 .  ? 4.518   -8.913  5.394   1.00 25.27 ? 1082 HOH A O   1 
HETATM 871  O  O   . HOH C 3 .  ? 7.685   10.818  -10.402 1.00 25.38 ? 1083 HOH A O   1 
HETATM 872  O  O   . HOH C 3 .  ? -9.734  -12.127 -1.491  1.00 25.54 ? 1084 HOH A O   1 
HETATM 873  O  O   . HOH C 3 .  ? 16.538  -0.091  3.315   1.00 25.64 ? 1085 HOH A O   1 
HETATM 874  O  O   . HOH C 3 .  ? -4.406  -10.021 -8.304  1.00 25.74 ? 1086 HOH A O   1 
HETATM 875  O  O   . HOH C 3 .  ? -3.685  -11.986 9.760   1.00 25.83 ? 1087 HOH A O   1 
HETATM 876  O  O   . HOH C 3 .  ? -1.266  -12.402 8.875   1.00 25.99 ? 1088 HOH A O   1 
HETATM 877  O  O   . HOH C 3 .  ? 0.874   -10.234 8.383   1.00 26.31 ? 1089 HOH A O   1 
HETATM 878  O  O   . HOH C 3 .  ? -15.462 -6.497  3.393   1.00 27.21 ? 1090 HOH A O   1 
HETATM 879  O  O   . HOH C 3 .  ? -17.891 -9.085  -2.385  1.00 27.32 ? 1091 HOH A O   1 
HETATM 880  O  O   . HOH C 3 .  ? -14.742 -5.126  5.983   1.00 27.33 ? 1092 HOH A O   1 
HETATM 881  O  O   . HOH C 3 .  ? -5.291  -4.724  11.367  1.00 27.41 ? 1093 HOH A O   1 
HETATM 882  O  O   . HOH C 3 .  ? 2.618   16.919  -2.682  1.00 27.47 ? 1094 HOH A O   1 
HETATM 883  O  O   . HOH C 3 .  ? -18.335 -10.120 2.134   1.00 27.79 ? 1095 HOH A O   1 
HETATM 884  O  O   . HOH C 3 .  ? 7.291   1.815   -15.245 1.00 27.83 ? 1096 HOH A O   1 
HETATM 885  O  O   . HOH C 3 .  ? -14.014 6.432   6.532   1.00 28.26 ? 1097 HOH A O   1 
HETATM 886  O  O   . HOH C 3 .  ? 3.250   9.452   11.629  1.00 28.31 ? 1098 HOH A O   1 
HETATM 887  O  O   . HOH C 3 .  ? 5.848   1.206   12.441  1.00 28.79 ? 1099 HOH A O   1 
HETATM 888  O  O   . HOH C 3 .  ? -2.695  -14.576 -2.024  1.00 28.99 ? 1100 HOH A O   1 
HETATM 889  O  O   . HOH C 3 .  ? 0.675   4.593   14.718  1.00 29.09 ? 1101 HOH A O   1 
HETATM 890  O  O   . HOH C 3 .  ? 10.426  5.059   -10.399 1.00 29.14 ? 1102 HOH A O   1 
HETATM 891  O  O   . HOH C 3 .  ? 5.594   -12.649 -3.117  1.00 29.19 ? 1103 HOH A O   1 
HETATM 892  O  O   . HOH C 3 .  ? -14.803 2.770   -0.994  1.00 29.21 ? 1104 HOH A O   1 
HETATM 893  O  O   . HOH C 3 .  ? -0.206  -3.069  -19.859 1.00 29.45 ? 1105 HOH A O   1 
HETATM 894  O  O   . HOH C 3 .  ? 10.215  -11.414 -3.831  1.00 29.71 ? 1106 HOH A O   1 
HETATM 895  O  O   . HOH C 3 .  ? 5.933   -3.795  -18.432 1.00 29.89 ? 1107 HOH A O   1 
HETATM 896  O  O   . HOH C 3 .  ? 10.721  -6.989  7.963   1.00 29.97 ? 1108 HOH A O   1 
HETATM 897  O  O   . HOH C 3 .  ? 13.003  6.848   -5.710  1.00 30.06 ? 1109 HOH A O   1 
HETATM 898  O  O   . HOH C 3 .  ? -9.218  -12.776 -5.682  1.00 30.32 ? 1110 HOH A O   1 
HETATM 899  O  O   . HOH C 3 .  ? -1.368  -7.903  11.099  1.00 30.39 ? 1111 HOH A O   1 
HETATM 900  O  O   . HOH C 3 .  ? 4.619   -3.506  12.520  1.00 30.72 ? 1112 HOH A O   1 
HETATM 901  O  O   . HOH C 3 .  ? 4.112   7.122   13.046  1.00 31.00 ? 1113 HOH A O   1 
HETATM 902  O  O   . HOH C 3 .  ? -13.010 8.866   5.760   1.00 31.00 ? 1114 HOH A O   1 
HETATM 903  O  O   . HOH C 3 .  ? -2.709  5.302   15.605  1.00 31.09 ? 1115 HOH A O   1 
HETATM 904  O  O   . HOH C 3 .  ? 4.289   12.661  -12.056 1.00 31.19 ? 1116 HOH A O   1 
HETATM 905  O  O   . HOH C 3 .  ? -5.504  -16.300 8.179   1.00 31.20 ? 1117 HOH A O   1 
HETATM 906  O  O   . HOH C 3 .  ? 5.707   -9.765  2.219   1.00 31.20 ? 1118 HOH A O   1 
HETATM 907  O  O   . HOH C 3 .  ? -14.164 0.540   -1.149  1.00 31.24 ? 1119 HOH A O   1 
HETATM 908  O  O   . HOH C 3 .  ? -6.071  -2.891  13.180  1.00 31.47 ? 1120 HOH A O   1 
HETATM 909  O  O   . HOH C 3 .  ? -14.099 -5.321  -0.595  1.00 31.57 ? 1121 HOH A O   1 
HETATM 910  O  O   . HOH C 3 .  ? -11.974 4.592   10.138  1.00 31.90 ? 1122 HOH A O   1 
HETATM 911  O  O   . HOH C 3 .  ? -10.321 2.698   -8.135  1.00 32.06 ? 1123 HOH A O   1 
HETATM 912  O  O   . HOH C 3 .  ? -4.072  -9.524  11.529  1.00 32.06 ? 1124 HOH A O   1 
HETATM 913  O  O   . HOH C 3 .  ? 5.839   15.071  -7.457  1.00 32.17 ? 1125 HOH A O   1 
HETATM 914  O  O   . HOH C 3 .  ? -16.200 4.857   2.276   1.00 32.74 ? 1126 HOH A O   1 
HETATM 915  O  O   . HOH C 3 .  ? 2.493   16.629  1.334   1.00 32.98 ? 1127 HOH A O   1 
HETATM 916  O  O   . HOH C 3 .  ? -12.199 5.974   -6.605  1.00 33.40 ? 1128 HOH A O   1 
HETATM 917  O  O   . HOH C 3 .  ? -2.784  1.742   15.130  1.00 33.41 ? 1129 HOH A O   1 
HETATM 918  O  O   . HOH C 3 .  ? 4.004   0.320   -19.200 1.00 33.53 ? 1130 HOH A O   1 
HETATM 919  O  O   . HOH C 3 .  ? -15.765 4.595   4.968   1.00 33.98 ? 1131 HOH A O   1 
HETATM 920  O  O   . HOH C 3 .  ? 6.389   -1.371  13.568  1.00 34.04 ? 1132 HOH A O   1 
HETATM 921  O  O   . HOH C 3 .  ? -12.802 9.657   8.622   1.00 34.19 ? 1133 HOH A O   1 
HETATM 922  O  O   . HOH C 3 .  ? 5.495   12.950  6.033   1.00 34.20 ? 1134 HOH A O   1 
HETATM 923  O  O   . HOH C 3 .  ? -12.755 -6.343  9.347   1.00 34.25 ? 1135 HOH A O   1 
HETATM 924  O  O   . HOH C 3 .  ? 10.659  7.309   -8.898  1.00 34.58 ? 1136 HOH A O   1 
HETATM 925  O  O   . HOH C 3 .  ? -10.242 -9.247  -10.924 1.00 34.63 ? 1137 HOH A O   1 
HETATM 926  O  O   . HOH C 3 .  ? 0.720   -14.916 2.310   1.00 34.80 ? 1138 HOH A O   1 
HETATM 927  O  O   . HOH C 3 .  ? -2.474  9.201   11.664  1.00 34.83 ? 1139 HOH A O   1 
HETATM 928  O  O   . HOH C 3 .  ? 10.981  -1.317  11.111  1.00 35.04 ? 1140 HOH A O   1 
HETATM 929  O  O   . HOH C 3 .  ? -11.124 -3.657  12.581  1.00 35.09 ? 1141 HOH A O   1 
HETATM 930  O  O   . HOH C 3 .  ? -5.667  -7.316  12.288  1.00 35.10 ? 1142 HOH A O   1 
HETATM 931  O  O   . HOH C 3 .  ? -6.950  -20.613 6.347   1.00 35.17 ? 1143 HOH A O   1 
HETATM 932  O  O   . HOH C 3 .  ? -3.149  11.174  -12.179 1.00 35.19 ? 1144 HOH A O   1 
HETATM 933  O  O   . HOH C 3 .  ? -17.437 -4.621  2.101   1.00 35.29 ? 1145 HOH A O   1 
HETATM 934  O  O   . HOH C 3 .  ? 3.850   2.712   13.355  1.00 35.33 ? 1146 HOH A O   1 
HETATM 935  O  O   . HOH C 3 .  ? 16.839  -3.255  -3.505  1.00 35.36 ? 1147 HOH A O   1 
HETATM 936  O  O   . HOH C 3 .  ? -15.887 0.053   6.599   1.00 35.37 ? 1148 HOH A O   1 
HETATM 937  O  O   . HOH C 3 .  ? 5.713   8.599   14.940  1.00 35.43 ? 1149 HOH A O   1 
HETATM 938  O  O   . HOH C 3 .  ? -16.471 0.731   2.801   1.00 35.57 ? 1150 HOH A O   1 
HETATM 939  O  O   . HOH C 3 .  ? 2.632   12.472  6.052   1.00 35.72 ? 1151 HOH A O   1 
HETATM 940  O  O   . HOH C 3 .  ? 0.726   12.133  -11.979 1.00 35.82 ? 1152 HOH A O   1 
HETATM 941  O  O   . HOH C 3 .  ? -17.006 -14.677 -7.067  1.00 35.93 ? 1153 HOH A O   1 
HETATM 942  O  O   . HOH C 3 .  ? 5.394   14.933  -10.929 1.00 36.01 ? 1154 HOH A O   1 
HETATM 943  O  O   . HOH C 3 .  ? 14.234  0.931   11.666  1.00 36.07 ? 1155 HOH A O   1 
HETATM 944  O  O   . HOH C 3 .  ? 5.179   -4.286  -13.970 1.00 36.27 ? 1156 HOH A O   1 
HETATM 945  O  O   . HOH C 3 .  ? 13.569  -4.043  11.623  1.00 36.65 ? 1157 HOH A O   1 
HETATM 946  O  O   . HOH C 3 .  ? 7.279   9.917   13.898  1.00 36.71 ? 1158 HOH A O   1 
HETATM 947  O  O   . HOH C 3 .  ? -5.553  7.273   -9.135  1.00 36.76 ? 1159 HOH A O   1 
HETATM 948  O  O   . HOH C 3 .  ? -14.479 -7.816  7.543   1.00 36.95 ? 1160 HOH A O   1 
HETATM 949  O  O   . HOH C 3 .  ? -8.121  0.366   -10.648 1.00 37.24 ? 1161 HOH A O   1 
HETATM 950  O  O   . HOH C 3 .  ? -1.048  11.496  9.548   1.00 37.62 ? 1162 HOH A O   1 
HETATM 951  O  O   . HOH C 3 .  ? 9.782   5.007   -13.065 1.00 39.36 ? 1163 HOH A O   1 
HETATM 952  O  O   . HOH C 3 .  ? 1.470   6.557   -13.628 1.00 39.48 ? 1164 HOH A O   1 
HETATM 953  O  O   . HOH C 3 .  ? -11.327 -9.619  13.432  1.00 39.49 ? 1165 HOH A O   1 
HETATM 954  O  O   . HOH C 3 .  ? 5.898   4.809   -15.920 1.00 39.74 ? 1166 HOH A O   1 
HETATM 955  O  O   . HOH C 3 .  ? -9.496  -16.294 -8.710  1.00 39.99 ? 1167 HOH A O   1 
HETATM 956  O  O   . HOH C 3 .  ? -3.498  -2.718  -19.652 1.00 39.99 ? 1168 HOH A O   1 
HETATM 957  O  O   . HOH C 3 .  ? 11.580  8.245   12.745  1.00 40.99 ? 1169 HOH A O   1 
HETATM 958  O  O   . HOH C 3 .  ? -0.152  -13.341 -5.459  1.00 41.17 ? 1170 HOH A O   1 
HETATM 959  O  O   . HOH C 3 .  ? -15.773 6.258   -3.123  1.00 41.30 ? 1171 HOH A O   1 
HETATM 960  O  O   . HOH C 3 .  ? -3.641  11.096  4.536   1.00 41.53 ? 1172 HOH A O   1 
HETATM 961  O  O   . HOH C 3 .  ? 3.889   11.703  8.042   1.00 42.01 ? 1173 HOH A O   1 
HETATM 962  O  O   . HOH C 3 .  ? -8.555  5.481   -8.938  1.00 42.11 ? 1174 HOH A O   1 
HETATM 963  O  O   . HOH C 3 .  ? -10.293 -12.512 -7.747  1.00 42.17 ? 1175 HOH A O   1 
HETATM 964  O  O   . HOH C 3 .  ? -10.207 -14.844 -5.675  1.00 42.30 ? 1176 HOH A O   1 
HETATM 965  O  O   . HOH C 3 .  ? 12.968  -2.563  -6.552  1.00 42.92 ? 1177 HOH A O   1 
HETATM 966  O  O   . HOH C 3 .  ? 15.710  -6.987  9.849   1.00 43.40 ? 1178 HOH A O   1 
HETATM 967  O  O   . HOH C 3 .  ? 16.178  1.799   5.429   1.00 43.45 ? 1179 HOH A O   1 
HETATM 968  O  O   . HOH C 3 .  ? 8.022   7.221   -13.796 1.00 43.89 ? 1180 HOH A O   1 
HETATM 969  O  O   . HOH C 3 .  ? 13.332  9.780   15.623  1.00 44.05 ? 1181 HOH A O   1 
HETATM 970  O  O   . HOH C 3 .  ? -9.664  -3.334  -11.391 1.00 44.72 ? 1182 HOH A O   1 
HETATM 971  O  O   . HOH C 3 .  ? 10.717  -12.117 0.639   1.00 45.22 ? 1183 HOH A O   1 
HETATM 972  O  O   . HOH C 3 .  ? -9.250  -15.604 10.839  1.00 45.72 ? 1184 HOH A O   1 
HETATM 973  O  O   . HOH C 3 .  ? -15.293 -9.732  -6.194  1.00 46.48 ? 1185 HOH A O   1 
HETATM 974  O  O   . HOH C 3 .  ? 8.700   12.248  8.435   1.00 46.83 ? 1186 HOH A O   1 
HETATM 975  O  O   . HOH C 3 .  ? -14.958 -1.032  0.292   1.00 47.04 ? 1187 HOH A O   1 
HETATM 976  O  O   . HOH C 3 .  ? -14.312 -4.583  -3.119  1.00 47.48 ? 1188 HOH A O   1 
HETATM 977  O  O   . HOH C 3 .  ? 2.693   -13.798 -2.018  1.00 47.92 ? 1189 HOH A O   1 
HETATM 978  O  O   . HOH C 3 .  ? -6.422  7.288   10.075  1.00 48.31 ? 1190 HOH A O   1 
HETATM 979  O  O   . HOH C 3 .  ? -8.370  -10.147 -9.063  1.00 50.00 ? 1191 HOH A O   1 
HETATM 980  O  O   . HOH C 3 .  ? -1.064  3.436   16.871  1.00 50.00 ? 1192 HOH A O   1 
HETATM 981  O  O   . HOH C 3 .  ? -14.506 5.639   8.845   1.00 50.00 ? 1193 HOH A O   1 
HETATM 982  O  O   . HOH C 3 .  ? -12.253 -1.525  -8.010  1.00 50.00 ? 1194 HOH A O   1 
HETATM 983  O  O   . HOH C 3 .  ? 11.532  -7.773  5.244   1.00 50.00 ? 1195 HOH A O   1 
HETATM 984  O  O   . HOH C 3 .  ? 11.458  1.276   -11.865 1.00 50.00 ? 1196 HOH A O   1 
HETATM 985  O  O   . HOH C 3 .  ? -0.332  -14.789 -2.381  1.00 50.00 ? 1197 HOH A O   1 
HETATM 986  O  O   . HOH C 3 .  ? 12.495  -6.089  1.872   1.00 50.00 ? 1198 HOH A O   1 
HETATM 987  O  O   . HOH C 3 .  ? 7.751   -5.214  -17.933 1.00 50.00 ? 1199 HOH A O   1 
HETATM 988  O  O   . HOH C 3 .  ? 8.230   -12.984 -4.568  1.00 50.00 ? 1200 HOH A O   1 
HETATM 989  O  O   . HOH C 3 .  ? -18.372 3.165   5.759   1.00 50.00 ? 1201 HOH A O   1 
HETATM 990  O  O   . HOH C 3 .  ? 5.562   -10.741 6.914   1.00 50.00 ? 1202 HOH A O   1 
HETATM 991  O  O   . HOH C 3 .  ? -2.306  8.958   -12.468 1.00 50.00 ? 1203 HOH A O   1 
HETATM 992  O  O   . HOH C 3 .  ? -15.374 -3.148  -1.439  1.00 50.00 ? 1204 HOH A O   1 
HETATM 993  O  O   . HOH C 3 .  ? 3.285   9.497   -12.632 1.00 50.00 ? 1205 HOH A O   1 
HETATM 994  O  O   . HOH C 3 .  ? 15.012  -5.739  2.590   1.00 50.00 ? 1206 HOH A O   1 
HETATM 995  O  O   . HOH C 3 .  ? 1.695   -18.731 8.309   1.00 50.00 ? 1207 HOH A O   1 
HETATM 996  O  O   . HOH C 3 .  ? -2.674  0.258   16.949  1.00 50.00 ? 1208 HOH A O   1 
HETATM 997  O  O   . HOH C 3 .  ? 2.551   5.389   -16.886 1.00 50.00 ? 1209 HOH A O   1 
HETATM 998  O  O   . HOH C 3 .  ? 13.331  -1.279  12.464  1.00 50.00 ? 1210 HOH A O   1 
HETATM 999  O  O   . HOH C 3 .  ? 10.246  -14.691 -6.720  1.00 50.00 ? 1211 HOH A O   1 
HETATM 1000 O  O   . HOH C 3 .  ? -13.422 2.103   11.542  1.00 50.00 ? 1212 HOH A O   1 
HETATM 1001 O  O   . HOH C 3 .  ? -16.658 -6.176  -9.928  1.00 50.00 ? 1213 HOH A O   1 
HETATM 1002 O  O   . HOH C 3 .  ? -6.402  -5.578  16.059  1.00 50.00 ? 1214 HOH A O   1 
HETATM 1003 O  O   . HOH C 3 .  ? -19.253 -7.752  2.380   1.00 50.00 ? 1215 HOH A O   1 
HETATM 1004 O  O   . HOH C 3 .  ? 8.007   10.959  -14.266 1.00 50.00 ? 1216 HOH A O   1 
HETATM 1005 O  O   . HOH C 3 .  ? 8.227   4.966   13.635  1.00 50.62 ? 1217 HOH A O   1 
HETATM 1006 O  O   . HOH C 3 .  ? 5.529   -9.014  10.248  1.00 51.10 ? 1218 HOH A O   1 
HETATM 1007 O  O   . HOH C 3 .  ? 12.993  -5.674  8.382   1.00 51.51 ? 1219 HOH A O   1 
HETATM 1008 O  O   . HOH C 3 .  ? 15.748  -0.673  9.955   1.00 51.53 ? 1220 HOH A O   1 
HETATM 1009 O  O   . HOH C 3 .  ? 1.485   -10.428 5.317   1.00 52.27 ? 1221 HOH A O   1 
HETATM 1010 O  O   . HOH C 3 .  ? 5.594   10.475  -12.344 1.00 52.66 ? 1222 HOH A O   1 
HETATM 1011 O  O   . HOH C 3 .  ? 4.385   11.899  10.897  1.00 52.69 ? 1223 HOH A O   1 
HETATM 1012 O  O   . HOH C 3 .  ? -1.991  -4.972  14.262  1.00 54.87 ? 1224 HOH A O   1 
HETATM 1013 O  O   . HOH C 3 .  ? 16.871  -2.310  4.971   1.00 55.14 ? 1225 HOH A O   1 
HETATM 1014 O  O   . HOH C 3 .  ? 3.333   -11.245 1.226   1.00 56.53 ? 1226 HOH A O   1 
HETATM 1015 O  O   . HOH C 3 .  ? 13.744  4.625   -4.763  1.00 56.54 ? 1227 HOH A O   1 
HETATM 1016 O  O   . HOH C 3 .  ? -7.946  3.829   -11.112 1.00 56.54 ? 1228 HOH A O   1 
HETATM 1017 O  O   . HOH C 3 .  ? 1.728   -0.883  15.554  1.00 56.64 ? 1229 HOH A O   1 
HETATM 1018 O  O   . HOH C 3 .  ? 1.811   7.854   -11.771 1.00 56.96 ? 1230 HOH A O   1 
HETATM 1019 O  O   . HOH C 3 .  ? -6.602  0.469   15.026  1.00 57.59 ? 1231 HOH A O   1 
HETATM 1020 O  O   . HOH C 3 .  ? -18.531 -9.414  -6.882  1.00 60.60 ? 1232 HOH A O   1 
HETATM 1021 O  O   . HOH C 3 .  ? 1.809   -4.059  12.498  1.00 64.12 ? 1233 HOH A O   1 
HETATM 1022 O  O   . HOH C 3 .  ? -8.790  0.557   -13.895 1.00 65.50 ? 1234 HOH A O   1 
HETATM 1023 O  O   . HOH C 3 .  ? 10.103  9.443   -10.620 1.00 75.16 ? 1235 HOH A O   1 
HETATM 1024 O  O   . HOH C 3 .  ? -8.910  -4.778  11.312  1.00 84.66 ? 1236 HOH A O   1 
HETATM 1025 O  O   . HOH C 3 .  ? -11.732 -10.417 -8.869  1.00 94.18 ? 1237 HOH A O   1 
# 
loop_
_atom_site_anisotrop.id 
_atom_site_anisotrop.type_symbol 
_atom_site_anisotrop.pdbx_label_atom_id 
_atom_site_anisotrop.pdbx_label_alt_id 
_atom_site_anisotrop.pdbx_label_comp_id 
_atom_site_anisotrop.pdbx_label_asym_id 
_atom_site_anisotrop.pdbx_label_seq_id 
_atom_site_anisotrop.pdbx_PDB_ins_code 
_atom_site_anisotrop.U[1][1] 
_atom_site_anisotrop.U[2][2] 
_atom_site_anisotrop.U[3][3] 
_atom_site_anisotrop.U[1][2] 
_atom_site_anisotrop.U[1][3] 
_atom_site_anisotrop.U[2][3] 
_atom_site_anisotrop.pdbx_auth_seq_id 
_atom_site_anisotrop.pdbx_auth_comp_id 
_atom_site_anisotrop.pdbx_auth_asym_id 
_atom_site_anisotrop.pdbx_auth_atom_id 
1   N  N   . ALA A 1  ? 0.1382 0.2048 0.1358 -0.0189 0.0030  0.0125  1   ALA A N   
2   C  CA  . ALA A 1  ? 0.0936 0.1522 0.1469 0.0035  0.0052  0.0274  1   ALA A CA  
5   C  CB  . ALA A 1  ? 0.1956 0.1590 0.2211 -0.0363 -0.0204 0.0325  1   ALA A CB  
6   N  N   . THR A 2  ? 0.0806 0.1543 0.1410 -0.0013 -0.0109 -0.0008 2   THR A N   
7   C  CA  . THR A 2  ? 0.0820 0.1399 0.1490 -0.0063 -0.0122 -0.0094 2   THR A CA  
8   C  C   . THR A 2  ? 0.0718 0.1321 0.1863 0.0132  -0.0322 -0.0244 2   THR A C   
9   O  O   . THR A 2  ? 0.0728 0.1925 0.2258 0.0146  -0.0374 -0.0298 2   THR A O   
10  C  CB  . THR A 2  ? 0.1106 0.1420 0.1515 0.0002  -0.0181 0.0152  2   THR A CB  
11  O  OG1 . THR A 2  ? 0.1212 0.1528 0.1434 0.0001  -0.0220 0.0069  2   THR A OG1 
12  C  CG2 . THR A 2  ? 0.1353 0.1785 0.1707 -0.0567 -0.0466 0.0367  2   THR A CG2 
13  N  N   . PHE A 3  ? 0.0816 0.1198 0.1709 -0.0102 -0.0413 -0.0009 3   PHE A N   
14  C  CA  . PHE A 3  ? 0.1014 0.1063 0.1683 0.0051  -0.0191 0.0127  3   PHE A CA  
15  C  C   . PHE A 3  ? 0.0912 0.1316 0.1619 0.0162  0.0034  0.0115  3   PHE A C   
16  O  O   . PHE A 3  ? 0.1239 0.1376 0.1661 0.0310  -0.0254 0.0041  3   PHE A O   
17  C  CB  . PHE A 3  ? 0.1378 0.1216 0.1689 -0.0098 -0.0349 0.0437  3   PHE A CB  
18  C  CG  . PHE A 3  ? 0.1145 0.1377 0.1461 -0.0082 -0.0414 0.0092  3   PHE A CG  
19  C  CD1 . PHE A 3  ? 0.1222 0.1496 0.1588 -0.0008 -0.0192 0.0364  3   PHE A CD1 
20  C  CD2 . PHE A 3  ? 0.1337 0.1183 0.1635 -0.0053 -0.0366 0.0325  3   PHE A CD2 
21  C  CE1 . PHE A 3  ? 0.1935 0.1591 0.1837 0.0001  -0.0734 0.0317  3   PHE A CE1 
22  C  CE2 . PHE A 3  ? 0.1665 0.1709 0.1587 -0.0439 -0.0178 0.0410  3   PHE A CE2 
23  C  CZ  . PHE A 3  ? 0.2380 0.1424 0.1399 -0.0142 -0.0799 0.0457  3   PHE A CZ  
24  N  N   . LYS A 4  ? 0.0776 0.1480 0.1686 0.0276  -0.0076 -0.0102 4   LYS A N   
25  C  CA  . LYS A 4  ? 0.0963 0.1430 0.1679 0.0035  -0.0108 0.0055  4   LYS A CA  
26  C  C   . LYS A 4  ? 0.1059 0.1271 0.1833 -0.0029 -0.0233 0.0291  4   LYS A C   
27  O  O   . LYS A 4  ? 0.1111 0.1375 0.2391 -0.0085 -0.0504 0.0331  4   LYS A O   
28  C  CB  . LYS A 4  ? 0.1548 0.1504 0.1763 -0.0073 0.0115  -0.0176 4   LYS A CB  
29  C  CG  . LYS A 4  ? 0.2268 0.2353 0.1795 -0.0307 0.0330  -0.0391 4   LYS A CG  
30  C  CD  . LYS A 4  ? 0.2207 0.3838 0.2207 -0.0277 0.0583  -0.0592 4   LYS A CD  
31  C  CE  . LYS A 4  ? 0.2661 0.4750 0.3697 0.0268  0.0287  -0.0476 4   LYS A CE  
32  N  NZ  . LYS A 4  ? 0.4212 0.7025 0.5994 0.2505  0.0916  -0.0865 4   LYS A NZ  
33  N  N   . VAL A 5  ? 0.1038 0.1329 0.1446 -0.0111 0.0050  0.0198  5   VAL A N   
34  C  CA  . VAL A 5  ? 0.0936 0.1112 0.1484 0.0051  -0.0052 0.0058  5   VAL A CA  
35  C  C   . VAL A 5  ? 0.0975 0.1423 0.1497 -0.0113 0.0058  0.0106  5   VAL A C   
36  O  O   . VAL A 5  ? 0.1133 0.1070 0.1486 0.0106  -0.0047 0.0018  5   VAL A O   
37  C  CB  . VAL A 5  ? 0.1010 0.1134 0.1436 0.0099  0.0059  0.0202  5   VAL A CB  
38  C  CG1 . VAL A 5  ? 0.1023 0.1294 0.1467 0.0045  0.0113  -0.0130 5   VAL A CG1 
39  C  CG2 . VAL A 5  ? 0.1597 0.0987 0.1429 0.0014  -0.0009 0.0102  5   VAL A CG2 
40  N  N   . THR A 6  ? 0.1076 0.1204 0.1546 -0.0068 0.0035  0.0117  6   THR A N   
41  C  CA  . THR A 6  ? 0.0923 0.1323 0.1517 0.0047  0.0047  0.0057  6   THR A CA  
42  C  C   . THR A 6  ? 0.0977 0.1376 0.1037 0.0015  0.0201  -0.0060 6   THR A C   
43  O  O   . THR A 6  ? 0.1223 0.1291 0.1456 -0.0072 0.0103  0.0089  6   THR A O   
44  C  CB  . THR A 6  ? 0.1179 0.1764 0.1824 0.0271  -0.0281 -0.0373 6   THR A CB  
45  O  OG1 . THR A 6  ? 0.1073 0.2240 0.1715 0.0150  0.0018  -0.0032 6   THR A OG1 
46  C  CG2 . THR A 6  ? 0.1299 0.1951 0.1750 0.0081  -0.0028 -0.0155 6   THR A CG2 
47  N  N   . LEU A 7  ? 0.0962 0.1397 0.1245 -0.0159 0.0040  0.0092  7   LEU A N   
48  C  CA  . LEU A 7  ? 0.1085 0.1311 0.1259 -0.0143 -0.0148 -0.0040 7   LEU A CA  
49  C  C   . LEU A 7  ? 0.0688 0.1766 0.1254 -0.0294 0.0240  -0.0225 7   LEU A C   
50  O  O   . LEU A 7  ? 0.1351 0.1548 0.1339 -0.0034 0.0215  -0.0053 7   LEU A O   
51  C  CB  . LEU A 7  ? 0.1101 0.1479 0.1032 0.0068  0.0024  -0.0055 7   LEU A CB  
52  C  CG  . LEU A 7  ? 0.0910 0.1321 0.1253 -0.0180 -0.0073 -0.0037 7   LEU A CG  
53  C  CD1 . LEU A 7  ? 0.1243 0.1422 0.1558 0.0014  0.0005  -0.0047 7   LEU A CD1 
54  C  CD2 . LEU A 7  ? 0.1566 0.1206 0.1259 -0.0198 0.0190  -0.0253 7   LEU A CD2 
55  N  N   . ILE A 8  ? 0.1145 0.1537 0.1121 -0.0199 -0.0130 -0.0254 8   ILE A N   
56  C  CA  . ILE A 8  ? 0.1524 0.1272 0.1193 -0.0069 -0.0157 -0.0141 8   ILE A CA  
57  C  C   . ILE A 8  ? 0.1422 0.1108 0.1014 -0.0022 0.0102  -0.0059 8   ILE A C   
58  O  O   . ILE A 8  ? 0.1235 0.1512 0.1346 0.0054  0.0151  -0.0027 8   ILE A O   
59  C  CB  . ILE A 8  ? 0.1291 0.1431 0.1551 0.0211  0.0020  -0.0210 8   ILE A CB  
60  C  CG1 A ILE A 8  ? 0.1443 0.1536 0.1516 0.0250  -0.0005 -0.0185 8   ILE A CG1 
61  C  CG1 B ILE A 8  ? 0.1620 0.1498 0.1489 0.0254  -0.0204 -0.0253 8   ILE A CG1 
62  C  CG2 A ILE A 8  ? 0.1845 0.1421 0.1537 0.0510  -0.0276 -0.0262 8   ILE A CG2 
63  C  CG2 B ILE A 8  ? 0.0518 0.1651 0.1602 0.0115  0.0134  -0.0324 8   ILE A CG2 
64  C  CD1 A ILE A 8  ? 0.1383 0.1542 0.2093 0.0061  0.0018  0.0009  8   ILE A CD1 
65  C  CD1 B ILE A 8  ? 0.1166 0.1355 0.1708 -0.0308 -0.0780 -0.0117 8   ILE A CD1 
66  N  N   . ASN A 9  ? 0.1284 0.1364 0.1131 0.0006  -0.0087 -0.0068 9   ASN A N   
67  C  CA  . ASN A 9  ? 0.1363 0.1352 0.1335 -0.0002 -0.0016 -0.0214 9   ASN A CA  
68  C  C   . ASN A 9  ? 0.1407 0.1374 0.1121 -0.0071 0.0122  -0.0171 9   ASN A C   
69  O  O   . ASN A 9  ? 0.2004 0.1456 0.1190 -0.0109 0.0204  -0.0053 9   ASN A O   
70  C  CB  . ASN A 9  ? 0.1654 0.1301 0.1043 -0.0114 0.0078  -0.0361 9   ASN A CB  
71  C  CG  . ASN A 9  ? 0.1934 0.1308 0.1243 0.0338  -0.0449 -0.0332 9   ASN A CG  
72  O  OD1 . ASN A 9  ? 0.1685 0.1564 0.1713 0.0183  -0.0252 -0.0481 9   ASN A OD1 
73  N  ND2 . ASN A 9  ? 0.2158 0.1362 0.1910 0.0234  -0.0261 -0.0338 9   ASN A ND2 
74  N  N   . GLU A 10 ? 0.1657 0.1175 0.1170 -0.0100 0.0043  -0.0243 10  GLU A N   
75  C  CA  . GLU A 10 ? 0.1848 0.1112 0.1378 -0.0198 0.0059  -0.0380 10  GLU A CA  
76  C  C   . GLU A 10 ? 0.1883 0.1388 0.1489 0.0072  -0.0012 -0.0378 10  GLU A C   
77  O  O   . GLU A 10 ? 0.2042 0.1558 0.1398 0.0011  0.0112  -0.0335 10  GLU A O   
78  C  CB  . GLU A 10 ? 0.1744 0.1389 0.1258 -0.0117 0.0195  -0.0404 10  GLU A CB  
79  C  CG  . GLU A 10 ? 0.1952 0.1717 0.1403 0.0231  0.0309  -0.0211 10  GLU A CG  
80  C  CD  . GLU A 10 ? 0.2124 0.1767 0.1711 0.0164  0.0381  0.0024  10  GLU A CD  
81  O  OE1 . GLU A 10 ? 0.2587 0.1988 0.2011 0.0038  0.0675  -0.0154 10  GLU A OE1 
82  O  OE2 . GLU A 10 ? 0.2776 0.1919 0.1836 0.0248  0.0144  0.0135  10  GLU A OE2 
83  N  N   . ALA A 11 ? 0.1697 0.1695 0.1327 -0.0102 -0.0049 -0.0292 11  ALA A N   
84  C  CA  . ALA A 11 ? 0.2031 0.1410 0.1535 0.0204  -0.0117 -0.0179 11  ALA A CA  
85  C  C   . ALA A 11 ? 0.1777 0.1541 0.1466 0.0073  -0.0029 -0.0229 11  ALA A C   
86  O  O   . ALA A 11 ? 0.2736 0.1867 0.1391 0.0234  -0.0335 -0.0445 11  ALA A O   
87  C  CB  . ALA A 11 ? 0.1827 0.1594 0.1994 0.0157  0.0006  -0.0067 11  ALA A CB  
88  N  N   . GLU A 12 ? 0.2328 0.1872 0.1240 -0.0341 -0.0334 -0.0179 12  GLU A N   
89  C  CA  . GLU A 12 ? 0.2193 0.1942 0.1269 -0.0226 -0.0073 -0.0212 12  GLU A CA  
90  C  C   . GLU A 12 ? 0.2148 0.1954 0.1404 -0.0213 -0.0023 -0.0357 12  GLU A C   
91  O  O   . GLU A 12 ? 0.2528 0.2481 0.1741 -0.0199 0.0154  -0.0014 12  GLU A O   
92  C  CB  A GLU A 12 ? 0.2831 0.1814 0.1185 -0.0073 -0.0021 -0.0196 12  GLU A CB  
93  C  CB  B GLU A 12 ? 0.2524 0.1865 0.1237 -0.0168 0.0017  -0.0197 12  GLU A CB  
94  C  CG  A GLU A 12 ? 0.2866 0.2070 0.1348 -0.0110 0.0034  -0.0279 12  GLU A CG  
95  C  CG  B GLU A 12 ? 0.2778 0.2046 0.1719 -0.0163 -0.0253 -0.0131 12  GLU A CG  
96  C  CD  A GLU A 12 ? 0.3606 0.2495 0.2398 -0.0022 -0.0739 0.0101  12  GLU A CD  
97  C  CD  B GLU A 12 ? 0.3349 0.2048 0.1782 0.0309  -0.0297 -0.0167 12  GLU A CD  
98  O  OE1 A GLU A 12 ? 0.4242 0.3516 0.4360 -0.1482 -0.1677 0.0420  12  GLU A OE1 
99  O  OE1 B GLU A 12 ? 0.3576 0.1971 0.2588 0.0769  -0.0797 -0.0905 12  GLU A OE1 
100 O  OE2 A GLU A 12 ? 0.4918 0.3243 0.1883 0.0424  -0.0663 0.0382  12  GLU A OE2 
101 O  OE2 B GLU A 12 ? 0.3561 0.2360 0.2362 0.0326  0.0022  0.0196  12  GLU A OE2 
102 N  N   . GLY A 13 ? 0.1947 0.2001 0.1240 -0.0209 0.0087  -0.0345 13  GLY A N   
103 C  CA  . GLY A 13 ? 0.2133 0.2300 0.1106 -0.0022 0.0252  -0.0497 13  GLY A CA  
104 C  C   . GLY A 13 ? 0.2077 0.2243 0.1403 -0.0248 0.0448  -0.0122 13  GLY A C   
105 O  O   . GLY A 13 ? 0.2765 0.2696 0.1831 -0.0441 0.1024  -0.0035 13  GLY A O   
106 N  N   . THR A 14 ? 0.1702 0.1681 0.1506 -0.0179 0.0147  -0.0140 14  THR A N   
107 C  CA  . THR A 14 ? 0.2351 0.1682 0.1660 -0.0596 -0.0103 0.0129  14  THR A CA  
108 C  C   . THR A 14 ? 0.1561 0.1997 0.1626 -0.0156 0.0218  -0.0108 14  THR A C   
109 O  O   . THR A 14 ? 0.1526 0.1619 0.1434 -0.0035 0.0208  -0.0117 14  THR A O   
110 C  CB  . THR A 14 ? 0.2219 0.1715 0.1688 -0.0695 -0.0191 0.0195  14  THR A CB  
111 O  OG1 . THR A 14 ? 0.2239 0.1903 0.1496 -0.0385 -0.0362 0.0124  14  THR A OG1 
112 C  CG2 . THR A 14 ? 0.3205 0.2172 0.1474 0.0110  -0.0270 -0.0192 14  THR A CG2 
113 N  N   . LYS A 15 ? 0.1689 0.2262 0.1523 -0.0456 0.0322  -0.0167 15  LYS A N   
114 C  CA  . LYS A 15 ? 0.1670 0.2193 0.1788 -0.0324 0.0292  0.0001  15  LYS A CA  
115 C  C   . LYS A 15 ? 0.1914 0.2036 0.1425 -0.0496 0.0254  0.0242  15  LYS A C   
116 O  O   . LYS A 15 ? 0.2046 0.2380 0.1600 -0.0520 0.0344  0.0244  15  LYS A O   
117 C  CB  . LYS A 15 ? 0.2054 0.2578 0.2127 0.0197  0.0407  -0.0238 15  LYS A CB  
118 C  CG  . LYS A 15 ? 0.2260 0.3363 0.2489 0.0429  0.0088  -0.0324 15  LYS A CG  
119 C  CD  . LYS A 15 ? 0.2144 0.4242 0.3694 0.0610  -0.0007 -0.0389 15  LYS A CD  
120 C  CE  . LYS A 15 ? 0.2656 0.5118 0.4606 0.0555  -0.0764 -0.0243 15  LYS A CE  
121 N  NZ  . LYS A 15 ? 0.1947 0.7049 0.5760 0.0333  0.0088  0.0127  15  LYS A NZ  
122 N  N   . HIS A 16 ? 0.1674 0.2245 0.1383 -0.0539 0.0360  0.0113  16  HIS A N   
123 C  CA  . HIS A 16 ? 0.1480 0.2200 0.1403 -0.0522 0.0254  0.0157  16  HIS A CA  
124 C  C   . HIS A 16 ? 0.1589 0.1894 0.1588 -0.0443 0.0186  0.0064  16  HIS A C   
125 O  O   . HIS A 16 ? 0.2058 0.3307 0.1863 -0.1509 -0.0320 0.0700  16  HIS A O   
126 C  CB  . HIS A 16 ? 0.1624 0.2307 0.1557 -0.0418 0.0205  0.0042  16  HIS A CB  
127 C  CG  . HIS A 16 ? 0.2372 0.2215 0.1918 -0.0240 -0.0250 0.0256  16  HIS A CG  
128 N  ND1 . HIS A 16 ? 0.2829 0.3173 0.2049 -0.0533 -0.0504 0.0116  16  HIS A ND1 
129 C  CD2 . HIS A 16 ? 0.2526 0.1385 0.2077 -0.0516 -0.0603 0.0100  16  HIS A CD2 
130 C  CE1 . HIS A 16 ? 0.2783 0.2206 0.1915 -0.0733 -0.0619 0.0322  16  HIS A CE1 
131 N  NE2 . HIS A 16 ? 0.3006 0.1638 0.2262 -0.0390 -0.0750 0.0168  16  HIS A NE2 
132 N  N   . GLU A 17 ? 0.1447 0.1620 0.1530 -0.0435 0.0205  -0.0054 17  GLU A N   
133 C  CA  . GLU A 17 ? 0.1338 0.1625 0.1548 0.0018  0.0252  -0.0251 17  GLU A CA  
134 C  C   . GLU A 17 ? 0.1437 0.1416 0.1383 0.0096  0.0025  -0.0092 17  GLU A C   
135 O  O   . GLU A 17 ? 0.2188 0.1343 0.1903 -0.0575 0.0035  -0.0031 17  GLU A O   
136 C  CB  . GLU A 17 ? 0.1424 0.2316 0.1940 0.0247  0.0454  -0.0502 17  GLU A CB  
137 C  CG  . GLU A 17 ? 0.2804 0.2998 0.3618 0.1042  0.0212  -0.0941 17  GLU A CG  
138 C  CD  . GLU A 17 ? 0.3499 0.3712 0.4933 0.1757  0.0254  -0.0889 17  GLU A CD  
139 O  OE1 . GLU A 17 ? 0.7586 0.4101 0.6575 0.3390  -0.0430 -0.1709 17  GLU A OE1 
140 O  OE2 . GLU A 17 ? 0.2486 0.5366 0.6019 0.0060  0.0665  0.0860  17  GLU A OE2 
141 N  N   . ILE A 18 ? 0.1069 0.1470 0.1482 0.0194  -0.0147 -0.0129 18  ILE A N   
142 C  CA  . ILE A 18 ? 0.1024 0.1317 0.1312 0.0067  -0.0069 -0.0169 18  ILE A CA  
143 C  C   . ILE A 18 ? 0.0984 0.1292 0.1336 -0.0207 -0.0122 0.0026  18  ILE A C   
144 O  O   . ILE A 18 ? 0.1158 0.1270 0.1455 -0.0066 -0.0158 0.0171  18  ILE A O   
145 C  CB  . ILE A 18 ? 0.1022 0.1026 0.1349 0.0035  -0.0092 -0.0071 18  ILE A CB  
146 C  CG1 . ILE A 18 ? 0.0761 0.1229 0.1268 -0.0069 -0.0267 0.0082  18  ILE A CG1 
147 C  CG2 . ILE A 18 ? 0.1440 0.1352 0.1359 0.0114  -0.0169 0.0173  18  ILE A CG2 
148 C  CD1 . ILE A 18 ? 0.0796 0.1641 0.1544 0.0199  -0.0067 0.0205  18  ILE A CD1 
149 N  N   . GLU A 19 ? 0.0970 0.1281 0.1305 -0.0033 -0.0158 0.0019  19  GLU A N   
150 C  CA  . GLU A 19 ? 0.0821 0.1336 0.1299 -0.0106 -0.0130 -0.0020 19  GLU A CA  
151 C  C   . GLU A 19 ? 0.0939 0.1044 0.1180 -0.0021 0.0010  0.0121  19  GLU A C   
152 O  O   . GLU A 19 ? 0.1397 0.1005 0.1412 0.0101  0.0036  0.0193  19  GLU A O   
153 C  CB  . GLU A 19 ? 0.0611 0.1358 0.1764 -0.0232 -0.0154 0.0000  19  GLU A CB  
154 C  CG  . GLU A 19 ? 0.0870 0.1939 0.1806 -0.0132 -0.0020 -0.0022 19  GLU A CG  
155 C  CD  . GLU A 19 ? 0.1118 0.1968 0.1960 0.0053  0.0144  0.0065  19  GLU A CD  
156 O  OE1 . GLU A 19 ? 0.1791 0.1316 0.2018 0.0210  0.0079  0.0042  19  GLU A OE1 
157 O  OE2 . GLU A 19 ? 0.2580 0.2315 0.2264 0.0434  0.0617  -0.0002 19  GLU A OE2 
158 N  N   . VAL A 20 ? 0.1162 0.1187 0.1176 0.0083  -0.0045 0.0129  20  VAL A N   
159 C  CA  . VAL A 20 ? 0.0620 0.1261 0.1165 0.0173  -0.0032 0.0041  20  VAL A CA  
160 C  C   . VAL A 20 ? 0.0726 0.1399 0.1078 0.0321  -0.0072 0.0034  20  VAL A C   
161 O  O   . VAL A 20 ? 0.0798 0.1302 0.1287 0.0047  -0.0188 0.0182  20  VAL A O   
162 C  CB  . VAL A 20 ? 0.1060 0.1095 0.1323 0.0112  0.0002  -0.0147 20  VAL A CB  
163 C  CG1 . VAL A 20 ? 0.0802 0.1145 0.1560 -0.0027 0.0030  0.0130  20  VAL A CG1 
164 C  CG2 . VAL A 20 ? 0.0982 0.1072 0.1494 -0.0070 -0.0261 0.0010  20  VAL A CG2 
165 N  N   . PRO A 21 ? 0.0904 0.1280 0.1295 0.0170  -0.0109 0.0164  21  PRO A N   
166 C  CA  . PRO A 21 ? 0.1173 0.1353 0.1162 -0.0116 -0.0205 0.0008  21  PRO A CA  
167 C  C   . PRO A 21 ? 0.0920 0.1634 0.1124 -0.0312 -0.0104 0.0070  21  PRO A C   
168 O  O   . PRO A 21 ? 0.0895 0.1418 0.1384 -0.0002 -0.0175 0.0046  21  PRO A O   
169 C  CB  . PRO A 21 ? 0.1048 0.1525 0.1272 -0.0041 -0.0206 -0.0008 21  PRO A CB  
170 C  CG  . PRO A 21 ? 0.1313 0.1427 0.1267 -0.0114 -0.0144 0.0058  21  PRO A CG  
171 C  CD  . PRO A 21 ? 0.0854 0.1501 0.1322 0.0334  -0.0091 0.0150  21  PRO A CD  
172 N  N   . ASP A 22 ? 0.1004 0.1577 0.1272 -0.0044 0.0022  0.0143  22  ASP A N   
173 C  CA  . ASP A 22 ? 0.0984 0.1382 0.1225 -0.0132 0.0022  0.0138  22  ASP A CA  
174 C  C   . ASP A 22 ? 0.1355 0.1577 0.0941 0.0001  -0.0189 0.0279  22  ASP A C   
175 O  O   . ASP A 22 ? 0.1321 0.1526 0.1460 0.0050  0.0190  0.0123  22  ASP A O   
176 C  CB  . ASP A 22 ? 0.1539 0.1734 0.1449 0.0256  -0.0011 0.0389  22  ASP A CB  
177 C  CG  . ASP A 22 ? 0.1421 0.1983 0.1236 0.0191  -0.0077 0.0482  22  ASP A CG  
178 O  OD1 . ASP A 22 ? 0.1955 0.2250 0.1552 0.0040  -0.0475 -0.0194 22  ASP A OD1 
179 O  OD2 . ASP A 22 ? 0.1208 0.2885 0.2149 0.0193  -0.0165 0.0489  22  ASP A OD2 
180 N  N   . ASP A 23 ? 0.0962 0.1372 0.1561 0.0077  -0.0330 0.0336  23  ASP A N   
181 C  CA  . ASP A 23 ? 0.1339 0.1611 0.1451 0.0005  -0.0420 -0.0089 23  ASP A CA  
182 C  C   . ASP A 23 ? 0.0904 0.1493 0.1231 0.0006  0.0061  0.0129  23  ASP A C   
183 O  O   . ASP A 23 ? 0.1436 0.1443 0.1342 -0.0017 -0.0140 -0.0011 23  ASP A O   
184 C  CB  . ASP A 23 ? 0.1664 0.1797 0.1576 -0.0191 -0.0482 -0.0154 23  ASP A CB  
185 C  CG  . ASP A 23 ? 0.1989 0.1938 0.1946 -0.0229 -0.0419 -0.0279 23  ASP A CG  
186 O  OD1 . ASP A 23 ? 0.1633 0.1806 0.2131 -0.0449 -0.0136 -0.0098 23  ASP A OD1 
187 O  OD2 . ASP A 23 ? 0.3485 0.2852 0.2631 -0.0926 -0.0273 -0.1030 23  ASP A OD2 
188 N  N   . GLU A 24 ? 0.1039 0.1078 0.1205 0.0184  -0.0035 0.0055  24  GLU A N   
189 C  CA  . GLU A 24 ? 0.0963 0.1012 0.1459 0.0113  -0.0112 0.0022  24  GLU A CA  
190 C  C   . GLU A 24 ? 0.0874 0.1247 0.1251 -0.0066 0.0048  0.0102  24  GLU A C   
191 O  O   . GLU A 24 ? 0.0956 0.1293 0.1146 0.0063  -0.0101 -0.0128 24  GLU A O   
192 C  CB  . GLU A 24 ? 0.0896 0.1160 0.1439 -0.0047 -0.0268 0.0031  24  GLU A CB  
193 C  CG  . GLU A 24 ? 0.0906 0.1316 0.1208 -0.0065 -0.0008 -0.0023 24  GLU A CG  
194 C  CD  . GLU A 24 ? 0.0945 0.1205 0.1507 -0.0049 -0.0152 0.0105  24  GLU A CD  
195 O  OE1 . GLU A 24 ? 0.0927 0.1591 0.1820 -0.0007 -0.0013 0.0651  24  GLU A OE1 
196 O  OE2 . GLU A 24 ? 0.0964 0.1402 0.1659 0.0043  -0.0263 0.0344  24  GLU A OE2 
197 N  N   . TYR A 25 ? 0.0960 0.1232 0.1119 0.0116  0.0108  -0.0206 25  TYR A N   
198 C  CA  . TYR A 25 ? 0.0764 0.1076 0.1303 0.0151  0.0063  -0.0055 25  TYR A CA  
199 C  C   . TYR A 25 ? 0.0441 0.1083 0.1230 -0.0022 -0.0102 0.0196  25  TYR A C   
200 O  O   . TYR A 25 ? 0.0912 0.1068 0.1164 -0.0114 -0.0080 0.0134  25  TYR A O   
201 C  CB  . TYR A 25 ? 0.0825 0.1362 0.1170 -0.0058 0.0090  -0.0021 25  TYR A CB  
202 C  CG  . TYR A 25 ? 0.0714 0.1580 0.1080 -0.0095 -0.0021 -0.0209 25  TYR A CG  
203 C  CD1 . TYR A 25 ? 0.1220 0.1537 0.0869 -0.0108 0.0009  -0.0140 25  TYR A CD1 
204 C  CD2 . TYR A 25 ? 0.1023 0.1617 0.1383 0.0030  0.0175  0.0148  25  TYR A CD2 
205 C  CE1 . TYR A 25 ? 0.1246 0.1588 0.0949 -0.0137 -0.0050 -0.0251 25  TYR A CE1 
206 C  CE2 . TYR A 25 ? 0.1464 0.1808 0.1164 0.0209  0.0209  0.0027  25  TYR A CE2 
207 C  CZ  . TYR A 25 ? 0.1404 0.1853 0.1081 -0.0236 0.0280  -0.0068 25  TYR A CZ  
208 O  OH  . TYR A 25 ? 0.2225 0.1953 0.1014 0.0043  0.0566  -0.0229 25  TYR A OH  
209 N  N   . ILE A 26 ? 0.0934 0.1075 0.1204 -0.0027 -0.0167 0.0023  26  ILE A N   
210 C  CA  . ILE A 26 ? 0.0834 0.1106 0.1216 0.0074  -0.0007 0.0196  26  ILE A CA  
211 C  C   . ILE A 26 ? 0.0898 0.1058 0.0901 0.0134  0.0119  -0.0061 26  ILE A C   
212 O  O   . ILE A 26 ? 0.0778 0.1416 0.1001 -0.0139 0.0150  0.0035  26  ILE A O   
213 C  CB  A ILE A 26 ? 0.1076 0.1088 0.1129 -0.0046 -0.0033 0.0221  26  ILE A CB  
214 C  CB  B ILE A 26 ? 0.0930 0.1099 0.1229 0.0143  0.0030  0.0126  26  ILE A CB  
215 C  CG1 A ILE A 26 ? 0.1110 0.1033 0.1337 0.0246  0.0044  0.0141  26  ILE A CG1 
216 C  CG1 B ILE A 26 ? 0.0652 0.1065 0.1174 0.0237  0.0271  0.0052  26  ILE A CG1 
217 C  CG2 A ILE A 26 ? 0.1166 0.1043 0.1450 0.0154  0.0045  0.0130  26  ILE A CG2 
218 C  CG2 B ILE A 26 ? 0.1313 0.1175 0.1236 0.0300  0.0002  0.0159  26  ILE A CG2 
219 C  CD1 A ILE A 26 ? 0.1533 0.1166 0.1635 0.0196  0.0148  0.0036  26  ILE A CD1 
220 C  CD1 B ILE A 26 ? 0.0752 0.0976 0.0807 0.1228  0.0976  -0.0933 26  ILE A CD1 
221 N  N   . LEU A 27 ? 0.0802 0.1185 0.0861 0.0027  -0.0046 0.0119  27  LEU A N   
222 C  CA  . LEU A 27 ? 0.0622 0.1191 0.1149 -0.0027 -0.0025 0.0154  27  LEU A CA  
223 C  C   . LEU A 27 ? 0.0602 0.1104 0.1036 -0.0014 0.0080  0.0123  27  LEU A C   
224 O  O   . LEU A 27 ? 0.0887 0.1385 0.0999 0.0004  0.0109  0.0265  27  LEU A O   
225 C  CB  . LEU A 27 ? 0.0711 0.1138 0.1325 -0.0176 -0.0123 0.0262  27  LEU A CB  
226 C  CG  . LEU A 27 ? 0.0730 0.1217 0.1298 -0.0028 -0.0138 0.0004  27  LEU A CG  
227 C  CD1 . LEU A 27 ? 0.1064 0.1084 0.1304 -0.0089 -0.0240 0.0107  27  LEU A CD1 
228 C  CD2 . LEU A 27 ? 0.0704 0.1459 0.1445 0.0060  -0.0256 0.0070  27  LEU A CD2 
229 N  N   . ASP A 28 ? 0.1102 0.1096 0.1097 -0.0035 -0.0092 0.0048  28  ASP A N   
230 C  CA  . ASP A 28 ? 0.0669 0.1145 0.1275 0.0071  -0.0007 0.0023  28  ASP A CA  
231 C  C   . ASP A 28 ? 0.0903 0.1209 0.1065 -0.0036 -0.0109 -0.0060 28  ASP A C   
232 O  O   . ASP A 28 ? 0.0897 0.1211 0.1329 -0.0072 -0.0129 0.0097  28  ASP A O   
233 C  CB  . ASP A 28 ? 0.1364 0.0951 0.1419 0.0060  0.0009  -0.0045 28  ASP A CB  
234 C  CG  A ASP A 28 ? 0.1550 0.1664 0.1376 0.0235  0.0058  -0.0124 28  ASP A CG  
235 C  CG  B ASP A 28 ? 0.1554 0.1662 0.1343 0.0245  0.0054  -0.0122 28  ASP A CG  
236 O  OD1 A ASP A 28 ? 0.1637 0.2408 0.1686 0.0652  -0.0139 -0.0209 28  ASP A OD1 
237 O  OD1 B ASP A 28 ? 0.1899 0.2098 0.2105 0.0637  -0.0255 -0.0442 28  ASP A OD1 
238 O  OD2 A ASP A 28 ? 0.1507 0.1776 0.1718 0.0257  0.0209  0.0248  28  ASP A OD2 
239 O  OD2 B ASP A 28 ? 0.1712 0.2357 0.2051 0.0121  0.0468  0.0394  28  ASP A OD2 
240 N  N   . ALA A 29 ? 0.0626 0.1091 0.1197 0.0046  -0.0133 -0.0082 29  ALA A N   
241 C  CA  . ALA A 29 ? 0.0741 0.1305 0.1137 -0.0095 -0.0185 0.0151  29  ALA A CA  
242 C  C   . ALA A 29 ? 0.1108 0.1142 0.1169 -0.0222 -0.0136 0.0156  29  ALA A C   
243 O  O   . ALA A 29 ? 0.0856 0.1178 0.1310 -0.0132 -0.0042 0.0254  29  ALA A O   
244 C  CB  . ALA A 29 ? 0.0938 0.1104 0.1381 0.0132  -0.0121 0.0163  29  ALA A CB  
245 N  N   . ALA A 30 ? 0.0812 0.1035 0.1252 -0.0020 -0.0110 0.0008  30  ALA A N   
246 C  CA  . ALA A 30 ? 0.1025 0.1030 0.1230 0.0032  -0.0184 -0.0039 30  ALA A CA  
247 C  C   . ALA A 30 ? 0.0504 0.1232 0.1094 -0.0078 0.0125  0.0131  30  ALA A C   
248 O  O   . ALA A 30 ? 0.0936 0.1494 0.0932 -0.0084 0.0068  0.0073  30  ALA A O   
249 C  CB  . ALA A 30 ? 0.0962 0.1192 0.1344 -0.0070 -0.0167 0.0021  30  ALA A CB  
250 N  N   . GLU A 31 ? 0.0587 0.1172 0.1022 0.0082  0.0081  0.0158  31  GLU A N   
251 C  CA  . GLU A 31 ? 0.0785 0.1258 0.1018 0.0065  -0.0086 -0.0162 31  GLU A CA  
252 C  C   . GLU A 31 ? 0.0714 0.1119 0.1358 0.0080  -0.0051 0.0149  31  GLU A C   
253 O  O   . GLU A 31 ? 0.0927 0.1362 0.1317 0.0062  -0.0064 0.0125  31  GLU A O   
254 C  CB  . GLU A 31 ? 0.0726 0.0986 0.1365 -0.0060 -0.0072 0.0008  31  GLU A CB  
255 C  CG  . GLU A 31 ? 0.0852 0.1114 0.1329 -0.0057 0.0076  0.0092  31  GLU A CG  
256 C  CD  . GLU A 31 ? 0.0664 0.1236 0.1285 0.0093  0.0062  -0.0027 31  GLU A CD  
257 O  OE1 . GLU A 31 ? 0.1069 0.1832 0.1542 -0.0063 -0.0049 -0.0427 31  GLU A OE1 
258 O  OE2 . GLU A 31 ? 0.0649 0.1534 0.1410 -0.0093 0.0048  0.0019  31  GLU A OE2 
259 N  N   . GLU A 32 ? 0.0788 0.1052 0.1298 -0.0033 -0.0017 0.0078  32  GLU A N   
260 C  CA  . GLU A 32 ? 0.0771 0.0997 0.1357 -0.0018 -0.0013 0.0069  32  GLU A CA  
261 C  C   . GLU A 32 ? 0.0828 0.1117 0.1252 -0.0020 -0.0164 0.0132  32  GLU A C   
262 O  O   . GLU A 32 ? 0.0977 0.1261 0.1389 -0.0377 -0.0063 0.0058  32  GLU A O   
263 C  CB  . GLU A 32 ? 0.0794 0.1528 0.1244 0.0082  -0.0151 0.0104  32  GLU A CB  
264 C  CG  . GLU A 32 ? 0.0784 0.1443 0.1243 -0.0162 -0.0233 0.0075  32  GLU A CG  
265 C  CD  . GLU A 32 ? 0.1182 0.1615 0.1155 0.0308  -0.0201 -0.0053 32  GLU A CD  
266 O  OE1 . GLU A 32 ? 0.0981 0.1203 0.1282 -0.0023 -0.0186 0.0115  32  GLU A OE1 
267 O  OE2 . GLU A 32 ? 0.2677 0.2557 0.1148 0.1310  0.0190  -0.0065 32  GLU A OE2 
268 N  N   . GLN A 33 ? 0.0875 0.1070 0.1256 -0.0126 -0.0155 0.0137  33  GLN A N   
269 C  CA  . GLN A 33 ? 0.0828 0.1190 0.1210 -0.0131 -0.0017 0.0233  33  GLN A CA  
270 C  C   . GLN A 33 ? 0.0832 0.1477 0.1248 -0.0091 -0.0061 0.0327  33  GLN A C   
271 O  O   . GLN A 33 ? 0.1535 0.2197 0.1229 0.0345  0.0186  0.0124  33  GLN A O   
272 C  CB  . GLN A 33 ? 0.1095 0.1173 0.1122 0.0003  -0.0093 0.0257  33  GLN A CB  
273 C  CG  . GLN A 33 ? 0.1083 0.1064 0.1501 0.0149  -0.0266 -0.0030 33  GLN A CG  
274 C  CD  . GLN A 33 ? 0.0887 0.0879 0.1332 -0.0164 -0.0235 0.0082  33  GLN A CD  
275 O  OE1 . GLN A 33 ? 0.1297 0.1002 0.1328 0.0029  -0.0136 -0.0004 33  GLN A OE1 
276 N  NE2 . GLN A 33 ? 0.0840 0.1437 0.1592 0.0147  -0.0047 0.0112  33  GLN A NE2 
277 N  N   . GLY A 34 ? 0.0974 0.1426 0.1326 0.0030  -0.0253 0.0239  34  GLY A N   
278 C  CA  . GLY A 34 ? 0.0868 0.1740 0.1182 0.0012  0.0042  0.0201  34  GLY A CA  
279 C  C   . GLY A 34 ? 0.0721 0.1766 0.1150 -0.0065 0.0065  0.0204  34  GLY A C   
280 O  O   . GLY A 34 ? 0.1210 0.1897 0.1180 -0.0053 -0.0014 0.0266  34  GLY A O   
281 N  N   . TYR A 35 ? 0.0764 0.1739 0.1092 0.0018  0.0218  0.0102  35  TYR A N   
282 C  CA  . TYR A 35 ? 0.0924 0.1566 0.1158 0.0000  -0.0086 0.0166  35  TYR A CA  
283 C  C   . TYR A 35 ? 0.1097 0.1507 0.1151 -0.0175 0.0052  0.0238  35  TYR A C   
284 O  O   . TYR A 35 ? 0.1128 0.1710 0.1264 -0.0200 -0.0050 0.0239  35  TYR A O   
285 C  CB  . TYR A 35 ? 0.1224 0.1591 0.1329 0.0078  0.0085  0.0094  35  TYR A CB  
286 C  CG  . TYR A 35 ? 0.1419 0.1302 0.1494 0.0224  0.0196  -0.0046 35  TYR A CG  
287 C  CD1 . TYR A 35 ? 0.1925 0.1582 0.1436 0.0252  0.0399  -0.0006 35  TYR A CD1 
288 C  CD2 . TYR A 35 ? 0.1137 0.2006 0.1809 0.0113  0.0065  0.0429  35  TYR A CD2 
289 C  CE1 . TYR A 35 ? 0.1659 0.1882 0.1792 0.0307  0.0490  -0.0073 35  TYR A CE1 
290 C  CE2 . TYR A 35 ? 0.1420 0.2412 0.1999 0.0282  0.0150  0.0201  35  TYR A CE2 
291 C  CZ  . TYR A 35 ? 0.1753 0.2062 0.2047 -0.0201 0.0500  0.0211  35  TYR A CZ  
292 O  OH  . TYR A 35 ? 0.1798 0.2856 0.2557 0.0571  0.0682  0.0533  35  TYR A OH  
293 N  N   . ASP A 36 ? 0.1073 0.1466 0.1156 0.0028  0.0069  -0.0086 36  ASP A N   
294 C  CA  . ASP A 36 ? 0.0915 0.1328 0.1016 0.0027  0.0009  -0.0048 36  ASP A CA  
295 C  C   . ASP A 36 ? 0.1136 0.1464 0.1192 0.0012  -0.0153 -0.0097 36  ASP A C   
296 O  O   . ASP A 36 ? 0.1638 0.1454 0.1189 -0.0083 0.0169  -0.0195 36  ASP A O   
297 C  CB  . ASP A 36 ? 0.1165 0.1455 0.1286 0.0181  -0.0117 0.0089  36  ASP A CB  
298 C  CG  . ASP A 36 ? 0.1051 0.1385 0.1454 0.0118  0.0129  0.0106  36  ASP A CG  
299 O  OD1 . ASP A 36 ? 0.1185 0.1317 0.1731 0.0153  0.0191  -0.0037 36  ASP A OD1 
300 O  OD2 . ASP A 36 ? 0.1697 0.1668 0.1726 -0.0071 0.0214  0.0300  36  ASP A OD2 
301 N  N   . LEU A 37 ? 0.1135 0.1500 0.1317 -0.0222 0.0181  -0.0309 37  LEU A N   
302 C  CA  . LEU A 37 ? 0.1219 0.1333 0.1075 -0.0037 -0.0002 -0.0268 37  LEU A CA  
303 C  C   . LEU A 37 ? 0.0972 0.1333 0.1212 -0.0269 -0.0012 -0.0249 37  LEU A C   
304 O  O   . LEU A 37 ? 0.1067 0.1227 0.1391 -0.0159 0.0235  -0.0054 37  LEU A O   
305 C  CB  . LEU A 37 ? 0.0895 0.1666 0.1474 0.0018  0.0005  -0.0162 37  LEU A CB  
306 C  CG  . LEU A 37 ? 0.0854 0.1325 0.1577 -0.0063 0.0102  0.0044  37  LEU A CG  
307 C  CD1 . LEU A 37 ? 0.1171 0.1543 0.1832 0.0318  -0.0227 -0.0027 37  LEU A CD1 
308 C  CD2 . LEU A 37 ? 0.1382 0.1602 0.1365 0.0049  0.0313  -0.0240 37  LEU A CD2 
309 N  N   . PRO A 38 ? 0.1117 0.1186 0.1217 -0.0084 0.0068  -0.0215 38  PRO A N   
310 C  CA  . PRO A 38 ? 0.0934 0.1437 0.1387 -0.0072 0.0081  -0.0260 38  PRO A CA  
311 C  C   . PRO A 38 ? 0.0624 0.1694 0.1367 0.0076  -0.0071 -0.0249 38  PRO A C   
312 O  O   . PRO A 38 ? 0.1013 0.1315 0.1453 0.0228  0.0068  -0.0142 38  PRO A O   
313 C  CB  . PRO A 38 ? 0.1272 0.1490 0.1476 -0.0277 0.0217  -0.0244 38  PRO A CB  
314 C  CG  A PRO A 38 ? 0.1516 0.1163 0.1722 -0.0256 0.0094  -0.0039 38  PRO A CG  
315 C  CG  B PRO A 38 ? 0.1280 0.1269 0.1453 -0.0219 0.0103  -0.0284 38  PRO A CG  
316 C  CD  . PRO A 38 ? 0.1099 0.1132 0.1532 0.0100  0.0029  -0.0131 38  PRO A CD  
317 N  N   . PHE A 39 ? 0.0922 0.1475 0.1193 0.0198  0.0000  -0.0069 39  PHE A N   
318 C  CA  . PHE A 39 ? 0.0869 0.0947 0.1289 -0.0001 0.0068  -0.0121 39  PHE A CA  
319 C  C   . PHE A 39 ? 0.0886 0.1286 0.1191 0.0236  -0.0125 -0.0243 39  PHE A C   
320 O  O   . PHE A 39 ? 0.0877 0.1222 0.1505 -0.0033 -0.0253 -0.0008 39  PHE A O   
321 C  CB  . PHE A 39 ? 0.0676 0.1223 0.1456 -0.0027 -0.0095 0.0089  39  PHE A CB  
322 C  CG  . PHE A 39 ? 0.1058 0.0937 0.1398 0.0213  -0.0005 -0.0049 39  PHE A CG  
323 C  CD1 . PHE A 39 ? 0.0787 0.1494 0.2173 0.0177  -0.0017 -0.0157 39  PHE A CD1 
324 C  CD2 . PHE A 39 ? 0.1173 0.0848 0.1307 -0.0028 -0.0067 -0.0121 39  PHE A CD2 
325 C  CE1 . PHE A 39 ? 0.0790 0.1323 0.2055 0.0556  -0.0036 -0.0281 39  PHE A CE1 
326 C  CE2 . PHE A 39 ? 0.1100 0.1188 0.1513 -0.0064 0.0002  -0.0084 39  PHE A CE2 
327 C  CZ  . PHE A 39 ? 0.0730 0.1426 0.2065 0.0192  -0.0260 -0.0360 39  PHE A CZ  
328 N  N   . SER A 40 ? 0.1049 0.1272 0.1232 0.0216  0.0014  -0.0181 40  SER A N   
329 C  CA  . SER A 40 ? 0.0838 0.1100 0.1388 0.0290  -0.0088 -0.0143 40  SER A CA  
330 C  C   . SER A 40 ? 0.0714 0.1135 0.1407 0.0255  0.0215  0.0106  40  SER A C   
331 O  O   . SER A 40 ? 0.1116 0.1109 0.1371 0.0213  0.0195  -0.0002 40  SER A O   
332 C  CB  . SER A 40 ? 0.1036 0.1488 0.2081 0.0220  -0.0257 -0.0316 40  SER A CB  
333 O  OG  . SER A 40 ? 0.0956 0.2023 0.2340 0.0291  0.0044  -0.0257 40  SER A OG  
334 N  N   . CYS A 41 ? 0.1049 0.1253 0.1467 0.0300  0.0161  0.0177  41  CYS A N   
335 C  CA  . CYS A 41 ? 0.0898 0.1590 0.1408 0.0393  0.0248  0.0054  41  CYS A CA  
336 C  C   . CYS A 41 ? 0.0868 0.1250 0.1736 0.0169  0.0128  0.0189  41  CYS A C   
337 O  O   . CYS A 41 ? 0.1388 0.1224 0.1959 0.0345  0.0144  0.0053  41  CYS A O   
338 C  CB  . CYS A 41 ? 0.0985 0.1732 0.1384 0.0251  0.0059  0.0084  41  CYS A CB  
339 S  SG  . CYS A 41 ? 0.1042 0.1317 0.1684 0.0079  0.0215  0.0018  41  CYS A SG  
340 N  N   . ARG A 42 ? 0.0946 0.1073 0.1367 0.0124  0.0328  0.0258  42  ARG A N   
341 C  CA  . ARG A 42 ? 0.0954 0.1096 0.1579 -0.0054 0.0209  0.0086  42  ARG A CA  
342 C  C   . ARG A 42 ? 0.1364 0.1201 0.1472 0.0120  0.0237  -0.0180 42  ARG A C   
343 O  O   . ARG A 42 ? 0.2015 0.2054 0.1433 -0.0685 0.0321  -0.0196 42  ARG A O   
344 C  CB  . ARG A 42 ? 0.1726 0.1149 0.1561 -0.0158 0.0163  -0.0136 42  ARG A CB  
345 C  CG  . ARG A 42 ? 0.2319 0.1313 0.1542 0.0052  -0.0027 -0.0017 42  ARG A CG  
346 C  CD  . ARG A 42 ? 0.1533 0.1705 0.1835 0.0065  0.0925  0.0243  42  ARG A CD  
347 N  NE  . ARG A 42 ? 0.1594 0.1652 0.1491 0.0382  0.0584  0.0024  42  ARG A NE  
348 C  CZ  . ARG A 42 ? 0.1103 0.1316 0.1402 0.0389  0.0219  0.0231  42  ARG A CZ  
349 N  NH1 . ARG A 42 ? 0.1118 0.1189 0.1395 0.0007  0.0121  0.0088  42  ARG A NH1 
350 N  NH2 . ARG A 42 ? 0.1090 0.1978 0.1215 0.0483  0.0017  0.0079  42  ARG A NH2 
351 N  N   . ALA A 43 ? 0.1152 0.1251 0.1348 0.0095  0.0194  0.0102  43  ALA A N   
352 C  CA  . ALA A 43 ? 0.1586 0.1321 0.1404 -0.0017 0.0016  -0.0012 43  ALA A CA  
353 C  C   . ALA A 43 ? 0.1291 0.1431 0.1631 0.0198  0.0130  0.0083  43  ALA A C   
354 O  O   . ALA A 43 ? 0.2404 0.1715 0.1338 0.0050  -0.0022 -0.0027 43  ALA A O   
355 C  CB  . ALA A 43 ? 0.1724 0.1630 0.1566 0.0375  0.0529  0.0277  43  ALA A CB  
356 N  N   . GLY A 44 ? 0.1432 0.1159 0.1284 -0.0125 0.0208  0.0108  44  GLY A N   
357 C  CA  . GLY A 44 ? 0.1444 0.1449 0.1639 -0.0172 0.0050  0.0273  44  GLY A CA  
358 C  C   . GLY A 44 ? 0.1253 0.1327 0.1359 -0.0211 0.0172  0.0214  44  GLY A C   
359 O  O   . GLY A 44 ? 0.1349 0.1370 0.1509 -0.0077 0.0308  0.0193  44  GLY A O   
360 N  N   . ALA A 45 ? 0.1052 0.1505 0.1485 -0.0063 0.0331  0.0162  45  ALA A N   
361 C  CA  . ALA A 45 ? 0.1233 0.1379 0.1788 -0.0072 0.0225  0.0066  45  ALA A CA  
362 C  C   . ALA A 45 ? 0.1106 0.1346 0.1884 -0.0220 0.0160  0.0063  45  ALA A C   
363 O  O   . ALA A 45 ? 0.1072 0.2632 0.2351 -0.0136 0.0250  0.0296  45  ALA A O   
364 C  CB  . ALA A 45 ? 0.1422 0.1647 0.2007 -0.0070 0.0564  0.0037  45  ALA A CB  
365 N  N   . CYS A 46 ? 0.1039 0.1460 0.1824 -0.0264 0.0134  0.0047  46  CYS A N   
366 C  CA  . CYS A 46 ? 0.1317 0.1511 0.1865 0.0018  0.0160  -0.0109 46  CYS A CA  
367 C  C   . CYS A 46 ? 0.1215 0.1430 0.2060 -0.0239 0.0168  -0.0155 46  CYS A C   
368 O  O   . CYS A 46 ? 0.1201 0.1345 0.2339 -0.0154 0.0135  -0.0223 46  CYS A O   
369 C  CB  . CYS A 46 ? 0.0814 0.1623 0.1804 -0.0238 0.0099  0.0001  46  CYS A CB  
370 S  SG  . CYS A 46 ? 0.0978 0.1479 0.1808 -0.0031 -0.0038 -0.0034 46  CYS A SG  
371 N  N   . SER A 47 ? 0.1139 0.1639 0.1842 -0.0126 0.0334  0.0033  47  SER A N   
372 C  CA  . SER A 47 ? 0.1563 0.1426 0.1883 0.0169  0.0182  0.0001  47  SER A CA  
373 C  C   . SER A 47 ? 0.1392 0.1100 0.1685 0.0064  -0.0056 -0.0155 47  SER A C   
374 O  O   . SER A 47 ? 0.1317 0.1391 0.1621 0.0042  0.0014  -0.0124 47  SER A O   
375 C  CB  . SER A 47 ? 0.2745 0.1117 0.2495 0.0114  0.0824  -0.0052 47  SER A CB  
376 O  OG  . SER A 47 ? 0.2337 0.2759 0.3055 -0.1044 0.0573  -0.0961 47  SER A OG  
377 N  N   . THR A 48 ? 0.1026 0.1171 0.1561 0.0017  -0.0166 -0.0164 48  THR A N   
378 C  CA  . THR A 48 ? 0.0961 0.1370 0.1411 0.0183  -0.0086 -0.0207 48  THR A CA  
379 C  C   . THR A 48 ? 0.0938 0.1401 0.1426 0.0176  0.0006  -0.0162 48  THR A C   
380 O  O   . THR A 48 ? 0.1024 0.1364 0.1303 0.0156  -0.0107 -0.0156 48  THR A O   
381 C  CB  . THR A 48 ? 0.0854 0.1377 0.1781 0.0088  0.0003  -0.0026 48  THR A CB  
382 O  OG1 . THR A 48 ? 0.1045 0.1561 0.2044 0.0085  -0.0013 0.0025  48  THR A OG1 
383 C  CG2 . THR A 48 ? 0.0835 0.1364 0.2209 0.0057  -0.0129 0.0150  48  THR A CG2 
384 N  N   . CYS A 49 ? 0.0927 0.1209 0.1262 0.0125  0.0160  0.0049  49  CYS A N   
385 C  CA  . CYS A 49 ? 0.0979 0.1151 0.1290 0.0022  0.0092  0.0042  49  CYS A CA  
386 C  C   . CYS A 49 ? 0.1021 0.1058 0.1241 0.0069  0.0046  -0.0097 49  CYS A C   
387 O  O   . CYS A 49 ? 0.1088 0.1121 0.1463 0.0063  -0.0006 -0.0184 49  CYS A O   
388 C  CB  . CYS A 49 ? 0.1118 0.1199 0.1092 0.0057  0.0292  -0.0180 49  CYS A CB  
389 S  SG  . CYS A 49 ? 0.0920 0.1106 0.1310 0.0028  -0.0023 0.0051  49  CYS A SG  
390 N  N   . ALA A 50 ? 0.1107 0.0934 0.1505 0.0066  -0.0119 -0.0188 50  ALA A N   
391 C  CA  . ALA A 50 ? 0.0915 0.0929 0.1360 -0.0095 0.0065  -0.0138 50  ALA A CA  
392 C  C   . ALA A 50 ? 0.0892 0.1110 0.1326 -0.0035 0.0049  -0.0096 50  ALA A C   
393 O  O   . ALA A 50 ? 0.0959 0.1265 0.1325 0.0155  -0.0052 -0.0063 50  ALA A O   
394 C  CB  . ALA A 50 ? 0.1098 0.1010 0.1820 -0.0234 0.0334  -0.0045 50  ALA A CB  
395 N  N   . GLY A 51 ? 0.1067 0.1093 0.1187 -0.0044 -0.0037 -0.0079 51  GLY A N   
396 C  CA  . GLY A 51 ? 0.0778 0.1233 0.1415 0.0150  0.0303  0.0205  51  GLY A CA  
397 C  C   . GLY A 51 ? 0.0764 0.1151 0.1351 0.0014  0.0191  -0.0140 51  GLY A C   
398 O  O   . GLY A 51 ? 0.1155 0.1062 0.1349 -0.0095 0.0203  0.0053  51  GLY A O   
399 N  N   . LYS A 52 ? 0.1070 0.1149 0.1229 0.0037  0.0177  0.0044  52  LYS A N   
400 C  CA  . LYS A 52 ? 0.1059 0.1043 0.1511 0.0063  0.0063  -0.0038 52  LYS A CA  
401 C  C   . LYS A 52 ? 0.1062 0.0862 0.1332 -0.0138 -0.0014 0.0152  52  LYS A C   
402 O  O   . LYS A 52 ? 0.1144 0.1225 0.1344 -0.0149 0.0117  0.0144  52  LYS A O   
403 C  CB  . LYS A 52 ? 0.1381 0.1394 0.1487 -0.0255 0.0049  -0.0153 52  LYS A CB  
404 C  CG  . LYS A 52 ? 0.1808 0.1272 0.1719 -0.0100 -0.0038 -0.0081 52  LYS A CG  
405 C  CD  . LYS A 52 ? 0.1614 0.1337 0.2036 -0.0209 0.0234  -0.0235 52  LYS A CD  
406 C  CE  . LYS A 52 ? 0.2015 0.1591 0.1995 -0.0435 0.0176  -0.0037 52  LYS A CE  
407 N  NZ  . LYS A 52 ? 0.3472 0.2574 0.3303 0.0658  -0.0503 0.0316  52  LYS A NZ  
408 N  N   . LEU A 53 ? 0.1249 0.1005 0.1398 0.0156  0.0127  0.0076  53  LEU A N   
409 C  CA  . LEU A 53 ? 0.1024 0.1222 0.1570 0.0223  -0.0071 -0.0090 53  LEU A CA  
410 C  C   . LEU A 53 ? 0.1216 0.1183 0.1513 0.0177  0.0010  -0.0043 53  LEU A C   
411 O  O   . LEU A 53 ? 0.1617 0.1243 0.2392 -0.0233 -0.0075 -0.0248 53  LEU A O   
412 C  CB  . LEU A 53 ? 0.1182 0.1253 0.1597 -0.0150 -0.0026 0.0021  53  LEU A CB  
413 C  CG  . LEU A 53 ? 0.1364 0.1656 0.1469 -0.0009 -0.0050 -0.0119 53  LEU A CG  
414 C  CD1 . LEU A 53 ? 0.1874 0.1710 0.1631 0.0160  0.0269  0.0536  53  LEU A CD1 
415 C  CD2 . LEU A 53 ? 0.1599 0.1238 0.1525 -0.0124 0.0203  0.0086  53  LEU A CD2 
416 N  N   . VAL A 54 ? 0.1238 0.1050 0.1614 0.0154  0.0059  0.0009  54  VAL A N   
417 C  CA  . VAL A 54 ? 0.1740 0.1226 0.1519 0.0441  -0.0034 -0.0297 54  VAL A CA  
418 C  C   . VAL A 54 ? 0.1170 0.1317 0.1986 0.0231  -0.0066 -0.0259 54  VAL A C   
419 O  O   . VAL A 54 ? 0.1752 0.1254 0.2201 0.0419  -0.0138 -0.0160 54  VAL A O   
420 C  CB  . VAL A 54 ? 0.1307 0.1613 0.1610 0.0232  0.0173  -0.0360 54  VAL A CB  
421 C  CG1 . VAL A 54 ? 0.1954 0.1823 0.1872 0.0528  0.0361  -0.0426 54  VAL A CG1 
422 C  CG2 . VAL A 54 ? 0.1756 0.1728 0.1666 0.0264  -0.0149 -0.0248 54  VAL A CG2 
423 N  N   . SER A 55 ? 0.1453 0.1366 0.1674 0.0294  -0.0033 -0.0168 55  SER A N   
424 C  CA  . SER A 55 ? 0.1252 0.1430 0.1646 0.0159  -0.0114 -0.0018 55  SER A CA  
425 C  C   . SER A 55 ? 0.0941 0.1161 0.1600 0.0164  0.0036  0.0209  55  SER A C   
426 O  O   . SER A 55 ? 0.1397 0.1152 0.1722 0.0310  -0.0082 0.0095  55  SER A O   
427 C  CB  . SER A 55 ? 0.1620 0.1415 0.1814 0.0376  -0.0230 -0.0039 55  SER A CB  
428 O  OG  . SER A 55 ? 0.1513 0.1604 0.2110 0.0261  0.0029  -0.0074 55  SER A OG  
429 N  N   . GLY A 56 ? 0.1902 0.1269 0.1757 0.0488  -0.0380 0.0065  56  GLY A N   
430 C  CA  . GLY A 56 ? 0.1627 0.1166 0.1773 0.0341  -0.0201 -0.0033 56  GLY A CA  
431 C  C   . GLY A 56 ? 0.1577 0.1268 0.2012 0.0303  -0.0145 -0.0083 56  GLY A C   
432 O  O   . GLY A 56 ? 0.1719 0.1521 0.1861 0.0263  -0.0127 -0.0320 56  GLY A O   
433 N  N   . THR A 57 ? 0.1232 0.1072 0.1940 0.0087  0.0022  0.0077  57  THR A N   
434 C  CA  . THR A 57 ? 0.1584 0.1182 0.1615 0.0271  0.0010  0.0036  57  THR A CA  
435 C  C   . THR A 57 ? 0.1316 0.1248 0.1377 0.0226  0.0203  0.0042  57  THR A C   
436 O  O   . THR A 57 ? 0.1302 0.1212 0.1459 0.0138  -0.0161 0.0127  57  THR A O   
437 C  CB  . THR A 57 ? 0.1820 0.1275 0.1737 0.0049  -0.0209 0.0009  57  THR A CB  
438 O  OG1 . THR A 57 ? 0.2028 0.1512 0.1625 -0.0149 -0.0177 0.0162  57  THR A OG1 
439 C  CG2 . THR A 57 ? 0.2182 0.1034 0.1994 0.0106  -0.0324 0.0156  57  THR A CG2 
440 N  N   . VAL A 58 ? 0.1479 0.1131 0.1620 0.0106  0.0024  -0.0051 58  VAL A N   
441 C  CA  . VAL A 58 ? 0.1358 0.1275 0.1405 0.0252  0.0017  -0.0012 58  VAL A CA  
442 C  C   . VAL A 58 ? 0.1216 0.1184 0.1552 -0.0109 0.0051  0.0106  58  VAL A C   
443 O  O   . VAL A 58 ? 0.1843 0.1242 0.1769 -0.0227 -0.0049 0.0175  58  VAL A O   
444 C  CB  . VAL A 58 ? 0.1340 0.1463 0.1446 -0.0160 -0.0231 0.0033  58  VAL A CB  
445 C  CG1 . VAL A 58 ? 0.1422 0.1482 0.1636 0.0034  -0.0209 0.0118  58  VAL A CG1 
446 C  CG2 . VAL A 58 ? 0.1891 0.1790 0.1884 -0.0667 -0.0138 0.0016  58  VAL A CG2 
447 N  N   . ASP A 59 ? 0.1382 0.1370 0.1193 0.0197  -0.0132 -0.0221 59  ASP A N   
448 C  CA  . ASP A 59 ? 0.1426 0.1314 0.1316 -0.0085 0.0015  -0.0020 59  ASP A CA  
449 C  C   . ASP A 59 ? 0.1271 0.1219 0.1315 -0.0140 0.0327  0.0260  59  ASP A C   
450 O  O   . ASP A 59 ? 0.1409 0.1205 0.1515 -0.0080 -0.0038 0.0083  59  ASP A O   
451 C  CB  . ASP A 59 ? 0.2518 0.1577 0.1242 -0.0069 -0.0328 -0.0130 59  ASP A CB  
452 C  CG  . ASP A 59 ? 0.2441 0.1759 0.1348 -0.0117 -0.0264 -0.0161 59  ASP A CG  
453 O  OD1 . ASP A 59 ? 0.2265 0.2035 0.1677 -0.0204 -0.0339 -0.0161 59  ASP A OD1 
454 O  OD2 . ASP A 59 ? 0.3004 0.3174 0.2249 -0.0597 -0.0359 -0.1037 59  ASP A OD2 
455 N  N   . GLN A 60 ? 0.1293 0.1585 0.1466 -0.0086 0.0079  0.0255  60  GLN A N   
456 C  CA  . GLN A 60 ? 0.1313 0.1180 0.1341 -0.0141 0.0066  -0.0021 60  GLN A CA  
457 C  C   . GLN A 60 ? 0.1526 0.1444 0.1290 -0.0413 0.0003  0.0065  60  GLN A C   
458 O  O   . GLN A 60 ? 0.1530 0.1383 0.1631 -0.0335 0.0168  -0.0129 60  GLN A O   
459 C  CB  . GLN A 60 ? 0.1274 0.1277 0.1467 0.0023  -0.0085 -0.0048 60  GLN A CB  
460 C  CG  . GLN A 60 ? 0.1470 0.1280 0.1365 -0.0214 -0.0300 0.0142  60  GLN A CG  
461 C  CD  . GLN A 60 ? 0.1225 0.1349 0.1509 -0.0137 -0.0210 -0.0036 60  GLN A CD  
462 O  OE1 . GLN A 60 ? 0.1603 0.1481 0.1229 0.0085  -0.0112 -0.0002 60  GLN A OE1 
463 N  NE2 . GLN A 60 ? 0.1877 0.1350 0.1867 -0.0026 -0.0433 -0.0047 60  GLN A NE2 
464 N  N   . SER A 61 ? 0.1627 0.1638 0.1198 -0.0171 0.0041  0.0279  61  SER A N   
465 C  CA  . SER A 61 ? 0.2001 0.1821 0.1227 -0.0139 0.0124  0.0267  61  SER A CA  
466 C  C   . SER A 61 ? 0.2150 0.1604 0.1360 -0.0172 0.0228  -0.0058 61  SER A C   
467 O  O   . SER A 61 ? 0.2129 0.1787 0.1380 -0.0220 0.0274  0.0026  61  SER A O   
468 C  CB  . SER A 61 ? 0.2722 0.2342 0.1203 -0.0426 0.0029  0.0588  61  SER A CB  
469 O  OG  . SER A 61 ? 0.3019 0.3922 0.2012 -0.1495 -0.0258 0.0281  61  SER A OG  
470 N  N   . ASP A 62 ? 0.2032 0.1555 0.1286 -0.0282 -0.0069 -0.0092 62  ASP A N   
471 C  CA  . ASP A 62 ? 0.2327 0.1648 0.1405 -0.0179 -0.0050 -0.0136 62  ASP A CA  
472 C  C   . ASP A 62 ? 0.2065 0.1375 0.1539 -0.0047 0.0013  -0.0056 62  ASP A C   
473 O  O   . ASP A 62 ? 0.2767 0.1983 0.2383 0.0790  -0.0155 -0.0272 62  ASP A O   
474 C  CB  . ASP A 62 ? 0.2410 0.1674 0.1549 -0.0132 -0.0129 -0.0254 62  ASP A CB  
475 C  CG  . ASP A 62 ? 0.2737 0.1469 0.1637 -0.0420 0.0025  -0.0252 62  ASP A CG  
476 O  OD1 . ASP A 62 ? 0.3549 0.2175 0.1617 -0.0864 -0.0216 -0.0254 62  ASP A OD1 
477 O  OD2 . ASP A 62 ? 0.2237 0.2010 0.1914 -0.0251 0.0049  -0.0144 62  ASP A OD2 
478 N  N   . GLN A 63 ? 0.1755 0.1567 0.1176 -0.0076 0.0122  -0.0093 63  GLN A N   
479 C  CA  . GLN A 63 ? 0.1400 0.1173 0.1471 -0.0032 0.0184  -0.0012 63  GLN A CA  
480 C  C   . GLN A 63 ? 0.1780 0.1155 0.1382 0.0140  0.0291  0.0077  63  GLN A C   
481 O  O   . GLN A 63 ? 0.1826 0.2066 0.1566 -0.0106 0.0148  0.0470  63  GLN A O   
482 C  CB  . GLN A 63 ? 0.1366 0.1176 0.1368 0.0053  0.0035  -0.0109 63  GLN A CB  
483 C  CG  . GLN A 63 ? 0.1226 0.1222 0.1496 -0.0124 0.0174  0.0040  63  GLN A CG  
484 C  CD  . GLN A 63 ? 0.1675 0.1152 0.1604 0.0106  -0.0012 -0.0103 63  GLN A CD  
485 O  OE1 . GLN A 63 ? 0.1444 0.1484 0.1736 -0.0186 -0.0250 0.0121  63  GLN A OE1 
486 N  NE2 . GLN A 63 ? 0.2111 0.1398 0.1616 -0.0254 0.0400  0.0107  63  GLN A NE2 
487 N  N   . SER A 64 ? 0.1501 0.1502 0.1441 -0.0004 0.0457  0.0226  64  SER A N   
488 C  CA  . SER A 64 ? 0.1597 0.2013 0.1504 -0.0019 0.0423  0.0233  64  SER A CA  
489 C  C   . SER A 64 ? 0.1807 0.2105 0.1818 -0.0479 0.0445  0.0112  64  SER A C   
490 O  O   . SER A 64 ? 0.2877 0.3295 0.2343 -0.1450 0.0293  0.0540  64  SER A O   
491 C  CB  . SER A 64 ? 0.1844 0.2100 0.1817 -0.0075 0.0717  0.0188  64  SER A CB  
492 O  OG  . SER A 64 ? 0.1983 0.2320 0.2482 0.0312  0.0613  0.0266  64  SER A OG  
493 N  N   . PHE A 65 ? 0.1492 0.1711 0.1773 -0.0120 0.0505  -0.0324 65  PHE A N   
494 C  CA  . PHE A 65 ? 0.1282 0.1315 0.2140 -0.0205 0.0223  -0.0231 65  PHE A CA  
495 C  C   . PHE A 65 ? 0.1347 0.1262 0.2120 -0.0224 0.0469  -0.0086 65  PHE A C   
496 O  O   . PHE A 65 ? 0.1496 0.1439 0.2414 -0.0473 0.0411  -0.0098 65  PHE A O   
497 C  CB  . PHE A 65 ? 0.1638 0.1280 0.2126 -0.0319 0.0290  -0.0048 65  PHE A CB  
498 C  CG  . PHE A 65 ? 0.2000 0.1805 0.2035 -0.0368 0.0251  0.0144  65  PHE A CG  
499 C  CD1 . PHE A 65 ? 0.2186 0.2068 0.2774 -0.0539 -0.0307 0.0486  65  PHE A CD1 
500 C  CD2 . PHE A 65 ? 0.2876 0.2234 0.1747 -0.0847 0.0381  -0.0104 65  PHE A CD2 
501 C  CE1 . PHE A 65 ? 0.3040 0.2550 0.2691 -0.0906 -0.0562 0.0325  65  PHE A CE1 
502 C  CE2 . PHE A 65 ? 0.3720 0.2382 0.2228 -0.0820 -0.0134 -0.0258 65  PHE A CE2 
503 C  CZ  . PHE A 65 ? 0.3627 0.2564 0.2872 -0.1006 -0.0542 0.0255  65  PHE A CZ  
504 N  N   . LEU A 66 ? 0.1196 0.1285 0.1897 -0.0210 0.0208  0.0033  66  LEU A N   
505 C  CA  . LEU A 66 ? 0.1381 0.1135 0.1561 -0.0045 0.0292  0.0037  66  LEU A CA  
506 C  C   . LEU A 66 ? 0.1472 0.1165 0.1487 -0.0215 0.0226  -0.0136 66  LEU A C   
507 O  O   . LEU A 66 ? 0.2484 0.1727 0.1550 -0.0849 0.0335  -0.0265 66  LEU A O   
508 C  CB  . LEU A 66 ? 0.1432 0.0768 0.1651 -0.0173 0.0112  0.0017  66  LEU A CB  
509 C  CG  . LEU A 66 ? 0.1263 0.1042 0.1559 -0.0245 0.0235  -0.0021 66  LEU A CG  
510 C  CD1 . LEU A 66 ? 0.1306 0.1222 0.1705 -0.0169 0.0350  -0.0080 66  LEU A CD1 
511 C  CD2 . LEU A 66 ? 0.1962 0.1254 0.1595 -0.0282 0.0294  -0.0145 66  LEU A CD2 
512 N  N   . ASP A 67 ? 0.1460 0.1161 0.1616 -0.0336 0.0380  -0.0125 67  ASP A N   
513 C  CA  . ASP A 67 ? 0.1568 0.1524 0.1602 -0.0424 0.0402  0.0067  67  ASP A CA  
514 C  C   . ASP A 67 ? 0.1578 0.1644 0.1438 -0.0492 0.0160  0.0121  67  ASP A C   
515 O  O   . ASP A 67 ? 0.1782 0.1096 0.1993 -0.0329 0.0454  -0.0025 67  ASP A O   
516 C  CB  . ASP A 67 ? 0.1622 0.1261 0.1824 -0.0374 0.0099  0.0125  67  ASP A CB  
517 C  CG  . ASP A 67 ? 0.1696 0.1884 0.2060 -0.0314 0.0139  -0.0123 67  ASP A CG  
518 O  OD1 . ASP A 67 ? 0.1792 0.1589 0.2102 -0.0462 0.0388  0.0134  67  ASP A OD1 
519 O  OD2 . ASP A 67 ? 0.1959 0.1751 0.2097 -0.0399 -0.0021 -0.0167 67  ASP A OD2 
520 N  N   . ASP A 68 ? 0.2106 0.1802 0.1625 -0.0488 -0.0028 0.0094  68  ASP A N   
521 C  CA  . ASP A 68 ? 0.2504 0.1816 0.1540 -0.0017 -0.0073 0.0046  68  ASP A CA  
522 C  C   . ASP A 68 ? 0.2195 0.1296 0.1333 -0.0578 0.0002  0.0183  68  ASP A C   
523 O  O   . ASP A 68 ? 0.2156 0.1455 0.1582 -0.0390 0.0224  0.0261  68  ASP A O   
524 C  CB  . ASP A 68 ? 0.2461 0.2686 0.1402 0.0143  0.0160  0.0151  68  ASP A CB  
525 C  CG  A ASP A 68 ? 0.1870 0.3226 0.1620 0.0278  0.0434  -0.0029 68  ASP A CG  
526 C  CG  B ASP A 68 ? 0.3096 0.3205 0.1696 0.0321  -0.0151 0.0009  68  ASP A CG  
527 O  OD1 A ASP A 68 ? 0.2347 0.3269 0.1561 -0.0428 0.0116  -0.0545 68  ASP A OD1 
528 O  OD1 B ASP A 68 ? 0.3396 0.3633 0.1876 -0.0429 -0.0406 -0.0352 68  ASP A OD1 
529 O  OD2 A ASP A 68 ? 0.1901 0.3904 0.1732 0.0441  0.0345  0.0194  68  ASP A OD2 
530 O  OD2 B ASP A 68 ? 0.4078 0.4248 0.2075 0.0407  -0.0858 0.0414  68  ASP A OD2 
531 N  N   . ASP A 69 ? 0.2075 0.1198 0.1531 -0.0358 0.0067  -0.0058 69  ASP A N   
532 C  CA  . ASP A 69 ? 0.2113 0.1103 0.1359 -0.0130 0.0158  0.0089  69  ASP A CA  
533 C  C   . ASP A 69 ? 0.2412 0.0915 0.1346 0.0068  0.0165  -0.0060 69  ASP A C   
534 O  O   . ASP A 69 ? 0.1929 0.1121 0.1806 -0.0146 0.0139  0.0079  69  ASP A O   
535 C  CB  . ASP A 69 ? 0.2456 0.1149 0.1042 -0.0125 0.0144  0.0096  69  ASP A CB  
536 C  CG  . ASP A 69 ? 0.1935 0.1753 0.1605 -0.0233 0.0537  0.0295  69  ASP A CG  
537 O  OD1 . ASP A 69 ? 0.2681 0.1919 0.2219 0.0100  0.0112  0.0883  69  ASP A OD1 
538 O  OD2 . ASP A 69 ? 0.2022 0.2163 0.2953 -0.0500 0.0035  0.0764  69  ASP A OD2 
539 N  N   . GLN A 70 ? 0.1561 0.1156 0.1498 -0.0400 0.0203  0.0039  70  GLN A N   
540 C  CA  . GLN A 70 ? 0.1541 0.1123 0.1507 -0.0260 0.0065  0.0073  70  GLN A CA  
541 C  C   . GLN A 70 ? 0.1359 0.1146 0.1449 -0.0194 0.0033  0.0192  70  GLN A C   
542 O  O   . GLN A 70 ? 0.1499 0.1256 0.1566 -0.0061 0.0070  0.0288  70  GLN A O   
543 C  CB  . GLN A 70 ? 0.1453 0.1302 0.1756 -0.0046 0.0071  -0.0049 70  GLN A CB  
544 C  CG  . GLN A 70 ? 0.1496 0.1435 0.1851 -0.0232 -0.0189 -0.0108 70  GLN A CG  
545 C  CD  . GLN A 70 ? 0.1431 0.1305 0.1638 -0.0272 0.0182  0.0006  70  GLN A CD  
546 O  OE1 . GLN A 70 ? 0.1593 0.1668 0.1718 -0.0184 0.0228  -0.0015 70  GLN A OE1 
547 N  NE2 . GLN A 70 ? 0.1451 0.1771 0.2186 -0.0179 -0.0164 0.0041  70  GLN A NE2 
548 N  N   . ILE A 71 ? 0.1448 0.1237 0.1403 -0.0121 -0.0076 0.0171  71  ILE A N   
549 C  CA  . ILE A 71 ? 0.1528 0.1227 0.1536 -0.0045 -0.0077 0.0182  71  ILE A CA  
550 C  C   . ILE A 71 ? 0.1491 0.1282 0.1516 0.0000  -0.0020 0.0272  71  ILE A C   
551 O  O   . ILE A 71 ? 0.1479 0.1259 0.1637 -0.0183 -0.0229 0.0015  71  ILE A O   
552 C  CB  A ILE A 71 ? 0.1796 0.1429 0.1639 -0.0068 -0.0188 0.0001  71  ILE A CB  
553 C  CB  B ILE A 71 ? 0.1729 0.1363 0.1687 -0.0244 -0.0203 0.0089  71  ILE A CB  
554 C  CG1 A ILE A 71 ? 0.1824 0.1514 0.1753 -0.0037 -0.0135 -0.0109 71  ILE A CG1 
555 C  CG1 B ILE A 71 ? 0.1853 0.1497 0.1810 -0.0029 -0.0150 -0.0044 71  ILE A CG1 
556 C  CG2 A ILE A 71 ? 0.1861 0.1617 0.1649 0.0030  -0.0342 -0.0007 71  ILE A CG2 
557 C  CG2 B ILE A 71 ? 0.1836 0.1903 0.1481 -0.0088 -0.0378 0.0132  71  ILE A CG2 
558 C  CD1 A ILE A 71 ? 0.1749 0.1427 0.1659 0.0198  0.0343  -0.0266 71  ILE A CD1 
559 C  CD1 B ILE A 71 ? 0.2355 0.2288 0.2189 -0.0036 0.0446  -0.0200 71  ILE A CD1 
560 N  N   . GLU A 72 ? 0.1511 0.1151 0.1748 -0.0077 -0.0207 0.0121  72  GLU A N   
561 C  CA  . GLU A 72 ? 0.1725 0.1117 0.1760 -0.0178 -0.0128 0.0202  72  GLU A CA  
562 C  C   . GLU A 72 ? 0.2142 0.1320 0.1887 -0.0096 -0.0137 0.0250  72  GLU A C   
563 O  O   . GLU A 72 ? 0.2005 0.1282 0.2555 -0.0063 0.0035  0.0300  72  GLU A O   
564 C  CB  A GLU A 72 ? 0.2107 0.1270 0.2076 -0.0145 0.0017  0.0546  72  GLU A CB  
565 C  CB  B GLU A 72 ? 0.2208 0.1262 0.2110 -0.0131 -0.0050 0.0519  72  GLU A CB  
566 C  CG  A GLU A 72 ? 0.2317 0.1439 0.2275 0.0013  0.0020  0.0533  72  GLU A CG  
567 C  CG  B GLU A 72 ? 0.2342 0.1357 0.2358 -0.0038 0.0056  0.0606  72  GLU A CG  
568 C  CD  A GLU A 72 ? 0.2375 0.1462 0.3050 0.0049  -0.0280 0.0717  72  GLU A CD  
569 C  CD  B GLU A 72 ? 0.2470 0.1254 0.2480 -0.0141 0.0136  0.0619  72  GLU A CD  
570 O  OE1 A GLU A 72 ? 0.4203 0.2684 0.3600 -0.0066 -0.1630 0.0130  72  GLU A OE1 
571 O  OE1 B GLU A 72 ? 0.2810 0.1257 0.2893 -0.0848 0.0513  0.0423  72  GLU A OE1 
572 O  OE2 A GLU A 72 ? 0.2808 0.4003 0.5003 0.1399  -0.0116 0.0327  72  GLU A OE2 
573 O  OE2 B GLU A 72 ? 0.3354 0.1622 0.2925 0.0399  0.0033  0.0623  72  GLU A OE2 
574 N  N   . ALA A 73 ? 0.1812 0.1347 0.1684 -0.0446 -0.0107 0.0380  73  ALA A N   
575 C  CA  . ALA A 73 ? 0.1413 0.1214 0.1691 0.0062  0.0194  0.0214  73  ALA A CA  
576 C  C   . ALA A 73 ? 0.1535 0.1471 0.1584 -0.0288 0.0090  0.0124  73  ALA A C   
577 O  O   . ALA A 73 ? 0.1525 0.1632 0.1874 -0.0383 0.0379  0.0169  73  ALA A O   
578 C  CB  . ALA A 73 ? 0.1513 0.1233 0.1958 -0.0071 0.0107  0.0080  73  ALA A CB  
579 N  N   . GLY A 74 ? 0.1544 0.1263 0.2034 -0.0274 -0.0097 0.0148  74  GLY A N   
580 C  CA  . GLY A 74 ? 0.1368 0.1240 0.1530 -0.0135 0.0153  0.0052  74  GLY A CA  
581 C  C   . GLY A 74 ? 0.1050 0.1301 0.1480 -0.0095 0.0062  -0.0047 74  GLY A C   
582 O  O   . GLY A 74 ? 0.0978 0.1237 0.1335 -0.0253 0.0167  -0.0024 74  GLY A O   
583 N  N   . TYR A 75 ? 0.0988 0.1081 0.1709 -0.0170 0.0104  0.0202  75  TYR A N   
584 C  CA  . TYR A 75 ? 0.1214 0.1123 0.1270 0.0074  0.0133  -0.0073 75  TYR A CA  
585 C  C   . TYR A 75 ? 0.0863 0.1077 0.1217 -0.0086 0.0154  0.0059  75  TYR A C   
586 O  O   . TYR A 75 ? 0.1264 0.1133 0.1111 0.0018  -0.0069 -0.0044 75  TYR A O   
587 C  CB  . TYR A 75 ? 0.1135 0.1235 0.1482 -0.0091 -0.0075 0.0060  75  TYR A CB  
588 C  CG  . TYR A 75 ? 0.1108 0.1177 0.1412 -0.0083 0.0242  0.0034  75  TYR A CG  
589 C  CD1 . TYR A 75 ? 0.1469 0.1097 0.1519 -0.0201 0.0199  0.0092  75  TYR A CD1 
590 C  CD2 . TYR A 75 ? 0.1858 0.1014 0.1601 -0.0300 0.0037  0.0037  75  TYR A CD2 
591 C  CE1 . TYR A 75 ? 0.1518 0.1168 0.1533 -0.0160 0.0361  -0.0095 75  TYR A CE1 
592 C  CE2 . TYR A 75 ? 0.1743 0.1094 0.1708 -0.0313 -0.0150 0.0061  75  TYR A CE2 
593 C  CZ  . TYR A 75 ? 0.2099 0.1049 0.1564 -0.0410 0.0038  -0.0014 75  TYR A CZ  
594 O  OH  . TYR A 75 ? 0.1952 0.1601 0.2013 -0.0440 -0.0041 -0.0418 75  TYR A OH  
595 N  N   . VAL A 76 ? 0.1074 0.1007 0.1323 -0.0135 0.0098  0.0015  76  VAL A N   
596 C  CA  . VAL A 76 ? 0.1138 0.1080 0.1233 -0.0093 0.0143  -0.0136 76  VAL A CA  
597 C  C   . VAL A 76 ? 0.0922 0.1244 0.1080 -0.0049 0.0164  0.0037  76  VAL A C   
598 O  O   . VAL A 76 ? 0.1356 0.0973 0.1146 -0.0060 0.0016  -0.0131 76  VAL A O   
599 C  CB  . VAL A 76 ? 0.1034 0.1029 0.1251 0.0042  0.0127  -0.0130 76  VAL A CB  
600 C  CG1 . VAL A 76 ? 0.1576 0.0926 0.1881 -0.0104 -0.0244 0.0120  76  VAL A CG1 
601 C  CG2 . VAL A 76 ? 0.1299 0.1105 0.2227 0.0112  0.0002  0.0040  76  VAL A CG2 
602 N  N   . LEU A 77 ? 0.1032 0.1173 0.1174 0.0050  0.0085  0.0026  77  LEU A N   
603 C  CA  . LEU A 77 ? 0.0720 0.1299 0.1128 0.0038  0.0041  -0.0002 77  LEU A CA  
604 C  C   . LEU A 77 ? 0.0772 0.1301 0.1080 -0.0042 0.0055  -0.0045 77  LEU A C   
605 O  O   . LEU A 77 ? 0.1024 0.1293 0.1234 0.0056  0.0036  -0.0093 77  LEU A O   
606 C  CB  . LEU A 77 ? 0.1087 0.1051 0.1324 -0.0020 0.0265  -0.0098 77  LEU A CB  
607 C  CG  . LEU A 77 ? 0.1096 0.1019 0.1436 -0.0045 0.0230  0.0028  77  LEU A CG  
608 C  CD1 . LEU A 77 ? 0.1354 0.1140 0.1724 -0.0091 0.0430  -0.0016 77  LEU A CD1 
609 C  CD2 . LEU A 77 ? 0.1458 0.1125 0.1867 -0.0289 -0.0049 -0.0312 77  LEU A CD2 
610 N  N   . THR A 78 ? 0.0924 0.1163 0.1073 -0.0039 0.0053  -0.0069 78  THR A N   
611 C  CA  . THR A 78 ? 0.0837 0.1177 0.0997 -0.0171 0.0079  -0.0058 78  THR A CA  
612 C  C   . THR A 78 ? 0.0588 0.1207 0.1062 -0.0051 0.0112  0.0093  78  THR A C   
613 O  O   . THR A 78 ? 0.0710 0.1081 0.1380 0.0022  -0.0110 0.0103  78  THR A O   
614 C  CB  . THR A 78 ? 0.1008 0.0986 0.1109 0.0066  0.0141  0.0041  78  THR A CB  
615 O  OG1 . THR A 78 ? 0.0947 0.1133 0.1156 0.0038  -0.0004 0.0045  78  THR A OG1 
616 C  CG2 . THR A 78 ? 0.1222 0.1185 0.1092 0.0209  0.0072  -0.0257 78  THR A CG2 
617 N  N   . CYS A 79 ? 0.0745 0.1068 0.1284 -0.0059 -0.0010 0.0081  79  CYS A N   
618 C  CA  . CYS A 79 ? 0.0964 0.1102 0.1186 0.0043  0.0113  -0.0008 79  CYS A CA  
619 C  C   . CYS A 79 ? 0.0487 0.1159 0.1368 0.0029  0.0184  -0.0173 79  CYS A C   
620 O  O   . CYS A 79 ? 0.1154 0.0869 0.1669 0.0021  -0.0207 -0.0156 79  CYS A O   
621 C  CB  . CYS A 79 ? 0.1128 0.1106 0.1416 0.0098  0.0105  0.0136  79  CYS A CB  
622 S  SG  . CYS A 79 ? 0.0868 0.1243 0.1351 -0.0008 0.0080  -0.0059 79  CYS A SG  
623 N  N   . VAL A 80 ? 0.0872 0.1007 0.1149 0.0055  0.0010  -0.0082 80  VAL A N   
624 C  CA  . VAL A 80 ? 0.0883 0.1336 0.1300 0.0033  -0.0019 -0.0164 80  VAL A CA  
625 C  C   . VAL A 80 ? 0.0917 0.1177 0.1197 -0.0046 -0.0148 -0.0059 80  VAL A C   
626 O  O   . VAL A 80 ? 0.1273 0.1484 0.1206 0.0197  -0.0153 -0.0095 80  VAL A O   
627 C  CB  . VAL A 80 ? 0.0810 0.1782 0.1293 -0.0090 0.0062  -0.0245 80  VAL A CB  
628 C  CG1 . VAL A 80 ? 0.1022 0.2166 0.1584 0.0252  0.0259  -0.0324 80  VAL A CG1 
629 C  CG2 . VAL A 80 ? 0.0935 0.2038 0.1282 -0.0277 0.0118  -0.0029 80  VAL A CG2 
630 N  N   . ALA A 81 ? 0.0741 0.1126 0.1211 0.0006  -0.0116 -0.0107 81  ALA A N   
631 C  CA  . ALA A 81 ? 0.0940 0.1204 0.1239 -0.0019 -0.0186 0.0057  81  ALA A CA  
632 C  C   . ALA A 81 ? 0.1154 0.1048 0.1214 0.0178  -0.0250 0.0074  81  ALA A C   
633 O  O   . ALA A 81 ? 0.1285 0.1004 0.1112 0.0067  -0.0050 0.0130  81  ALA A O   
634 C  CB  . ALA A 81 ? 0.1152 0.1202 0.1514 0.0097  -0.0233 -0.0177 81  ALA A CB  
635 N  N   . TYR A 82 ? 0.0953 0.1124 0.1003 0.0065  -0.0087 0.0001  82  TYR A N   
636 C  CA  . TYR A 82 ? 0.1109 0.1062 0.1254 -0.0057 -0.0167 0.0035  82  TYR A CA  
637 C  C   . TYR A 82 ? 0.1053 0.1085 0.1238 0.0005  -0.0192 -0.0009 82  TYR A C   
638 O  O   . TYR A 82 ? 0.1150 0.1158 0.1594 0.0050  0.0060  0.0161  82  TYR A O   
639 C  CB  . TYR A 82 ? 0.1414 0.0916 0.1333 -0.0099 -0.0126 -0.0085 82  TYR A CB  
640 C  CG  . TYR A 82 ? 0.1086 0.1213 0.1143 0.0066  -0.0006 -0.0059 82  TYR A CG  
641 C  CD1 . TYR A 82 ? 0.1282 0.1091 0.1287 -0.0112 0.0032  -0.0240 82  TYR A CD1 
642 C  CD2 . TYR A 82 ? 0.1450 0.1236 0.0993 -0.0102 -0.0111 -0.0045 82  TYR A CD2 
643 C  CE1 . TYR A 82 ? 0.1300 0.1151 0.1335 -0.0074 0.0070  0.0068  82  TYR A CE1 
644 C  CE2 . TYR A 82 ? 0.1267 0.1347 0.1157 -0.0085 0.0215  -0.0027 82  TYR A CE2 
645 C  CZ  . TYR A 82 ? 0.1330 0.1255 0.1284 -0.0231 0.0142  -0.0115 82  TYR A CZ  
646 O  OH  . TYR A 82 ? 0.1492 0.1523 0.1640 0.0118  0.0235  -0.0261 82  TYR A OH  
647 N  N   . PRO A 83 ? 0.1162 0.1204 0.1273 0.0123  -0.0026 -0.0018 83  PRO A N   
648 C  CA  . PRO A 83 ? 0.0937 0.1241 0.1436 0.0065  -0.0193 0.0068  83  PRO A CA  
649 C  C   . PRO A 83 ? 0.1064 0.1237 0.1615 -0.0049 -0.0350 0.0052  83  PRO A C   
650 O  O   . PRO A 83 ? 0.1197 0.1277 0.1245 -0.0043 -0.0119 -0.0004 83  PRO A O   
651 C  CB  . PRO A 83 ? 0.1002 0.1406 0.1627 0.0282  0.0201  0.0073  83  PRO A CB  
652 C  CG  . PRO A 83 ? 0.1201 0.1448 0.2049 0.0421  0.0033  0.0400  83  PRO A CG  
653 C  CD  . PRO A 83 ? 0.1085 0.1381 0.1314 0.0246  0.0031  0.0207  83  PRO A CD  
654 N  N   . THR A 84 ? 0.1265 0.1277 0.1201 0.0124  -0.0317 -0.0053 84  THR A N   
655 C  CA  . THR A 84 ? 0.1276 0.1398 0.1344 -0.0061 -0.0344 0.0119  84  THR A CA  
656 C  C   . THR A 84 ? 0.1367 0.1481 0.1415 0.0156  -0.0266 0.0137  84  THR A C   
657 O  O   . THR A 84 ? 0.1627 0.1868 0.1766 -0.0019 -0.0444 0.0410  84  THR A O   
658 C  CB  . THR A 84 ? 0.1260 0.1289 0.1463 -0.0091 -0.0200 0.0127  84  THR A CB  
659 O  OG1 . THR A 84 ? 0.1599 0.1440 0.1784 -0.0088 -0.0122 0.0153  84  THR A OG1 
660 C  CG2 . THR A 84 ? 0.1819 0.1698 0.1317 0.0181  0.0037  0.0442  84  THR A CG2 
661 N  N   . SER A 85 ? 0.1094 0.1160 0.1850 0.0069  -0.0069 0.0326  85  SER A N   
662 C  CA  . SER A 85 ? 0.0950 0.1211 0.1804 0.0013  -0.0026 0.0190  85  SER A CA  
663 C  C   . SER A 85 ? 0.0903 0.1158 0.1838 0.0016  -0.0005 0.0264  85  SER A C   
664 O  O   . SER A 85 ? 0.1012 0.1392 0.1577 0.0289  -0.0009 0.0205  85  SER A O   
665 C  CB  . SER A 85 ? 0.1332 0.1334 0.1501 0.0137  -0.0040 0.0145  85  SER A CB  
666 O  OG  . SER A 85 ? 0.1371 0.1314 0.1956 -0.0016 -0.0232 0.0137  85  SER A OG  
667 N  N   . ASP A 86 ? 0.0862 0.1468 0.1750 0.0290  -0.0270 -0.0002 86  ASP A N   
668 C  CA  . ASP A 86 ? 0.1068 0.1423 0.1634 -0.0016 -0.0036 0.0211  86  ASP A CA  
669 C  C   . ASP A 86 ? 0.0989 0.1318 0.1318 0.0215  -0.0110 0.0193  86  ASP A C   
670 O  O   . ASP A 86 ? 0.1306 0.1104 0.2072 0.0139  -0.0251 0.0362  86  ASP A O   
671 C  CB  . ASP A 86 ? 0.1187 0.1553 0.1685 0.0200  0.0118  0.0087  86  ASP A CB  
672 C  CG  . ASP A 86 ? 0.0809 0.1809 0.2084 0.0109  -0.0162 0.0060  86  ASP A CG  
673 O  OD1 . ASP A 86 ? 0.1584 0.1440 0.2010 0.0238  -0.0243 0.0159  86  ASP A OD1 
674 O  OD2 . ASP A 86 ? 0.1085 0.2077 0.3039 0.0243  0.0088  -0.0323 86  ASP A OD2 
675 N  N   . VAL A 87 ? 0.0946 0.1217 0.1384 0.0184  -0.0054 0.0237  87  VAL A N   
676 C  CA  . VAL A 87 ? 0.0832 0.1501 0.1457 0.0003  -0.0064 0.0202  87  VAL A CA  
677 C  C   . VAL A 87 ? 0.0992 0.1146 0.1648 0.0103  -0.0152 -0.0033 87  VAL A C   
678 O  O   . VAL A 87 ? 0.1434 0.1142 0.1579 0.0090  -0.0259 0.0107  87  VAL A O   
679 C  CB  . VAL A 87 ? 0.0922 0.1616 0.1517 0.0091  0.0001  0.0147  87  VAL A CB  
680 C  CG1 . VAL A 87 ? 0.1022 0.1517 0.1784 -0.0077 -0.0236 -0.0043 87  VAL A CG1 
681 C  CG2 . VAL A 87 ? 0.1180 0.2220 0.1577 0.0464  -0.0183 -0.0088 87  VAL A CG2 
682 N  N   . VAL A 88 ? 0.1081 0.0997 0.1596 0.0187  0.0013  -0.0001 88  VAL A N   
683 C  CA  . VAL A 88 ? 0.1113 0.1062 0.1509 0.0113  -0.0054 -0.0119 88  VAL A CA  
684 C  C   . VAL A 88 ? 0.1291 0.0933 0.1416 0.0283  0.0024  -0.0132 88  VAL A C   
685 O  O   . VAL A 88 ? 0.1236 0.1034 0.1718 0.0090  0.0056  0.0082  88  VAL A O   
686 C  CB  . VAL A 88 ? 0.1384 0.1083 0.1636 0.0171  0.0011  -0.0135 88  VAL A CB  
687 C  CG1 . VAL A 88 ? 0.1443 0.1672 0.1416 0.0417  0.0289  -0.0007 88  VAL A CG1 
688 C  CG2 . VAL A 88 ? 0.1145 0.1672 0.1742 0.0176  0.0158  -0.0278 88  VAL A CG2 
689 N  N   . ILE A 89 ? 0.1231 0.1122 0.1513 0.0197  0.0085  -0.0019 89  ILE A N   
690 C  CA  . ILE A 89 ? 0.1198 0.1073 0.1284 0.0128  -0.0040 -0.0018 89  ILE A CA  
691 C  C   . ILE A 89 ? 0.1174 0.1079 0.1134 0.0091  0.0164  -0.0027 89  ILE A C   
692 O  O   . ILE A 89 ? 0.1216 0.1198 0.1208 -0.0119 0.0066  -0.0037 89  ILE A O   
693 C  CB  . ILE A 89 ? 0.1177 0.1219 0.1220 -0.0012 -0.0102 0.0007  89  ILE A CB  
694 C  CG1 . ILE A 89 ? 0.0989 0.1433 0.1371 -0.0086 0.0095  -0.0226 89  ILE A CG1 
695 C  CG2 . ILE A 89 ? 0.1266 0.1167 0.1982 -0.0069 0.0110  -0.0162 89  ILE A CG2 
696 C  CD1 . ILE A 89 ? 0.1794 0.1552 0.1321 0.0200  0.0255  -0.0390 89  ILE A CD1 
697 N  N   . GLN A 90 ? 0.1125 0.1111 0.1263 0.0054  0.0081  0.0016  90  GLN A N   
698 C  CA  . GLN A 90 ? 0.1006 0.1217 0.1236 0.0005  0.0101  -0.0124 90  GLN A CA  
699 C  C   . GLN A 90 ? 0.1176 0.1273 0.1082 0.0232  -0.0146 -0.0129 90  GLN A C   
700 O  O   . GLN A 90 ? 0.1220 0.1388 0.1499 0.0156  0.0121  0.0123  90  GLN A O   
701 C  CB  A GLN A 90 ? 0.1190 0.1093 0.1618 -0.0116 0.0042  0.0024  90  GLN A CB  
702 C  CB  B GLN A 90 ? 0.1300 0.1054 0.1582 -0.0132 -0.0021 0.0044  90  GLN A CB  
703 C  CG  A GLN A 90 ? 0.1454 0.1260 0.1646 0.0107  0.0094  -0.0077 90  GLN A CG  
704 C  CG  B GLN A 90 ? 0.1553 0.1334 0.1548 0.0159  0.0044  -0.0078 90  GLN A CG  
705 C  CD  A GLN A 90 ? 0.1464 0.1190 0.1670 0.0146  0.0133  0.0048  90  GLN A CD  
706 C  CD  B GLN A 90 ? 0.1947 0.1374 0.1692 0.0225  0.0155  -0.0037 90  GLN A CD  
707 O  OE1 A GLN A 90 ? 0.3081 0.1390 0.2308 0.0392  -0.0396 0.0776  90  GLN A OE1 
708 O  OE1 B GLN A 90 ? 0.1855 0.1741 0.2148 -0.0049 -0.0084 0.0026  90  GLN A OE1 
709 N  NE2 A GLN A 90 ? 0.1176 0.0893 0.1667 0.0410  0.0252  -0.0120 90  GLN A NE2 
710 N  NE2 B GLN A 90 ? 0.3961 0.1832 0.1994 0.1042  0.0767  -0.0216 90  GLN A NE2 
711 N  N   . THR A 91 ? 0.1110 0.1248 0.1397 0.0142  0.0007  -0.0064 91  THR A N   
712 C  CA  . THR A 91 ? 0.0846 0.1281 0.1361 -0.0026 0.0201  0.0026  91  THR A CA  
713 C  C   . THR A 91 ? 0.1045 0.1196 0.1373 0.0158  -0.0009 -0.0209 91  THR A C   
714 O  O   . THR A 91 ? 0.1459 0.1377 0.1417 0.0088  0.0094  -0.0325 91  THR A O   
715 C  CB  . THR A 91 ? 0.1321 0.1147 0.1321 0.0002  -0.0105 0.0019  91  THR A CB  
716 O  OG1 . THR A 91 ? 0.1740 0.1585 0.1372 -0.0189 -0.0019 0.0085  91  THR A OG1 
717 C  CG2 . THR A 91 ? 0.1481 0.1279 0.1416 -0.0283 -0.0308 0.0020  91  THR A CG2 
718 N  N   . HIS A 92 ? 0.1038 0.1171 0.1313 0.0146  -0.0107 -0.0179 92  HIS A N   
719 C  CA  . HIS A 92 ? 0.0955 0.1288 0.1503 0.0212  -0.0214 -0.0101 92  HIS A CA  
720 C  C   . HIS A 92 ? 0.1174 0.1409 0.1306 -0.0021 0.0224  -0.0273 92  HIS A C   
721 O  O   . HIS A 92 ? 0.1584 0.1858 0.1710 -0.0069 -0.0218 -0.0487 92  HIS A O   
722 C  CB  . HIS A 92 ? 0.1679 0.1239 0.1576 0.0296  -0.0290 -0.0007 92  HIS A CB  
723 C  CG  . HIS A 92 ? 0.2280 0.1373 0.1337 0.0245  -0.0046 -0.0144 92  HIS A CG  
724 N  ND1 . HIS A 92 ? 0.2558 0.1269 0.1663 -0.0042 0.0143  -0.0115 92  HIS A ND1 
725 C  CD2 . HIS A 92 ? 0.3087 0.1340 0.1364 0.0461  -0.0265 -0.0102 92  HIS A CD2 
726 C  CE1 . HIS A 92 ? 0.3293 0.1612 0.1372 0.0005  0.0393  -0.0279 92  HIS A CE1 
727 N  NE2 . HIS A 92 ? 0.3959 0.1346 0.1378 0.0388  0.0134  0.0054  92  HIS A NE2 
728 N  N   . LYS A 93 ? 0.1318 0.1283 0.1357 0.0084  0.0213  -0.0138 93  LYS A N   
729 C  CA  . LYS A 93 ? 0.1378 0.1329 0.1495 -0.0010 -0.0009 -0.0043 93  LYS A CA  
730 C  C   . LYS A 93 ? 0.1241 0.1483 0.1649 -0.0343 -0.0248 -0.0307 93  LYS A C   
731 O  O   . LYS A 93 ? 0.1673 0.1624 0.1740 -0.0479 -0.0113 -0.0163 93  LYS A O   
732 C  CB  . LYS A 93 ? 0.1450 0.1446 0.1434 -0.0069 -0.0079 -0.0109 93  LYS A CB  
733 C  CG  . LYS A 93 ? 0.1360 0.2059 0.1728 0.0257  0.0043  -0.0117 93  LYS A CG  
734 C  CD  . LYS A 93 ? 0.1576 0.3064 0.2274 0.0377  0.0246  -0.0748 93  LYS A CD  
735 C  CE  . LYS A 93 ? 0.3967 0.3320 0.2234 0.0919  -0.0477 -0.0889 93  LYS A CE  
736 N  NZ  . LYS A 93 ? 0.2301 0.2730 0.2042 0.0326  0.0528  -0.0641 93  LYS A NZ  
737 N  N   . GLU A 94 ? 0.1221 0.1693 0.1544 -0.0178 -0.0086 -0.0155 94  GLU A N   
738 C  CA  . GLU A 94 ? 0.1261 0.2201 0.1834 -0.0411 -0.0062 -0.0133 94  GLU A CA  
739 C  C   . GLU A 94 ? 0.1307 0.2002 0.1493 -0.0249 0.0128  -0.0210 94  GLU A C   
740 O  O   . GLU A 94 ? 0.1426 0.1740 0.1894 -0.0213 0.0308  -0.0246 94  GLU A O   
741 C  CB  . GLU A 94 ? 0.1210 0.2274 0.2364 -0.0138 0.0115  -0.0598 94  GLU A CB  
742 C  CG  . GLU A 94 ? 0.1377 0.2418 0.2873 -0.0340 0.0064  -0.0769 94  GLU A CG  
743 C  CD  . GLU A 94 ? 0.1310 0.2519 0.3373 -0.0053 -0.0204 -0.0937 94  GLU A CD  
744 O  OE1 . GLU A 94 ? 0.1258 0.2837 0.3586 0.0246  -0.0704 -0.0686 94  GLU A OE1 
745 O  OE2 . GLU A 94 ? 0.1994 0.2941 0.4125 -0.0077 0.0342  -0.0840 94  GLU A OE2 
746 N  N   . GLU A 95 ? 0.1441 0.2288 0.1631 -0.0263 -0.0043 -0.0256 95  GLU A N   
747 C  CA  . GLU A 95 ? 0.1394 0.2538 0.2037 -0.0421 -0.0228 -0.0497 95  GLU A CA  
748 C  C   . GLU A 95 ? 0.1952 0.2357 0.2041 -0.0574 -0.0371 -0.0443 95  GLU A C   
749 O  O   . GLU A 95 ? 0.1788 0.2961 0.2189 -0.0755 -0.0463 -0.0011 95  GLU A O   
750 C  CB  . GLU A 95 ? 0.2378 0.2724 0.2331 -0.0931 -0.0778 -0.0195 95  GLU A CB  
751 C  CG  . GLU A 95 ? 0.2671 0.3859 0.2772 -0.0299 -0.0939 -0.0137 95  GLU A CG  
752 C  CD  . GLU A 95 ? 0.2720 0.4578 0.3564 -0.0257 -0.0231 -0.0577 95  GLU A CD  
753 O  OE1 . GLU A 95 ? 0.3316 0.4285 0.5235 -0.0952 -0.0839 0.0166  95  GLU A OE1 
754 O  OE2 . GLU A 95 ? 0.3446 0.4825 0.5900 0.0177  0.0028  -0.1020 95  GLU A OE2 
755 N  N   . ASP A 96 ? 0.1429 0.1954 0.2065 -0.0632 0.0027  -0.0406 96  ASP A N   
756 C  CA  . ASP A 96 ? 0.1528 0.2282 0.2016 -0.0627 0.0145  -0.0203 96  ASP A CA  
757 C  C   . ASP A 96 ? 0.1881 0.2266 0.2125 -0.0303 0.0337  -0.0279 96  ASP A C   
758 O  O   . ASP A 96 ? 0.1969 0.2119 0.2527 -0.0406 0.0511  -0.0092 96  ASP A O   
759 C  CB  . ASP A 96 ? 0.1519 0.2402 0.1753 -0.0303 0.0156  -0.0437 96  ASP A CB  
760 C  CG  . ASP A 96 ? 0.1597 0.1912 0.1625 -0.0287 0.0142  -0.0362 96  ASP A CG  
761 O  OD1 . ASP A 96 ? 0.2028 0.2730 0.1713 -0.0179 0.0006  -0.0269 96  ASP A OD1 
762 O  OD2 . ASP A 96 ? 0.1714 0.1717 0.1812 -0.0178 0.0279  -0.0169 96  ASP A OD2 
763 N  N   . LEU A 97 ? 0.1818 0.2520 0.2012 -0.0045 0.0211  -0.0396 97  LEU A N   
764 C  CA  . LEU A 97 ? 0.1478 0.2480 0.1852 -0.0235 0.0193  -0.0322 97  LEU A CA  
765 C  C   . LEU A 97 ? 0.1843 0.2540 0.2386 -0.0744 -0.0404 0.0016  97  LEU A C   
766 O  O   . LEU A 97 ? 0.2321 0.3820 0.2669 -0.0602 -0.0503 0.0600  97  LEU A O   
767 C  CB  . LEU A 97 ? 0.1633 0.2063 0.1802 -0.0524 0.0238  -0.0131 97  LEU A CB  
768 C  CG  . LEU A 97 ? 0.1846 0.2269 0.1579 -0.0376 0.0237  -0.0243 97  LEU A CG  
769 C  CD1 . LEU A 97 ? 0.2069 0.2476 0.2246 -0.0625 0.0110  -0.0727 97  LEU A CD1 
770 C  CD2 . LEU A 97 ? 0.1735 0.2542 0.2299 -0.0257 0.0295  0.0235  97  LEU A CD2 
771 N  N   . TYR A 98 ? 0.2114 0.2360 0.2079 -0.0505 0.0183  -0.0149 98  TYR A N   
772 C  CA  . TYR A 98 ? 0.2194 0.2451 0.2533 -0.0666 -0.0205 -0.0024 98  TYR A CA  
773 C  C   . TYR A 98 ? 0.1865 0.2848 0.2782 -0.0524 -0.0005 -0.0093 98  TYR A C   
774 O  O   . TYR A 98 ? 0.2028 0.3975 0.2797 -0.0501 0.0071  -0.0519 98  TYR A O   
775 C  CB  . TYR A 98 ? 0.2704 0.2359 0.2753 -0.0727 -0.0089 -0.0051 98  TYR A CB  
776 C  CG  . TYR A 98 ? 0.2632 0.2748 0.2758 -0.1008 0.0204  -0.0012 98  TYR A CG  
777 C  CD1 . TYR A 98 ? 0.2589 0.3727 0.2797 -0.1391 0.0297  -0.0371 98  TYR A CD1 
778 C  CD2 . TYR A 98 ? 0.2918 0.3234 0.2385 -0.0742 0.0043  0.0295  98  TYR A CD2 
779 C  CE1 . TYR A 98 ? 0.3568 0.4390 0.3164 -0.0183 0.0035  -0.0871 98  TYR A CE1 
780 C  CE2 . TYR A 98 ? 0.3731 0.3777 0.2925 -0.0041 -0.0254 -0.0359 98  TYR A CE2 
781 C  CZ  . TYR A 98 ? 0.4278 0.4144 0.2927 0.0558  -0.0222 -0.1080 98  TYR A CZ  
782 O  OH  . TYR A 98 ? 0.6708 0.4420 0.2849 0.1514  0.0029  -0.1385 98  TYR A OH  
783 O  OXT . TYR A 98 ? 0.1927 0.3402 0.3647 -0.0879 -0.0107 -0.0039 98  TYR A OXT 
784 FE FE1 . FES B .  ? 0.0958 0.1205 0.1596 0.0100  0.0089  -0.0012 999 FES A FE1 
785 FE FE2 . FES B .  ? 0.0908 0.1109 0.1315 0.0017  0.0068  0.0031  999 FES A FE2 
786 S  S1  . FES B .  ? 0.0940 0.1081 0.1435 0.0136  0.0132  0.0010  999 FES A S1  
787 S  S2  . FES B .  ? 0.1029 0.1127 0.1631 0.0039  0.0105  0.0159  999 FES A S2  
# 
loop_
_pdbx_poly_seq_scheme.asym_id 
_pdbx_poly_seq_scheme.entity_id 
_pdbx_poly_seq_scheme.seq_id 
_pdbx_poly_seq_scheme.mon_id 
_pdbx_poly_seq_scheme.ndb_seq_num 
_pdbx_poly_seq_scheme.pdb_seq_num 
_pdbx_poly_seq_scheme.auth_seq_num 
_pdbx_poly_seq_scheme.pdb_mon_id 
_pdbx_poly_seq_scheme.auth_mon_id 
_pdbx_poly_seq_scheme.pdb_strand_id 
_pdbx_poly_seq_scheme.pdb_ins_code 
_pdbx_poly_seq_scheme.hetero 
A 1 1  ALA 1  1  1  ALA ALA A . n 
A 1 2  THR 2  2  2  THR THR A . n 
A 1 3  PHE 3  3  3  PHE PHE A . n 
A 1 4  LYS 4  4  4  LYS LYS A . n 
A 1 5  VAL 5  5  5  VAL VAL A . n 
A 1 6  THR 6  6  6  THR THR A . n 
A 1 7  LEU 7  7  7  LEU LEU A . n 
A 1 8  ILE 8  8  8  ILE ILE A . n 
A 1 9  ASN 9  9  9  ASN ASN A . n 
A 1 10 GLU 10 10 10 GLU GLU A . n 
A 1 11 ALA 11 11 11 ALA ALA A . n 
A 1 12 GLU 12 12 12 GLU GLU A . n 
A 1 13 GLY 13 13 13 GLY GLY A . n 
A 1 14 THR 14 14 14 THR THR A . n 
A 1 15 LYS 15 15 15 LYS LYS A . n 
A 1 16 HIS 16 16 16 HIS HIS A . n 
A 1 17 GLU 17 17 17 GLU GLU A . n 
A 1 18 ILE 18 18 18 ILE ILE A . n 
A 1 19 GLU 19 19 19 GLU GLU A . n 
A 1 20 VAL 20 20 20 VAL VAL A . n 
A 1 21 PRO 21 21 21 PRO PRO A . n 
A 1 22 ASP 22 22 22 ASP ASP A . n 
A 1 23 ASP 23 23 23 ASP ASP A . n 
A 1 24 GLU 24 24 24 GLU GLU A . n 
A 1 25 TYR 25 25 25 TYR TYR A . n 
A 1 26 ILE 26 26 26 ILE ILE A . n 
A 1 27 LEU 27 27 27 LEU LEU A . n 
A 1 28 ASP 28 28 28 ASP ASP A . n 
A 1 29 ALA 29 29 29 ALA ALA A . n 
A 1 30 ALA 30 30 30 ALA ALA A . n 
A 1 31 GLU 31 31 31 GLU GLU A . n 
A 1 32 GLU 32 32 32 GLU GLU A . n 
A 1 33 GLN 33 33 33 GLN GLN A . n 
A 1 34 GLY 34 34 34 GLY GLY A . n 
A 1 35 TYR 35 35 35 TYR TYR A . n 
A 1 36 ASP 36 36 36 ASP ASP A . n 
A 1 37 LEU 37 37 37 LEU LEU A . n 
A 1 38 PRO 38 38 38 PRO PRO A . n 
A 1 39 PHE 39 39 39 PHE PHE A . n 
A 1 40 SER 40 40 40 SER SER A . n 
A 1 41 CYS 41 41 41 CYS CYS A . n 
A 1 42 ARG 42 42 42 ARG ARG A . n 
A 1 43 ALA 43 43 43 ALA ALA A . n 
A 1 44 GLY 44 44 44 GLY GLY A . n 
A 1 45 ALA 45 45 45 ALA ALA A . n 
A 1 46 CYS 46 46 46 CYS CYS A . n 
A 1 47 SER 47 47 47 SER SER A . n 
A 1 48 THR 48 48 48 THR THR A . n 
A 1 49 CYS 49 49 49 CYS CYS A . n 
A 1 50 ALA 50 50 50 ALA ALA A . n 
A 1 51 GLY 51 51 51 GLY GLY A . n 
A 1 52 LYS 52 52 52 LYS LYS A . n 
A 1 53 LEU 53 53 53 LEU LEU A . n 
A 1 54 VAL 54 54 54 VAL VAL A . n 
A 1 55 SER 55 55 55 SER SER A . n 
A 1 56 GLY 56 56 56 GLY GLY A . n 
A 1 57 THR 57 57 57 THR THR A . n 
A 1 58 VAL 58 58 58 VAL VAL A . n 
A 1 59 ASP 59 59 59 ASP ASP A . n 
A 1 60 GLN 60 60 60 GLN GLN A . n 
A 1 61 SER 61 61 61 SER SER A . n 
A 1 62 ASP 62 62 62 ASP ASP A . n 
A 1 63 GLN 63 63 63 GLN GLN A . n 
A 1 64 SER 64 64 64 SER SER A . n 
A 1 65 PHE 65 65 65 PHE PHE A . n 
A 1 66 LEU 66 66 66 LEU LEU A . n 
A 1 67 ASP 67 67 67 ASP ASP A . n 
A 1 68 ASP 68 68 68 ASP ASP A . n 
A 1 69 ASP 69 69 69 ASP ASP A . n 
A 1 70 GLN 70 70 70 GLN GLN A . n 
A 1 71 ILE 71 71 71 ILE ILE A . n 
A 1 72 GLU 72 72 72 GLU GLU A . n 
A 1 73 ALA 73 73 73 ALA ALA A . n 
A 1 74 GLY 74 74 74 GLY GLY A . n 
A 1 75 TYR 75 75 75 TYR TYR A . n 
A 1 76 VAL 76 76 76 VAL VAL A . n 
A 1 77 LEU 77 77 77 LEU LEU A . n 
A 1 78 THR 78 78 78 THR THR A . n 
A 1 79 CYS 79 79 79 CYS CYS A . n 
A 1 80 VAL 80 80 80 VAL VAL A . n 
A 1 81 ALA 81 81 81 ALA ALA A . n 
A 1 82 TYR 82 82 82 TYR TYR A . n 
A 1 83 PRO 83 83 83 PRO PRO A . n 
A 1 84 THR 84 84 84 THR THR A . n 
A 1 85 SER 85 85 85 SER SER A . n 
A 1 86 ASP 86 86 86 ASP ASP A . n 
A 1 87 VAL 87 87 87 VAL VAL A . n 
A 1 88 VAL 88 88 88 VAL VAL A . n 
A 1 89 ILE 89 89 89 ILE ILE A . n 
A 1 90 GLN 90 90 90 GLN GLN A . n 
A 1 91 THR 91 91 91 THR THR A . n 
A 1 92 HIS 92 92 92 HIS HIS A . n 
A 1 93 LYS 93 93 93 LYS LYS A . n 
A 1 94 GLU 94 94 94 GLU GLU A . n 
A 1 95 GLU 95 95 95 GLU GLU A . n 
A 1 96 ASP 96 96 96 ASP ASP A . n 
A 1 97 LEU 97 97 97 LEU LEU A . n 
A 1 98 TYR 98 98 98 TYR TYR A . n 
# 
loop_
_pdbx_nonpoly_scheme.asym_id 
_pdbx_nonpoly_scheme.entity_id 
_pdbx_nonpoly_scheme.mon_id 
_pdbx_nonpoly_scheme.ndb_seq_num 
_pdbx_nonpoly_scheme.pdb_seq_num 
_pdbx_nonpoly_scheme.auth_seq_num 
_pdbx_nonpoly_scheme.pdb_mon_id 
_pdbx_nonpoly_scheme.auth_mon_id 
_pdbx_nonpoly_scheme.pdb_strand_id 
_pdbx_nonpoly_scheme.pdb_ins_code 
B 2 FES 1   999  999 FES FES A . 
C 3 HOH 1   1000 1   HOH HOH A . 
C 3 HOH 2   1001 2   HOH HOH A . 
C 3 HOH 3   1002 3   HOH HOH A . 
C 3 HOH 4   1003 4   HOH HOH A . 
C 3 HOH 5   1004 5   HOH HOH A . 
C 3 HOH 6   1005 6   HOH HOH A . 
C 3 HOH 7   1006 7   HOH HOH A . 
C 3 HOH 8   1007 8   HOH HOH A . 
C 3 HOH 9   1008 9   HOH HOH A . 
C 3 HOH 10  1009 10  HOH HOH A . 
C 3 HOH 11  1010 11  HOH HOH A . 
C 3 HOH 12  1011 12  HOH HOH A . 
C 3 HOH 13  1012 13  HOH HOH A . 
C 3 HOH 14  1013 14  HOH HOH A . 
C 3 HOH 15  1014 15  HOH HOH A . 
C 3 HOH 16  1015 16  HOH HOH A . 
C 3 HOH 17  1016 17  HOH HOH A . 
C 3 HOH 18  1017 18  HOH HOH A . 
C 3 HOH 19  1018 19  HOH HOH A . 
C 3 HOH 20  1019 20  HOH HOH A . 
C 3 HOH 21  1020 21  HOH HOH A . 
C 3 HOH 22  1021 22  HOH HOH A . 
C 3 HOH 23  1022 23  HOH HOH A . 
C 3 HOH 24  1023 24  HOH HOH A . 
C 3 HOH 25  1024 25  HOH HOH A . 
C 3 HOH 26  1025 26  HOH HOH A . 
C 3 HOH 27  1026 27  HOH HOH A . 
C 3 HOH 28  1027 28  HOH HOH A . 
C 3 HOH 29  1028 29  HOH HOH A . 
C 3 HOH 30  1029 30  HOH HOH A . 
C 3 HOH 31  1030 31  HOH HOH A . 
C 3 HOH 32  1031 32  HOH HOH A . 
C 3 HOH 33  1032 33  HOH HOH A . 
C 3 HOH 34  1033 34  HOH HOH A . 
C 3 HOH 35  1034 35  HOH HOH A . 
C 3 HOH 36  1035 36  HOH HOH A . 
C 3 HOH 37  1036 37  HOH HOH A . 
C 3 HOH 38  1037 38  HOH HOH A . 
C 3 HOH 39  1038 39  HOH HOH A . 
C 3 HOH 40  1039 40  HOH HOH A . 
C 3 HOH 41  1040 41  HOH HOH A . 
C 3 HOH 42  1041 42  HOH HOH A . 
C 3 HOH 43  1042 43  HOH HOH A . 
C 3 HOH 44  1043 44  HOH HOH A . 
C 3 HOH 45  1044 45  HOH HOH A . 
C 3 HOH 46  1045 46  HOH HOH A . 
C 3 HOH 47  1046 47  HOH HOH A . 
C 3 HOH 48  1047 48  HOH HOH A . 
C 3 HOH 49  1048 49  HOH HOH A . 
C 3 HOH 50  1049 50  HOH HOH A . 
C 3 HOH 51  1050 51  HOH HOH A . 
C 3 HOH 52  1051 52  HOH HOH A . 
C 3 HOH 53  1052 53  HOH HOH A . 
C 3 HOH 54  1053 54  HOH HOH A . 
C 3 HOH 55  1054 55  HOH HOH A . 
C 3 HOH 56  1055 56  HOH HOH A . 
C 3 HOH 57  1056 57  HOH HOH A . 
C 3 HOH 58  1057 58  HOH HOH A . 
C 3 HOH 59  1058 59  HOH HOH A . 
C 3 HOH 60  1059 60  HOH HOH A . 
C 3 HOH 61  1060 61  HOH HOH A . 
C 3 HOH 62  1061 62  HOH HOH A . 
C 3 HOH 63  1062 63  HOH HOH A . 
C 3 HOH 64  1063 64  HOH HOH A . 
C 3 HOH 65  1064 65  HOH HOH A . 
C 3 HOH 66  1065 66  HOH HOH A . 
C 3 HOH 67  1066 67  HOH HOH A . 
C 3 HOH 68  1067 68  HOH HOH A . 
C 3 HOH 69  1068 69  HOH HOH A . 
C 3 HOH 70  1069 70  HOH HOH A . 
C 3 HOH 71  1070 71  HOH HOH A . 
C 3 HOH 72  1071 72  HOH HOH A . 
C 3 HOH 73  1072 73  HOH HOH A . 
C 3 HOH 74  1073 74  HOH HOH A . 
C 3 HOH 75  1074 75  HOH HOH A . 
C 3 HOH 76  1075 76  HOH HOH A . 
C 3 HOH 77  1076 77  HOH HOH A . 
C 3 HOH 78  1077 78  HOH HOH A . 
C 3 HOH 79  1078 79  HOH HOH A . 
C 3 HOH 80  1079 80  HOH HOH A . 
C 3 HOH 81  1080 81  HOH HOH A . 
C 3 HOH 82  1081 82  HOH HOH A . 
C 3 HOH 83  1082 83  HOH HOH A . 
C 3 HOH 84  1083 84  HOH HOH A . 
C 3 HOH 85  1084 85  HOH HOH A . 
C 3 HOH 86  1085 86  HOH HOH A . 
C 3 HOH 87  1086 87  HOH HOH A . 
C 3 HOH 88  1087 88  HOH HOH A . 
C 3 HOH 89  1088 89  HOH HOH A . 
C 3 HOH 90  1089 90  HOH HOH A . 
C 3 HOH 91  1090 91  HOH HOH A . 
C 3 HOH 92  1091 92  HOH HOH A . 
C 3 HOH 93  1092 93  HOH HOH A . 
C 3 HOH 94  1093 94  HOH HOH A . 
C 3 HOH 95  1094 95  HOH HOH A . 
C 3 HOH 96  1095 96  HOH HOH A . 
C 3 HOH 97  1096 97  HOH HOH A . 
C 3 HOH 98  1097 98  HOH HOH A . 
C 3 HOH 99  1098 99  HOH HOH A . 
C 3 HOH 100 1099 100 HOH HOH A . 
C 3 HOH 101 1100 101 HOH HOH A . 
C 3 HOH 102 1101 102 HOH HOH A . 
C 3 HOH 103 1102 103 HOH HOH A . 
C 3 HOH 104 1103 104 HOH HOH A . 
C 3 HOH 105 1104 105 HOH HOH A . 
C 3 HOH 106 1105 106 HOH HOH A . 
C 3 HOH 107 1106 107 HOH HOH A . 
C 3 HOH 108 1107 108 HOH HOH A . 
C 3 HOH 109 1108 109 HOH HOH A . 
C 3 HOH 110 1109 110 HOH HOH A . 
C 3 HOH 111 1110 111 HOH HOH A . 
C 3 HOH 112 1111 112 HOH HOH A . 
C 3 HOH 113 1112 113 HOH HOH A . 
C 3 HOH 114 1113 114 HOH HOH A . 
C 3 HOH 115 1114 115 HOH HOH A . 
C 3 HOH 116 1115 116 HOH HOH A . 
C 3 HOH 117 1116 117 HOH HOH A . 
C 3 HOH 118 1117 118 HOH HOH A . 
C 3 HOH 119 1118 119 HOH HOH A . 
C 3 HOH 120 1119 120 HOH HOH A . 
C 3 HOH 121 1120 121 HOH HOH A . 
C 3 HOH 122 1121 122 HOH HOH A . 
C 3 HOH 123 1122 123 HOH HOH A . 
C 3 HOH 124 1123 124 HOH HOH A . 
C 3 HOH 125 1124 125 HOH HOH A . 
C 3 HOH 126 1125 126 HOH HOH A . 
C 3 HOH 127 1126 127 HOH HOH A . 
C 3 HOH 128 1127 128 HOH HOH A . 
C 3 HOH 129 1128 129 HOH HOH A . 
C 3 HOH 130 1129 130 HOH HOH A . 
C 3 HOH 131 1130 131 HOH HOH A . 
C 3 HOH 132 1131 132 HOH HOH A . 
C 3 HOH 133 1132 133 HOH HOH A . 
C 3 HOH 134 1133 134 HOH HOH A . 
C 3 HOH 135 1134 135 HOH HOH A . 
C 3 HOH 136 1135 136 HOH HOH A . 
C 3 HOH 137 1136 137 HOH HOH A . 
C 3 HOH 138 1137 138 HOH HOH A . 
C 3 HOH 139 1138 139 HOH HOH A . 
C 3 HOH 140 1139 140 HOH HOH A . 
C 3 HOH 141 1140 141 HOH HOH A . 
C 3 HOH 142 1141 142 HOH HOH A . 
C 3 HOH 143 1142 143 HOH HOH A . 
C 3 HOH 144 1143 144 HOH HOH A . 
C 3 HOH 145 1144 145 HOH HOH A . 
C 3 HOH 146 1145 146 HOH HOH A . 
C 3 HOH 147 1146 147 HOH HOH A . 
C 3 HOH 148 1147 148 HOH HOH A . 
C 3 HOH 149 1148 149 HOH HOH A . 
C 3 HOH 150 1149 150 HOH HOH A . 
C 3 HOH 151 1150 151 HOH HOH A . 
C 3 HOH 152 1151 152 HOH HOH A . 
C 3 HOH 153 1152 153 HOH HOH A . 
C 3 HOH 154 1153 154 HOH HOH A . 
C 3 HOH 155 1154 155 HOH HOH A . 
C 3 HOH 156 1155 156 HOH HOH A . 
C 3 HOH 157 1156 157 HOH HOH A . 
C 3 HOH 158 1157 158 HOH HOH A . 
C 3 HOH 159 1158 159 HOH HOH A . 
C 3 HOH 160 1159 160 HOH HOH A . 
C 3 HOH 161 1160 161 HOH HOH A . 
C 3 HOH 162 1161 162 HOH HOH A . 
C 3 HOH 163 1162 163 HOH HOH A . 
C 3 HOH 164 1163 164 HOH HOH A . 
C 3 HOH 165 1164 165 HOH HOH A . 
C 3 HOH 166 1165 166 HOH HOH A . 
C 3 HOH 167 1166 167 HOH HOH A . 
C 3 HOH 168 1167 168 HOH HOH A . 
C 3 HOH 169 1168 169 HOH HOH A . 
C 3 HOH 170 1169 170 HOH HOH A . 
C 3 HOH 171 1170 171 HOH HOH A . 
C 3 HOH 172 1171 172 HOH HOH A . 
C 3 HOH 173 1172 173 HOH HOH A . 
C 3 HOH 174 1173 174 HOH HOH A . 
C 3 HOH 175 1174 175 HOH HOH A . 
C 3 HOH 176 1175 176 HOH HOH A . 
C 3 HOH 177 1176 177 HOH HOH A . 
C 3 HOH 178 1177 178 HOH HOH A . 
C 3 HOH 179 1178 179 HOH HOH A . 
C 3 HOH 180 1179 180 HOH HOH A . 
C 3 HOH 181 1180 181 HOH HOH A . 
C 3 HOH 182 1181 182 HOH HOH A . 
C 3 HOH 183 1182 183 HOH HOH A . 
C 3 HOH 184 1183 184 HOH HOH A . 
C 3 HOH 185 1184 185 HOH HOH A . 
C 3 HOH 186 1185 186 HOH HOH A . 
C 3 HOH 187 1186 187 HOH HOH A . 
C 3 HOH 188 1187 188 HOH HOH A . 
C 3 HOH 189 1188 189 HOH HOH A . 
C 3 HOH 190 1189 190 HOH HOH A . 
C 3 HOH 191 1190 191 HOH HOH A . 
C 3 HOH 192 1191 192 HOH HOH A . 
C 3 HOH 193 1192 193 HOH HOH A . 
C 3 HOH 194 1193 194 HOH HOH A . 
C 3 HOH 195 1194 195 HOH HOH A . 
C 3 HOH 196 1195 196 HOH HOH A . 
C 3 HOH 197 1196 197 HOH HOH A . 
C 3 HOH 198 1197 198 HOH HOH A . 
C 3 HOH 199 1198 199 HOH HOH A . 
C 3 HOH 200 1199 200 HOH HOH A . 
C 3 HOH 201 1200 201 HOH HOH A . 
C 3 HOH 202 1201 202 HOH HOH A . 
C 3 HOH 203 1202 203 HOH HOH A . 
C 3 HOH 204 1203 204 HOH HOH A . 
C 3 HOH 205 1204 205 HOH HOH A . 
C 3 HOH 206 1205 206 HOH HOH A . 
C 3 HOH 207 1206 207 HOH HOH A . 
C 3 HOH 208 1207 208 HOH HOH A . 
C 3 HOH 209 1208 209 HOH HOH A . 
C 3 HOH 210 1209 210 HOH HOH A . 
C 3 HOH 211 1210 211 HOH HOH A . 
C 3 HOH 212 1211 212 HOH HOH A . 
C 3 HOH 213 1212 213 HOH HOH A . 
C 3 HOH 214 1213 214 HOH HOH A . 
C 3 HOH 215 1214 215 HOH HOH A . 
C 3 HOH 216 1215 216 HOH HOH A . 
C 3 HOH 217 1216 217 HOH HOH A . 
C 3 HOH 218 1217 218 HOH HOH A . 
C 3 HOH 219 1218 219 HOH HOH A . 
C 3 HOH 220 1219 220 HOH HOH A . 
C 3 HOH 221 1220 221 HOH HOH A . 
C 3 HOH 222 1221 222 HOH HOH A . 
C 3 HOH 223 1222 223 HOH HOH A . 
C 3 HOH 224 1223 224 HOH HOH A . 
C 3 HOH 225 1224 225 HOH HOH A . 
C 3 HOH 226 1225 226 HOH HOH A . 
C 3 HOH 227 1226 227 HOH HOH A . 
C 3 HOH 228 1227 228 HOH HOH A . 
C 3 HOH 229 1228 229 HOH HOH A . 
C 3 HOH 230 1229 230 HOH HOH A . 
C 3 HOH 231 1230 231 HOH HOH A . 
C 3 HOH 232 1231 232 HOH HOH A . 
C 3 HOH 233 1232 233 HOH HOH A . 
C 3 HOH 234 1233 234 HOH HOH A . 
C 3 HOH 235 1234 235 HOH HOH A . 
C 3 HOH 236 1235 236 HOH HOH A . 
C 3 HOH 237 1236 237 HOH HOH A . 
C 3 HOH 238 1237 238 HOH HOH A . 
# 
_pdbx_struct_assembly.id                   1 
_pdbx_struct_assembly.details              author_defined_assembly 
_pdbx_struct_assembly.method_details       ? 
_pdbx_struct_assembly.oligomeric_details   monomeric 
_pdbx_struct_assembly.oligomeric_count     1 
# 
_pdbx_struct_assembly_gen.assembly_id       1 
_pdbx_struct_assembly_gen.oper_expression   1 
_pdbx_struct_assembly_gen.asym_id_list      A,B,C 
# 
_pdbx_struct_oper_list.id                   1 
_pdbx_struct_oper_list.type                 'identity operation' 
_pdbx_struct_oper_list.name                 1_555 
_pdbx_struct_oper_list.symmetry_operation   x,y,z 
_pdbx_struct_oper_list.matrix[1][1]         1.0000000000 
_pdbx_struct_oper_list.matrix[1][2]         0.0000000000 
_pdbx_struct_oper_list.matrix[1][3]         0.0000000000 
_pdbx_struct_oper_list.vector[1]            0.0000000000 
_pdbx_struct_oper_list.matrix[2][1]         0.0000000000 
_pdbx_struct_oper_list.matrix[2][2]         1.0000000000 
_pdbx_struct_oper_list.matrix[2][3]         0.0000000000 
_pdbx_struct_oper_list.vector[2]            0.0000000000 
_pdbx_struct_oper_list.matrix[3][1]         0.0000000000 
_pdbx_struct_oper_list.matrix[3][2]         0.0000000000 
_pdbx_struct_oper_list.matrix[3][3]         1.0000000000 
_pdbx_struct_oper_list.vector[3]            0.0000000000 
# 
loop_
_pdbx_struct_conn_angle.id 
_pdbx_struct_conn_angle.ptnr1_label_atom_id 
_pdbx_struct_conn_angle.ptnr1_label_alt_id 
_pdbx_struct_conn_angle.ptnr1_label_asym_id 
_pdbx_struct_conn_angle.ptnr1_label_comp_id 
_pdbx_struct_conn_angle.ptnr1_label_seq_id 
_pdbx_struct_conn_angle.ptnr1_auth_atom_id 
_pdbx_struct_conn_angle.ptnr1_auth_asym_id 
_pdbx_struct_conn_angle.ptnr1_auth_comp_id 
_pdbx_struct_conn_angle.ptnr1_auth_seq_id 
_pdbx_struct_conn_angle.ptnr1_PDB_ins_code 
_pdbx_struct_conn_angle.ptnr1_symmetry 
_pdbx_struct_conn_angle.ptnr2_label_atom_id 
_pdbx_struct_conn_angle.ptnr2_label_alt_id 
_pdbx_struct_conn_angle.ptnr2_label_asym_id 
_pdbx_struct_conn_angle.ptnr2_label_comp_id 
_pdbx_struct_conn_angle.ptnr2_label_seq_id 
_pdbx_struct_conn_angle.ptnr2_auth_atom_id 
_pdbx_struct_conn_angle.ptnr2_auth_asym_id 
_pdbx_struct_conn_angle.ptnr2_auth_comp_id 
_pdbx_struct_conn_angle.ptnr2_auth_seq_id 
_pdbx_struct_conn_angle.ptnr2_PDB_ins_code 
_pdbx_struct_conn_angle.ptnr2_symmetry 
_pdbx_struct_conn_angle.ptnr3_label_atom_id 
_pdbx_struct_conn_angle.ptnr3_label_alt_id 
_pdbx_struct_conn_angle.ptnr3_label_asym_id 
_pdbx_struct_conn_angle.ptnr3_label_comp_id 
_pdbx_struct_conn_angle.ptnr3_label_seq_id 
_pdbx_struct_conn_angle.ptnr3_auth_atom_id 
_pdbx_struct_conn_angle.ptnr3_auth_asym_id 
_pdbx_struct_conn_angle.ptnr3_auth_comp_id 
_pdbx_struct_conn_angle.ptnr3_auth_seq_id 
_pdbx_struct_conn_angle.ptnr3_PDB_ins_code 
_pdbx_struct_conn_angle.ptnr3_symmetry 
_pdbx_struct_conn_angle.value 
_pdbx_struct_conn_angle.value_esd 
1  SG ? A CYS 41 ? A CYS 41  ? 1_555 FE1 ? B FES . ? A FES 999 ? 1_555 S1 ? B FES .  ? A FES 999 ? 1_555 119.9 ? 
2  SG ? A CYS 41 ? A CYS 41  ? 1_555 FE1 ? B FES . ? A FES 999 ? 1_555 S2 ? B FES .  ? A FES 999 ? 1_555 102.2 ? 
3  S1 ? B FES .  ? A FES 999 ? 1_555 FE1 ? B FES . ? A FES 999 ? 1_555 S2 ? B FES .  ? A FES 999 ? 1_555 102.5 ? 
4  SG ? A CYS 41 ? A CYS 41  ? 1_555 FE1 ? B FES . ? A FES 999 ? 1_555 SG ? A CYS 46 ? A CYS 46  ? 1_555 105.9 ? 
5  S1 ? B FES .  ? A FES 999 ? 1_555 FE1 ? B FES . ? A FES 999 ? 1_555 SG ? A CYS 46 ? A CYS 46  ? 1_555 108.1 ? 
6  S2 ? B FES .  ? A FES 999 ? 1_555 FE1 ? B FES . ? A FES 999 ? 1_555 SG ? A CYS 46 ? A CYS 46  ? 1_555 119.1 ? 
7  SG ? A CYS 49 ? A CYS 49  ? 1_555 FE2 ? B FES . ? A FES 999 ? 1_555 S1 ? B FES .  ? A FES 999 ? 1_555 112.4 ? 
8  SG ? A CYS 49 ? A CYS 49  ? 1_555 FE2 ? B FES . ? A FES 999 ? 1_555 S2 ? B FES .  ? A FES 999 ? 1_555 111.2 ? 
9  S1 ? B FES .  ? A FES 999 ? 1_555 FE2 ? B FES . ? A FES 999 ? 1_555 S2 ? B FES .  ? A FES 999 ? 1_555 105.6 ? 
10 SG ? A CYS 49 ? A CYS 49  ? 1_555 FE2 ? B FES . ? A FES 999 ? 1_555 SG ? A CYS 79 ? A CYS 79  ? 1_555 106.6 ? 
11 S1 ? B FES .  ? A FES 999 ? 1_555 FE2 ? B FES . ? A FES 999 ? 1_555 SG ? A CYS 79 ? A CYS 79  ? 1_555 116.0 ? 
12 S2 ? B FES .  ? A FES 999 ? 1_555 FE2 ? B FES . ? A FES 999 ? 1_555 SG ? A CYS 79 ? A CYS 79  ? 1_555 104.8 ? 
# 
loop_
_pdbx_audit_revision_history.ordinal 
_pdbx_audit_revision_history.data_content_type 
_pdbx_audit_revision_history.major_revision 
_pdbx_audit_revision_history.minor_revision 
_pdbx_audit_revision_history.revision_date 
1 'Structure model' 1 0 1999-12-02 
2 'Structure model' 1 1 2008-04-27 
3 'Structure model' 1 2 2011-07-13 
4 'Structure model' 1 3 2018-04-04 
5 'Structure model' 1 4 2018-04-11 
6 'Structure model' 1 5 2023-08-16 
# 
_pdbx_audit_revision_details.ordinal             1 
_pdbx_audit_revision_details.revision_ordinal    1 
_pdbx_audit_revision_details.data_content_type   'Structure model' 
_pdbx_audit_revision_details.provider            repository 
_pdbx_audit_revision_details.type                'Initial release' 
_pdbx_audit_revision_details.description         ? 
_pdbx_audit_revision_details.details             ? 
# 
loop_
_pdbx_audit_revision_group.ordinal 
_pdbx_audit_revision_group.revision_ordinal 
_pdbx_audit_revision_group.data_content_type 
_pdbx_audit_revision_group.group 
1 2 'Structure model' 'Version format compliance' 
2 3 'Structure model' 'Source and taxonomy'       
3 3 'Structure model' 'Version format compliance' 
4 4 'Structure model' 'Data collection'           
5 5 'Structure model' 'Data collection'           
6 6 'Structure model' 'Data collection'           
7 6 'Structure model' 'Database references'       
8 6 'Structure model' 'Derived calculations'      
9 6 'Structure model' 'Refinement description'    
# 
loop_
_pdbx_audit_revision_category.ordinal 
_pdbx_audit_revision_category.revision_ordinal 
_pdbx_audit_revision_category.data_content_type 
_pdbx_audit_revision_category.category 
1 4 'Structure model' diffrn_source                 
2 5 'Structure model' diffrn_source                 
3 6 'Structure model' chem_comp_atom                
4 6 'Structure model' chem_comp_bond                
5 6 'Structure model' database_2                    
6 6 'Structure model' pdbx_initial_refinement_model 
7 6 'Structure model' struct_conn                   
8 6 'Structure model' struct_site                   
# 
loop_
_pdbx_audit_revision_item.ordinal 
_pdbx_audit_revision_item.revision_ordinal 
_pdbx_audit_revision_item.data_content_type 
_pdbx_audit_revision_item.item 
1  4 'Structure model' '_diffrn_source.type'                      
2  5 'Structure model' '_diffrn_source.pdbx_synchrotron_beamline' 
3  6 'Structure model' '_database_2.pdbx_DOI'                     
4  6 'Structure model' '_database_2.pdbx_database_accession'      
5  6 'Structure model' '_struct_conn.ptnr1_auth_comp_id'          
6  6 'Structure model' '_struct_conn.ptnr1_auth_seq_id'           
7  6 'Structure model' '_struct_conn.ptnr1_label_asym_id'         
8  6 'Structure model' '_struct_conn.ptnr1_label_atom_id'         
9  6 'Structure model' '_struct_conn.ptnr1_label_comp_id'         
10 6 'Structure model' '_struct_conn.ptnr1_label_seq_id'          
11 6 'Structure model' '_struct_conn.ptnr2_auth_comp_id'          
12 6 'Structure model' '_struct_conn.ptnr2_auth_seq_id'           
13 6 'Structure model' '_struct_conn.ptnr2_label_asym_id'         
14 6 'Structure model' '_struct_conn.ptnr2_label_atom_id'         
15 6 'Structure model' '_struct_conn.ptnr2_label_comp_id'         
16 6 'Structure model' '_struct_conn.ptnr2_label_seq_id'          
17 6 'Structure model' '_struct_site.pdbx_auth_asym_id'           
18 6 'Structure model' '_struct_site.pdbx_auth_comp_id'           
19 6 'Structure model' '_struct_site.pdbx_auth_seq_id'            
# 
loop_
_software.name 
_software.classification 
_software.version 
_software.citation_id 
_software.pdbx_ordinal 
AMoRE     phasing          .         ? 1 
SHELXL-97 refinement       .         ? 2 
XDS       'data reduction' .         ? 3 
CCP4      'data scaling'   '(SCALA)' ? 4 
# 
loop_
_pdbx_validate_rmsd_angle.id 
_pdbx_validate_rmsd_angle.PDB_model_num 
_pdbx_validate_rmsd_angle.auth_atom_id_1 
_pdbx_validate_rmsd_angle.auth_asym_id_1 
_pdbx_validate_rmsd_angle.auth_comp_id_1 
_pdbx_validate_rmsd_angle.auth_seq_id_1 
_pdbx_validate_rmsd_angle.PDB_ins_code_1 
_pdbx_validate_rmsd_angle.label_alt_id_1 
_pdbx_validate_rmsd_angle.auth_atom_id_2 
_pdbx_validate_rmsd_angle.auth_asym_id_2 
_pdbx_validate_rmsd_angle.auth_comp_id_2 
_pdbx_validate_rmsd_angle.auth_seq_id_2 
_pdbx_validate_rmsd_angle.PDB_ins_code_2 
_pdbx_validate_rmsd_angle.label_alt_id_2 
_pdbx_validate_rmsd_angle.auth_atom_id_3 
_pdbx_validate_rmsd_angle.auth_asym_id_3 
_pdbx_validate_rmsd_angle.auth_comp_id_3 
_pdbx_validate_rmsd_angle.auth_seq_id_3 
_pdbx_validate_rmsd_angle.PDB_ins_code_3 
_pdbx_validate_rmsd_angle.label_alt_id_3 
_pdbx_validate_rmsd_angle.angle_value 
_pdbx_validate_rmsd_angle.angle_target_value 
_pdbx_validate_rmsd_angle.angle_deviation 
_pdbx_validate_rmsd_angle.angle_standard_deviation 
_pdbx_validate_rmsd_angle.linker_flag 
1 1 OE1 A GLU 17 ? ? CD  A GLU 17 ? ? OE2 A GLU 17 ? ? 131.30 123.30 8.00  1.20 N 
2 1 CB  A ASP 28 ? ? CG  A ASP 28 ? B OD2 A ASP 28 ? B 112.62 118.30 -5.68 0.90 N 
3 1 NE  A ARG 42 ? ? CZ  A ARG 42 ? ? NH2 A ARG 42 ? ? 124.58 120.30 4.28  0.50 N 
4 1 CG  A PHE 65 ? ? CD1 A PHE 65 ? ? CE1 A PHE 65 ? ? 127.83 120.80 7.03  1.10 N 
5 1 CB  A ASP 68 ? ? CG  A ASP 68 ? B OD1 A ASP 68 ? B 124.06 118.30 5.76  0.90 N 
6 1 OE1 A GLU 72 ? A CD  A GLU 72 ? A OE2 A GLU 72 ? A 131.01 123.30 7.71  1.20 N 
7 1 CB  A ASP 96 ? ? CG  A ASP 96 ? ? OD2 A ASP 96 ? ? 112.47 118.30 -5.83 0.90 N 
# 
_pdbx_validate_torsion.id              1 
_pdbx_validate_torsion.PDB_model_num   1 
_pdbx_validate_torsion.auth_comp_id    SER 
_pdbx_validate_torsion.auth_asym_id    A 
_pdbx_validate_torsion.auth_seq_id     40 
_pdbx_validate_torsion.PDB_ins_code    ? 
_pdbx_validate_torsion.label_alt_id    ? 
_pdbx_validate_torsion.phi             -139.95 
_pdbx_validate_torsion.psi             -74.41 
# 
loop_
_chem_comp_atom.comp_id 
_chem_comp_atom.atom_id 
_chem_comp_atom.type_symbol 
_chem_comp_atom.pdbx_aromatic_flag 
_chem_comp_atom.pdbx_stereo_config 
_chem_comp_atom.pdbx_ordinal 
ALA N    N  N N 1   
ALA CA   C  N S 2   
ALA C    C  N N 3   
ALA O    O  N N 4   
ALA CB   C  N N 5   
ALA OXT  O  N N 6   
ALA H    H  N N 7   
ALA H2   H  N N 8   
ALA HA   H  N N 9   
ALA HB1  H  N N 10  
ALA HB2  H  N N 11  
ALA HB3  H  N N 12  
ALA HXT  H  N N 13  
ARG N    N  N N 14  
ARG CA   C  N S 15  
ARG C    C  N N 16  
ARG O    O  N N 17  
ARG CB   C  N N 18  
ARG CG   C  N N 19  
ARG CD   C  N N 20  
ARG NE   N  N N 21  
ARG CZ   C  N N 22  
ARG NH1  N  N N 23  
ARG NH2  N  N N 24  
ARG OXT  O  N N 25  
ARG H    H  N N 26  
ARG H2   H  N N 27  
ARG HA   H  N N 28  
ARG HB2  H  N N 29  
ARG HB3  H  N N 30  
ARG HG2  H  N N 31  
ARG HG3  H  N N 32  
ARG HD2  H  N N 33  
ARG HD3  H  N N 34  
ARG HE   H  N N 35  
ARG HH11 H  N N 36  
ARG HH12 H  N N 37  
ARG HH21 H  N N 38  
ARG HH22 H  N N 39  
ARG HXT  H  N N 40  
ASN N    N  N N 41  
ASN CA   C  N S 42  
ASN C    C  N N 43  
ASN O    O  N N 44  
ASN CB   C  N N 45  
ASN CG   C  N N 46  
ASN OD1  O  N N 47  
ASN ND2  N  N N 48  
ASN OXT  O  N N 49  
ASN H    H  N N 50  
ASN H2   H  N N 51  
ASN HA   H  N N 52  
ASN HB2  H  N N 53  
ASN HB3  H  N N 54  
ASN HD21 H  N N 55  
ASN HD22 H  N N 56  
ASN HXT  H  N N 57  
ASP N    N  N N 58  
ASP CA   C  N S 59  
ASP C    C  N N 60  
ASP O    O  N N 61  
ASP CB   C  N N 62  
ASP CG   C  N N 63  
ASP OD1  O  N N 64  
ASP OD2  O  N N 65  
ASP OXT  O  N N 66  
ASP H    H  N N 67  
ASP H2   H  N N 68  
ASP HA   H  N N 69  
ASP HB2  H  N N 70  
ASP HB3  H  N N 71  
ASP HD2  H  N N 72  
ASP HXT  H  N N 73  
CYS N    N  N N 74  
CYS CA   C  N R 75  
CYS C    C  N N 76  
CYS O    O  N N 77  
CYS CB   C  N N 78  
CYS SG   S  N N 79  
CYS OXT  O  N N 80  
CYS H    H  N N 81  
CYS H2   H  N N 82  
CYS HA   H  N N 83  
CYS HB2  H  N N 84  
CYS HB3  H  N N 85  
CYS HG   H  N N 86  
CYS HXT  H  N N 87  
FES FE1  FE N N 88  
FES FE2  FE N N 89  
FES S1   S  N N 90  
FES S2   S  N N 91  
GLN N    N  N N 92  
GLN CA   C  N S 93  
GLN C    C  N N 94  
GLN O    O  N N 95  
GLN CB   C  N N 96  
GLN CG   C  N N 97  
GLN CD   C  N N 98  
GLN OE1  O  N N 99  
GLN NE2  N  N N 100 
GLN OXT  O  N N 101 
GLN H    H  N N 102 
GLN H2   H  N N 103 
GLN HA   H  N N 104 
GLN HB2  H  N N 105 
GLN HB3  H  N N 106 
GLN HG2  H  N N 107 
GLN HG3  H  N N 108 
GLN HE21 H  N N 109 
GLN HE22 H  N N 110 
GLN HXT  H  N N 111 
GLU N    N  N N 112 
GLU CA   C  N S 113 
GLU C    C  N N 114 
GLU O    O  N N 115 
GLU CB   C  N N 116 
GLU CG   C  N N 117 
GLU CD   C  N N 118 
GLU OE1  O  N N 119 
GLU OE2  O  N N 120 
GLU OXT  O  N N 121 
GLU H    H  N N 122 
GLU H2   H  N N 123 
GLU HA   H  N N 124 
GLU HB2  H  N N 125 
GLU HB3  H  N N 126 
GLU HG2  H  N N 127 
GLU HG3  H  N N 128 
GLU HE2  H  N N 129 
GLU HXT  H  N N 130 
GLY N    N  N N 131 
GLY CA   C  N N 132 
GLY C    C  N N 133 
GLY O    O  N N 134 
GLY OXT  O  N N 135 
GLY H    H  N N 136 
GLY H2   H  N N 137 
GLY HA2  H  N N 138 
GLY HA3  H  N N 139 
GLY HXT  H  N N 140 
HIS N    N  N N 141 
HIS CA   C  N S 142 
HIS C    C  N N 143 
HIS O    O  N N 144 
HIS CB   C  N N 145 
HIS CG   C  Y N 146 
HIS ND1  N  Y N 147 
HIS CD2  C  Y N 148 
HIS CE1  C  Y N 149 
HIS NE2  N  Y N 150 
HIS OXT  O  N N 151 
HIS H    H  N N 152 
HIS H2   H  N N 153 
HIS HA   H  N N 154 
HIS HB2  H  N N 155 
HIS HB3  H  N N 156 
HIS HD1  H  N N 157 
HIS HD2  H  N N 158 
HIS HE1  H  N N 159 
HIS HE2  H  N N 160 
HIS HXT  H  N N 161 
HOH O    O  N N 162 
HOH H1   H  N N 163 
HOH H2   H  N N 164 
ILE N    N  N N 165 
ILE CA   C  N S 166 
ILE C    C  N N 167 
ILE O    O  N N 168 
ILE CB   C  N S 169 
ILE CG1  C  N N 170 
ILE CG2  C  N N 171 
ILE CD1  C  N N 172 
ILE OXT  O  N N 173 
ILE H    H  N N 174 
ILE H2   H  N N 175 
ILE HA   H  N N 176 
ILE HB   H  N N 177 
ILE HG12 H  N N 178 
ILE HG13 H  N N 179 
ILE HG21 H  N N 180 
ILE HG22 H  N N 181 
ILE HG23 H  N N 182 
ILE HD11 H  N N 183 
ILE HD12 H  N N 184 
ILE HD13 H  N N 185 
ILE HXT  H  N N 186 
LEU N    N  N N 187 
LEU CA   C  N S 188 
LEU C    C  N N 189 
LEU O    O  N N 190 
LEU CB   C  N N 191 
LEU CG   C  N N 192 
LEU CD1  C  N N 193 
LEU CD2  C  N N 194 
LEU OXT  O  N N 195 
LEU H    H  N N 196 
LEU H2   H  N N 197 
LEU HA   H  N N 198 
LEU HB2  H  N N 199 
LEU HB3  H  N N 200 
LEU HG   H  N N 201 
LEU HD11 H  N N 202 
LEU HD12 H  N N 203 
LEU HD13 H  N N 204 
LEU HD21 H  N N 205 
LEU HD22 H  N N 206 
LEU HD23 H  N N 207 
LEU HXT  H  N N 208 
LYS N    N  N N 209 
LYS CA   C  N S 210 
LYS C    C  N N 211 
LYS O    O  N N 212 
LYS CB   C  N N 213 
LYS CG   C  N N 214 
LYS CD   C  N N 215 
LYS CE   C  N N 216 
LYS NZ   N  N N 217 
LYS OXT  O  N N 218 
LYS H    H  N N 219 
LYS H2   H  N N 220 
LYS HA   H  N N 221 
LYS HB2  H  N N 222 
LYS HB3  H  N N 223 
LYS HG2  H  N N 224 
LYS HG3  H  N N 225 
LYS HD2  H  N N 226 
LYS HD3  H  N N 227 
LYS HE2  H  N N 228 
LYS HE3  H  N N 229 
LYS HZ1  H  N N 230 
LYS HZ2  H  N N 231 
LYS HZ3  H  N N 232 
LYS HXT  H  N N 233 
PHE N    N  N N 234 
PHE CA   C  N S 235 
PHE C    C  N N 236 
PHE O    O  N N 237 
PHE CB   C  N N 238 
PHE CG   C  Y N 239 
PHE CD1  C  Y N 240 
PHE CD2  C  Y N 241 
PHE CE1  C  Y N 242 
PHE CE2  C  Y N 243 
PHE CZ   C  Y N 244 
PHE OXT  O  N N 245 
PHE H    H  N N 246 
PHE H2   H  N N 247 
PHE HA   H  N N 248 
PHE HB2  H  N N 249 
PHE HB3  H  N N 250 
PHE HD1  H  N N 251 
PHE HD2  H  N N 252 
PHE HE1  H  N N 253 
PHE HE2  H  N N 254 
PHE HZ   H  N N 255 
PHE HXT  H  N N 256 
PRO N    N  N N 257 
PRO CA   C  N S 258 
PRO C    C  N N 259 
PRO O    O  N N 260 
PRO CB   C  N N 261 
PRO CG   C  N N 262 
PRO CD   C  N N 263 
PRO OXT  O  N N 264 
PRO H    H  N N 265 
PRO HA   H  N N 266 
PRO HB2  H  N N 267 
PRO HB3  H  N N 268 
PRO HG2  H  N N 269 
PRO HG3  H  N N 270 
PRO HD2  H  N N 271 
PRO HD3  H  N N 272 
PRO HXT  H  N N 273 
SER N    N  N N 274 
SER CA   C  N S 275 
SER C    C  N N 276 
SER O    O  N N 277 
SER CB   C  N N 278 
SER OG   O  N N 279 
SER OXT  O  N N 280 
SER H    H  N N 281 
SER H2   H  N N 282 
SER HA   H  N N 283 
SER HB2  H  N N 284 
SER HB3  H  N N 285 
SER HG   H  N N 286 
SER HXT  H  N N 287 
THR N    N  N N 288 
THR CA   C  N S 289 
THR C    C  N N 290 
THR O    O  N N 291 
THR CB   C  N R 292 
THR OG1  O  N N 293 
THR CG2  C  N N 294 
THR OXT  O  N N 295 
THR H    H  N N 296 
THR H2   H  N N 297 
THR HA   H  N N 298 
THR HB   H  N N 299 
THR HG1  H  N N 300 
THR HG21 H  N N 301 
THR HG22 H  N N 302 
THR HG23 H  N N 303 
THR HXT  H  N N 304 
TYR N    N  N N 305 
TYR CA   C  N S 306 
TYR C    C  N N 307 
TYR O    O  N N 308 
TYR CB   C  N N 309 
TYR CG   C  Y N 310 
TYR CD1  C  Y N 311 
TYR CD2  C  Y N 312 
TYR CE1  C  Y N 313 
TYR CE2  C  Y N 314 
TYR CZ   C  Y N 315 
TYR OH   O  N N 316 
TYR OXT  O  N N 317 
TYR H    H  N N 318 
TYR H2   H  N N 319 
TYR HA   H  N N 320 
TYR HB2  H  N N 321 
TYR HB3  H  N N 322 
TYR HD1  H  N N 323 
TYR HD2  H  N N 324 
TYR HE1  H  N N 325 
TYR HE2  H  N N 326 
TYR HH   H  N N 327 
TYR HXT  H  N N 328 
VAL N    N  N N 329 
VAL CA   C  N S 330 
VAL C    C  N N 331 
VAL O    O  N N 332 
VAL CB   C  N N 333 
VAL CG1  C  N N 334 
VAL CG2  C  N N 335 
VAL OXT  O  N N 336 
VAL H    H  N N 337 
VAL H2   H  N N 338 
VAL HA   H  N N 339 
VAL HB   H  N N 340 
VAL HG11 H  N N 341 
VAL HG12 H  N N 342 
VAL HG13 H  N N 343 
VAL HG21 H  N N 344 
VAL HG22 H  N N 345 
VAL HG23 H  N N 346 
VAL HXT  H  N N 347 
# 
loop_
_chem_comp_bond.comp_id 
_chem_comp_bond.atom_id_1 
_chem_comp_bond.atom_id_2 
_chem_comp_bond.value_order 
_chem_comp_bond.pdbx_aromatic_flag 
_chem_comp_bond.pdbx_stereo_config 
_chem_comp_bond.pdbx_ordinal 
ALA N   CA   sing N N 1   
ALA N   H    sing N N 2   
ALA N   H2   sing N N 3   
ALA CA  C    sing N N 4   
ALA CA  CB   sing N N 5   
ALA CA  HA   sing N N 6   
ALA C   O    doub N N 7   
ALA C   OXT  sing N N 8   
ALA CB  HB1  sing N N 9   
ALA CB  HB2  sing N N 10  
ALA CB  HB3  sing N N 11  
ALA OXT HXT  sing N N 12  
ARG N   CA   sing N N 13  
ARG N   H    sing N N 14  
ARG N   H2   sing N N 15  
ARG CA  C    sing N N 16  
ARG CA  CB   sing N N 17  
ARG CA  HA   sing N N 18  
ARG C   O    doub N N 19  
ARG C   OXT  sing N N 20  
ARG CB  CG   sing N N 21  
ARG CB  HB2  sing N N 22  
ARG CB  HB3  sing N N 23  
ARG CG  CD   sing N N 24  
ARG CG  HG2  sing N N 25  
ARG CG  HG3  sing N N 26  
ARG CD  NE   sing N N 27  
ARG CD  HD2  sing N N 28  
ARG CD  HD3  sing N N 29  
ARG NE  CZ   sing N N 30  
ARG NE  HE   sing N N 31  
ARG CZ  NH1  sing N N 32  
ARG CZ  NH2  doub N N 33  
ARG NH1 HH11 sing N N 34  
ARG NH1 HH12 sing N N 35  
ARG NH2 HH21 sing N N 36  
ARG NH2 HH22 sing N N 37  
ARG OXT HXT  sing N N 38  
ASN N   CA   sing N N 39  
ASN N   H    sing N N 40  
ASN N   H2   sing N N 41  
ASN CA  C    sing N N 42  
ASN CA  CB   sing N N 43  
ASN CA  HA   sing N N 44  
ASN C   O    doub N N 45  
ASN C   OXT  sing N N 46  
ASN CB  CG   sing N N 47  
ASN CB  HB2  sing N N 48  
ASN CB  HB3  sing N N 49  
ASN CG  OD1  doub N N 50  
ASN CG  ND2  sing N N 51  
ASN ND2 HD21 sing N N 52  
ASN ND2 HD22 sing N N 53  
ASN OXT HXT  sing N N 54  
ASP N   CA   sing N N 55  
ASP N   H    sing N N 56  
ASP N   H2   sing N N 57  
ASP CA  C    sing N N 58  
ASP CA  CB   sing N N 59  
ASP CA  HA   sing N N 60  
ASP C   O    doub N N 61  
ASP C   OXT  sing N N 62  
ASP CB  CG   sing N N 63  
ASP CB  HB2  sing N N 64  
ASP CB  HB3  sing N N 65  
ASP CG  OD1  doub N N 66  
ASP CG  OD2  sing N N 67  
ASP OD2 HD2  sing N N 68  
ASP OXT HXT  sing N N 69  
CYS N   CA   sing N N 70  
CYS N   H    sing N N 71  
CYS N   H2   sing N N 72  
CYS CA  C    sing N N 73  
CYS CA  CB   sing N N 74  
CYS CA  HA   sing N N 75  
CYS C   O    doub N N 76  
CYS C   OXT  sing N N 77  
CYS CB  SG   sing N N 78  
CYS CB  HB2  sing N N 79  
CYS CB  HB3  sing N N 80  
CYS SG  HG   sing N N 81  
CYS OXT HXT  sing N N 82  
FES FE1 S1   sing N N 83  
FES FE1 S2   sing N N 84  
FES FE2 S1   sing N N 85  
FES FE2 S2   sing N N 86  
GLN N   CA   sing N N 87  
GLN N   H    sing N N 88  
GLN N   H2   sing N N 89  
GLN CA  C    sing N N 90  
GLN CA  CB   sing N N 91  
GLN CA  HA   sing N N 92  
GLN C   O    doub N N 93  
GLN C   OXT  sing N N 94  
GLN CB  CG   sing N N 95  
GLN CB  HB2  sing N N 96  
GLN CB  HB3  sing N N 97  
GLN CG  CD   sing N N 98  
GLN CG  HG2  sing N N 99  
GLN CG  HG3  sing N N 100 
GLN CD  OE1  doub N N 101 
GLN CD  NE2  sing N N 102 
GLN NE2 HE21 sing N N 103 
GLN NE2 HE22 sing N N 104 
GLN OXT HXT  sing N N 105 
GLU N   CA   sing N N 106 
GLU N   H    sing N N 107 
GLU N   H2   sing N N 108 
GLU CA  C    sing N N 109 
GLU CA  CB   sing N N 110 
GLU CA  HA   sing N N 111 
GLU C   O    doub N N 112 
GLU C   OXT  sing N N 113 
GLU CB  CG   sing N N 114 
GLU CB  HB2  sing N N 115 
GLU CB  HB3  sing N N 116 
GLU CG  CD   sing N N 117 
GLU CG  HG2  sing N N 118 
GLU CG  HG3  sing N N 119 
GLU CD  OE1  doub N N 120 
GLU CD  OE2  sing N N 121 
GLU OE2 HE2  sing N N 122 
GLU OXT HXT  sing N N 123 
GLY N   CA   sing N N 124 
GLY N   H    sing N N 125 
GLY N   H2   sing N N 126 
GLY CA  C    sing N N 127 
GLY CA  HA2  sing N N 128 
GLY CA  HA3  sing N N 129 
GLY C   O    doub N N 130 
GLY C   OXT  sing N N 131 
GLY OXT HXT  sing N N 132 
HIS N   CA   sing N N 133 
HIS N   H    sing N N 134 
HIS N   H2   sing N N 135 
HIS CA  C    sing N N 136 
HIS CA  CB   sing N N 137 
HIS CA  HA   sing N N 138 
HIS C   O    doub N N 139 
HIS C   OXT  sing N N 140 
HIS CB  CG   sing N N 141 
HIS CB  HB2  sing N N 142 
HIS CB  HB3  sing N N 143 
HIS CG  ND1  sing Y N 144 
HIS CG  CD2  doub Y N 145 
HIS ND1 CE1  doub Y N 146 
HIS ND1 HD1  sing N N 147 
HIS CD2 NE2  sing Y N 148 
HIS CD2 HD2  sing N N 149 
HIS CE1 NE2  sing Y N 150 
HIS CE1 HE1  sing N N 151 
HIS NE2 HE2  sing N N 152 
HIS OXT HXT  sing N N 153 
HOH O   H1   sing N N 154 
HOH O   H2   sing N N 155 
ILE N   CA   sing N N 156 
ILE N   H    sing N N 157 
ILE N   H2   sing N N 158 
ILE CA  C    sing N N 159 
ILE CA  CB   sing N N 160 
ILE CA  HA   sing N N 161 
ILE C   O    doub N N 162 
ILE C   OXT  sing N N 163 
ILE CB  CG1  sing N N 164 
ILE CB  CG2  sing N N 165 
ILE CB  HB   sing N N 166 
ILE CG1 CD1  sing N N 167 
ILE CG1 HG12 sing N N 168 
ILE CG1 HG13 sing N N 169 
ILE CG2 HG21 sing N N 170 
ILE CG2 HG22 sing N N 171 
ILE CG2 HG23 sing N N 172 
ILE CD1 HD11 sing N N 173 
ILE CD1 HD12 sing N N 174 
ILE CD1 HD13 sing N N 175 
ILE OXT HXT  sing N N 176 
LEU N   CA   sing N N 177 
LEU N   H    sing N N 178 
LEU N   H2   sing N N 179 
LEU CA  C    sing N N 180 
LEU CA  CB   sing N N 181 
LEU CA  HA   sing N N 182 
LEU C   O    doub N N 183 
LEU C   OXT  sing N N 184 
LEU CB  CG   sing N N 185 
LEU CB  HB2  sing N N 186 
LEU CB  HB3  sing N N 187 
LEU CG  CD1  sing N N 188 
LEU CG  CD2  sing N N 189 
LEU CG  HG   sing N N 190 
LEU CD1 HD11 sing N N 191 
LEU CD1 HD12 sing N N 192 
LEU CD1 HD13 sing N N 193 
LEU CD2 HD21 sing N N 194 
LEU CD2 HD22 sing N N 195 
LEU CD2 HD23 sing N N 196 
LEU OXT HXT  sing N N 197 
LYS N   CA   sing N N 198 
LYS N   H    sing N N 199 
LYS N   H2   sing N N 200 
LYS CA  C    sing N N 201 
LYS CA  CB   sing N N 202 
LYS CA  HA   sing N N 203 
LYS C   O    doub N N 204 
LYS C   OXT  sing N N 205 
LYS CB  CG   sing N N 206 
LYS CB  HB2  sing N N 207 
LYS CB  HB3  sing N N 208 
LYS CG  CD   sing N N 209 
LYS CG  HG2  sing N N 210 
LYS CG  HG3  sing N N 211 
LYS CD  CE   sing N N 212 
LYS CD  HD2  sing N N 213 
LYS CD  HD3  sing N N 214 
LYS CE  NZ   sing N N 215 
LYS CE  HE2  sing N N 216 
LYS CE  HE3  sing N N 217 
LYS NZ  HZ1  sing N N 218 
LYS NZ  HZ2  sing N N 219 
LYS NZ  HZ3  sing N N 220 
LYS OXT HXT  sing N N 221 
PHE N   CA   sing N N 222 
PHE N   H    sing N N 223 
PHE N   H2   sing N N 224 
PHE CA  C    sing N N 225 
PHE CA  CB   sing N N 226 
PHE CA  HA   sing N N 227 
PHE C   O    doub N N 228 
PHE C   OXT  sing N N 229 
PHE CB  CG   sing N N 230 
PHE CB  HB2  sing N N 231 
PHE CB  HB3  sing N N 232 
PHE CG  CD1  doub Y N 233 
PHE CG  CD2  sing Y N 234 
PHE CD1 CE1  sing Y N 235 
PHE CD1 HD1  sing N N 236 
PHE CD2 CE2  doub Y N 237 
PHE CD2 HD2  sing N N 238 
PHE CE1 CZ   doub Y N 239 
PHE CE1 HE1  sing N N 240 
PHE CE2 CZ   sing Y N 241 
PHE CE2 HE2  sing N N 242 
PHE CZ  HZ   sing N N 243 
PHE OXT HXT  sing N N 244 
PRO N   CA   sing N N 245 
PRO N   CD   sing N N 246 
PRO N   H    sing N N 247 
PRO CA  C    sing N N 248 
PRO CA  CB   sing N N 249 
PRO CA  HA   sing N N 250 
PRO C   O    doub N N 251 
PRO C   OXT  sing N N 252 
PRO CB  CG   sing N N 253 
PRO CB  HB2  sing N N 254 
PRO CB  HB3  sing N N 255 
PRO CG  CD   sing N N 256 
PRO CG  HG2  sing N N 257 
PRO CG  HG3  sing N N 258 
PRO CD  HD2  sing N N 259 
PRO CD  HD3  sing N N 260 
PRO OXT HXT  sing N N 261 
SER N   CA   sing N N 262 
SER N   H    sing N N 263 
SER N   H2   sing N N 264 
SER CA  C    sing N N 265 
SER CA  CB   sing N N 266 
SER CA  HA   sing N N 267 
SER C   O    doub N N 268 
SER C   OXT  sing N N 269 
SER CB  OG   sing N N 270 
SER CB  HB2  sing N N 271 
SER CB  HB3  sing N N 272 
SER OG  HG   sing N N 273 
SER OXT HXT  sing N N 274 
THR N   CA   sing N N 275 
THR N   H    sing N N 276 
THR N   H2   sing N N 277 
THR CA  C    sing N N 278 
THR CA  CB   sing N N 279 
THR CA  HA   sing N N 280 
THR C   O    doub N N 281 
THR C   OXT  sing N N 282 
THR CB  OG1  sing N N 283 
THR CB  CG2  sing N N 284 
THR CB  HB   sing N N 285 
THR OG1 HG1  sing N N 286 
THR CG2 HG21 sing N N 287 
THR CG2 HG22 sing N N 288 
THR CG2 HG23 sing N N 289 
THR OXT HXT  sing N N 290 
TYR N   CA   sing N N 291 
TYR N   H    sing N N 292 
TYR N   H2   sing N N 293 
TYR CA  C    sing N N 294 
TYR CA  CB   sing N N 295 
TYR CA  HA   sing N N 296 
TYR C   O    doub N N 297 
TYR C   OXT  sing N N 298 
TYR CB  CG   sing N N 299 
TYR CB  HB2  sing N N 300 
TYR CB  HB3  sing N N 301 
TYR CG  CD1  doub Y N 302 
TYR CG  CD2  sing Y N 303 
TYR CD1 CE1  sing Y N 304 
TYR CD1 HD1  sing N N 305 
TYR CD2 CE2  doub Y N 306 
TYR CD2 HD2  sing N N 307 
TYR CE1 CZ   doub Y N 308 
TYR CE1 HE1  sing N N 309 
TYR CE2 CZ   sing Y N 310 
TYR CE2 HE2  sing N N 311 
TYR CZ  OH   sing N N 312 
TYR OH  HH   sing N N 313 
TYR OXT HXT  sing N N 314 
VAL N   CA   sing N N 315 
VAL N   H    sing N N 316 
VAL N   H2   sing N N 317 
VAL CA  C    sing N N 318 
VAL CA  CB   sing N N 319 
VAL CA  HA   sing N N 320 
VAL C   O    doub N N 321 
VAL C   OXT  sing N N 322 
VAL CB  CG1  sing N N 323 
VAL CB  CG2  sing N N 324 
VAL CB  HB   sing N N 325 
VAL CG1 HG11 sing N N 326 
VAL CG1 HG12 sing N N 327 
VAL CG1 HG13 sing N N 328 
VAL CG2 HG21 sing N N 329 
VAL CG2 HG22 sing N N 330 
VAL CG2 HG23 sing N N 331 
VAL OXT HXT  sing N N 332 
# 
loop_
_pdbx_entity_nonpoly.entity_id 
_pdbx_entity_nonpoly.name 
_pdbx_entity_nonpoly.comp_id 
2 'FE2/S2 (INORGANIC) CLUSTER' FES 
3 water                        HOH 
# 
_pdbx_initial_refinement_model.id               1 
_pdbx_initial_refinement_model.entity_id_list   ? 
_pdbx_initial_refinement_model.type             'experimental model' 
_pdbx_initial_refinement_model.source_name      PDB 
_pdbx_initial_refinement_model.accession_code   1FXA 
_pdbx_initial_refinement_model.details          'PDB ENTRY 1FXA' 
# 
